data_5HXY
#
_entry.id   5HXY
#
_cell.length_a   182.860
_cell.length_b   105.968
_cell.length_c   115.586
_cell.angle_alpha   90.00
_cell.angle_beta   110.01
_cell.angle_gamma   90.00
#
_symmetry.space_group_name_H-M   'C 1 2 1'
#
loop_
_entity.id
_entity.type
_entity.pdbx_description
1 polymer 'Tyrosine recombinase XerA'
2 non-polymer 'PHOSPHATE ION'
3 water water
#
_entity_poly.entity_id   1
_entity_poly.type   'polypeptide(L)'
_entity_poly.pdbx_seq_one_letter_code
;(MSE)GSSHHHHHHSSGLVPRGSH(MSE)AS(MSE)TGGQQ(MSE)GRGS(MSE)PAETNEYLSRFVEY(MSE)TGERKS
RYTIKEYRFLVDQFLSF(MSE)NKKPDEITP(MSE)DIERYKNFLAVKKRYSKTSQYLAIKAVKLFYKALDLRVPINLTP
PKRPSH(MSE)PVYLSEDEAKRLIEAASSDTR(MSE)YAIVSVLAYTGVRVGELCNLKISDVDLQESIINVRSGKGDKDR
IVI(MSE)AEECVKALGSYLDLRLS(MSE)DTDNDYLFVSNRRVRFDTSTIER(MSE)IRDLGKKAGIQKKVTPHVLRHT
FATSVLRNGGDIRFIQQILGHASVATTQIYTHLNDSALRE(MSE)YTQHRPRY
;
_entity_poly.pdbx_strand_id   A,B,C,D,E,F
#
# COMPACT_ATOMS: atom_id res chain seq x y z
N GLU A 38 -21.16 -9.92 59.99
CA GLU A 38 -20.89 -11.15 59.17
C GLU A 38 -19.81 -10.82 58.10
N THR A 39 -20.29 -10.38 56.93
CA THR A 39 -19.45 -9.79 55.91
C THR A 39 -18.96 -8.44 56.47
N ASN A 40 -19.76 -7.83 57.32
CA ASN A 40 -19.33 -6.66 58.07
C ASN A 40 -18.13 -6.98 58.91
N GLU A 41 -18.16 -8.12 59.56
CA GLU A 41 -17.01 -8.48 60.36
C GLU A 41 -15.78 -8.70 59.48
N TYR A 42 -15.93 -9.29 58.31
CA TYR A 42 -14.77 -9.36 57.40
C TYR A 42 -14.27 -7.95 56.97
N LEU A 43 -15.18 -7.08 56.52
CA LEU A 43 -14.81 -5.68 56.18
C LEU A 43 -14.18 -4.95 57.36
N SER A 44 -14.64 -5.24 58.56
CA SER A 44 -14.19 -4.51 59.72
C SER A 44 -12.76 -4.86 60.05
N ARG A 45 -12.40 -6.12 59.90
CA ARG A 45 -11.01 -6.50 60.12
C ARG A 45 -10.17 -5.98 58.96
N PHE A 46 -10.75 -5.97 57.76
CA PHE A 46 -10.05 -5.43 56.62
C PHE A 46 -9.64 -3.98 56.90
N VAL A 47 -10.58 -3.17 57.38
CA VAL A 47 -10.29 -1.75 57.73
C VAL A 47 -9.23 -1.60 58.86
N GLU A 48 -9.44 -2.39 59.91
CA GLU A 48 -8.53 -2.38 61.02
C GLU A 48 -7.11 -2.68 60.50
N TYR A 49 -6.99 -3.63 59.57
CA TYR A 49 -5.67 -3.96 59.00
C TYR A 49 -5.10 -2.82 58.18
N THR A 51 -5.94 0.22 58.55
CA THR A 51 -5.63 1.32 59.50
C THR A 51 -4.21 1.10 60.05
N GLY A 52 -3.97 -0.09 60.61
CA GLY A 52 -2.63 -0.57 61.03
C GLY A 52 -1.50 -0.33 60.02
N GLU A 53 -1.77 -0.55 58.74
CA GLU A 53 -0.74 -0.39 57.68
C GLU A 53 -0.54 1.11 57.28
N ARG A 54 -1.32 2.00 57.90
CA ARG A 54 -1.17 3.45 57.75
C ARG A 54 -1.67 4.03 56.41
N LYS A 55 -2.80 3.53 55.89
CA LYS A 55 -3.33 4.05 54.62
C LYS A 55 -4.20 5.24 54.91
N SER A 56 -4.48 6.04 53.88
CA SER A 56 -5.40 7.15 54.05
C SER A 56 -6.85 6.67 54.20
N ARG A 57 -7.67 7.49 54.85
CA ARG A 57 -9.11 7.31 54.88
C ARG A 57 -9.61 7.11 53.46
N TYR A 58 -9.14 7.95 52.55
CA TYR A 58 -9.53 7.88 51.13
C TYR A 58 -9.29 6.49 50.57
N THR A 59 -8.11 5.94 50.80
CA THR A 59 -7.77 4.65 50.19
C THR A 59 -8.64 3.56 50.77
N ILE A 60 -8.69 3.48 52.09
CA ILE A 60 -9.53 2.53 52.80
C ILE A 60 -10.95 2.52 52.24
N LYS A 61 -11.52 3.70 52.10
CA LYS A 61 -12.94 3.82 51.67
C LYS A 61 -13.11 3.17 50.32
N GLU A 62 -12.16 3.40 49.43
CA GLU A 62 -12.14 2.73 48.12
C GLU A 62 -11.95 1.20 48.22
N TYR A 63 -10.94 0.78 48.98
CA TYR A 63 -10.60 -0.60 49.02
C TYR A 63 -11.79 -1.32 49.56
N ARG A 64 -12.32 -0.80 50.67
CA ARG A 64 -13.51 -1.33 51.28
C ARG A 64 -14.61 -1.42 50.26
N PHE A 65 -14.89 -0.34 49.55
CA PHE A 65 -16.07 -0.40 48.66
C PHE A 65 -15.93 -1.53 47.62
N LEU A 66 -14.71 -1.68 47.12
CA LEU A 66 -14.40 -2.65 46.08
C LEU A 66 -14.50 -4.10 46.53
N VAL A 67 -14.08 -4.33 47.79
CA VAL A 67 -14.12 -5.66 48.36
C VAL A 67 -15.54 -6.03 48.71
N ASP A 68 -16.31 -5.06 49.18
CA ASP A 68 -17.72 -5.24 49.43
C ASP A 68 -18.42 -5.76 48.16
N GLN A 69 -18.19 -5.10 47.01
CA GLN A 69 -18.77 -5.61 45.75
C GLN A 69 -18.26 -6.99 45.35
N PHE A 70 -17.02 -7.30 45.69
CA PHE A 70 -16.50 -8.67 45.53
C PHE A 70 -17.31 -9.73 46.32
N LEU A 71 -17.43 -9.54 47.64
CA LEU A 71 -18.28 -10.40 48.48
C LEU A 71 -19.70 -10.44 47.98
N SER A 72 -20.28 -9.27 47.73
CA SER A 72 -21.64 -9.23 47.26
C SER A 72 -21.84 -10.11 46.03
N PHE A 73 -20.85 -10.08 45.13
CA PHE A 73 -20.95 -10.84 43.89
C PHE A 73 -20.67 -12.33 44.14
N ASN A 75 -20.98 -13.99 47.16
CA ASN A 75 -22.06 -14.43 48.00
C ASN A 75 -21.71 -15.75 48.63
N LYS A 76 -20.51 -15.79 49.17
CA LYS A 76 -20.05 -16.98 49.84
C LYS A 76 -18.81 -16.66 50.64
N LYS A 77 -18.40 -17.56 51.51
CA LYS A 77 -17.33 -17.22 52.43
C LYS A 77 -16.04 -17.21 51.63
N PRO A 78 -15.15 -16.24 51.92
CA PRO A 78 -13.87 -16.07 51.29
C PRO A 78 -13.05 -17.35 51.15
N ASP A 79 -12.97 -18.14 52.23
CA ASP A 79 -12.19 -19.39 52.20
C ASP A 79 -12.82 -20.39 51.20
N GLU A 80 -14.10 -20.23 50.91
CA GLU A 80 -14.80 -21.12 49.99
C GLU A 80 -14.70 -20.74 48.50
N ILE A 81 -14.00 -19.66 48.19
CA ILE A 81 -13.93 -19.14 46.82
C ILE A 81 -12.95 -19.93 45.94
N THR A 82 -13.47 -20.42 44.80
CA THR A 82 -12.76 -21.32 43.89
C THR A 82 -12.16 -20.61 42.70
N PRO A 83 -11.28 -21.29 41.98
CA PRO A 83 -10.71 -20.58 40.82
C PRO A 83 -11.75 -20.10 39.80
N ASP A 85 -14.80 -19.33 40.42
CA ASP A 85 -15.41 -18.18 41.02
C ASP A 85 -14.62 -16.95 40.61
N ILE A 86 -13.30 -17.03 40.75
CA ILE A 86 -12.48 -15.89 40.44
C ILE A 86 -12.68 -15.48 38.96
N GLU A 87 -12.78 -16.46 38.07
CA GLU A 87 -12.88 -16.16 36.67
C GLU A 87 -14.24 -15.55 36.37
N ARG A 88 -15.23 -15.89 37.19
CA ARG A 88 -16.54 -15.28 37.04
C ARG A 88 -16.50 -13.82 37.52
N TYR A 89 -15.74 -13.56 38.56
CA TYR A 89 -15.64 -12.22 39.09
C TYR A 89 -14.85 -11.26 38.16
N LYS A 90 -13.81 -11.78 37.51
CA LYS A 90 -13.04 -10.97 36.58
C LYS A 90 -13.88 -10.59 35.38
N ASN A 91 -14.74 -11.51 34.97
CA ASN A 91 -15.62 -11.29 33.82
C ASN A 91 -16.71 -10.34 34.22
N PHE A 92 -17.10 -10.43 35.48
CA PHE A 92 -18.00 -9.48 36.05
C PHE A 92 -17.41 -8.04 35.98
N LEU A 93 -16.15 -7.90 36.35
CA LEU A 93 -15.55 -6.58 36.35
C LEU A 93 -15.46 -6.06 34.95
N ALA A 94 -14.81 -6.85 34.09
CA ALA A 94 -14.50 -6.44 32.72
C ALA A 94 -15.71 -6.31 31.82
N VAL A 95 -16.67 -7.22 31.94
CA VAL A 95 -17.81 -7.22 31.01
C VAL A 95 -18.99 -6.51 31.60
N LYS A 96 -19.54 -7.03 32.70
CA LYS A 96 -20.76 -6.46 33.26
C LYS A 96 -20.58 -5.04 33.80
N LYS A 97 -19.49 -4.77 34.48
CA LYS A 97 -19.29 -3.44 35.06
C LYS A 97 -18.49 -2.51 34.14
N ARG A 98 -17.97 -3.06 33.05
CA ARG A 98 -17.10 -2.37 32.03
C ARG A 98 -15.91 -1.56 32.55
N TYR A 99 -15.27 -2.08 33.57
CA TYR A 99 -14.12 -1.44 34.17
C TYR A 99 -12.98 -1.34 33.18
N SER A 100 -12.23 -0.26 33.29
CA SER A 100 -10.99 -0.16 32.60
C SER A 100 -10.01 -1.17 33.25
N LYS A 101 -8.83 -1.31 32.64
CA LYS A 101 -7.80 -2.17 33.18
C LYS A 101 -7.30 -1.65 34.50
N THR A 102 -7.09 -0.34 34.58
CA THR A 102 -6.68 0.35 35.78
C THR A 102 -7.67 0.01 36.92
N SER A 103 -8.96 0.09 36.62
CA SER A 103 -9.97 -0.23 37.62
C SER A 103 -9.96 -1.73 37.91
N GLN A 104 -9.85 -2.57 36.91
CA GLN A 104 -9.76 -3.98 37.14
C GLN A 104 -8.60 -4.31 38.12
N TYR A 105 -7.45 -3.70 37.86
CA TYR A 105 -6.28 -3.92 38.68
C TYR A 105 -6.45 -3.41 40.09
N LEU A 106 -7.13 -2.29 40.25
CA LEU A 106 -7.32 -1.73 41.58
C LEU A 106 -8.19 -2.68 42.44
N ALA A 107 -9.28 -3.18 41.86
CA ALA A 107 -10.15 -4.14 42.52
C ALA A 107 -9.40 -5.37 42.93
N ILE A 108 -8.60 -5.89 42.01
CA ILE A 108 -7.86 -7.13 42.21
C ILE A 108 -6.87 -6.96 43.33
N LYS A 109 -6.26 -5.79 43.38
CA LYS A 109 -5.30 -5.41 44.43
C LYS A 109 -5.99 -5.26 45.76
N ALA A 110 -7.19 -4.72 45.73
CA ALA A 110 -7.98 -4.61 46.95
C ALA A 110 -8.35 -5.98 47.56
N VAL A 111 -8.76 -6.91 46.71
CA VAL A 111 -9.21 -8.23 47.13
C VAL A 111 -8.03 -9.04 47.67
N LYS A 112 -6.88 -8.88 47.02
CA LYS A 112 -5.66 -9.56 47.47
C LYS A 112 -5.29 -9.08 48.85
N LEU A 113 -5.21 -7.76 49.00
CA LEU A 113 -4.95 -7.22 50.30
C LEU A 113 -5.96 -7.73 51.31
N PHE A 114 -7.17 -8.01 50.86
CA PHE A 114 -8.20 -8.39 51.78
C PHE A 114 -7.86 -9.83 52.18
N TYR A 115 -7.44 -10.64 51.24
CA TYR A 115 -7.07 -11.96 51.57
C TYR A 115 -5.89 -11.96 52.55
N LYS A 116 -4.92 -11.10 52.30
CA LYS A 116 -3.78 -10.97 53.18
C LYS A 116 -4.24 -10.55 54.57
N ALA A 117 -5.15 -9.59 54.65
CA ALA A 117 -5.66 -9.17 55.93
C ALA A 117 -6.30 -10.33 56.72
N LEU A 118 -6.94 -11.26 56.06
CA LEU A 118 -7.69 -12.25 56.78
C LEU A 118 -6.81 -13.43 57.10
N ASP A 119 -5.52 -13.32 56.84
CA ASP A 119 -4.62 -14.47 56.96
C ASP A 119 -5.20 -15.63 56.20
N LEU A 120 -5.86 -15.33 55.08
CA LEU A 120 -6.36 -16.39 54.24
C LEU A 120 -5.43 -16.50 53.05
N ARG A 121 -5.55 -17.62 52.37
CA ARG A 121 -4.84 -17.84 51.15
C ARG A 121 -5.40 -17.00 50.01
N VAL A 122 -4.53 -16.27 49.33
CA VAL A 122 -4.94 -15.53 48.14
C VAL A 122 -5.23 -16.46 46.96
N PRO A 123 -6.48 -16.44 46.47
CA PRO A 123 -6.76 -17.28 45.30
C PRO A 123 -5.69 -17.04 44.25
N ILE A 124 -5.02 -18.10 43.83
CA ILE A 124 -3.95 -17.99 42.85
C ILE A 124 -4.43 -17.36 41.55
N ASN A 125 -5.72 -17.42 41.29
CA ASN A 125 -6.25 -16.90 40.03
C ASN A 125 -6.34 -15.39 39.93
N LEU A 126 -6.16 -14.71 41.06
CA LEU A 126 -6.21 -13.27 41.06
C LEU A 126 -4.97 -12.65 40.42
N THR A 127 -3.82 -13.26 40.65
CA THR A 127 -2.54 -12.70 40.30
C THR A 127 -2.06 -12.99 38.85
N PRO A 128 -2.73 -13.93 38.16
CA PRO A 128 -2.25 -15.18 37.48
C PRO A 128 -1.01 -15.17 36.55
N PRO A 129 -0.64 -16.36 36.00
CA PRO A 129 0.59 -16.47 35.18
C PRO A 129 0.57 -15.49 34.01
N LYS A 130 1.66 -14.76 33.84
CA LYS A 130 1.68 -13.47 33.16
C LYS A 130 2.05 -13.52 31.66
N ARG A 131 1.58 -12.52 30.91
CA ARG A 131 2.11 -12.17 29.58
C ARG A 131 3.63 -12.47 29.54
N PRO A 132 4.15 -13.05 28.44
CA PRO A 132 5.51 -13.63 28.46
C PRO A 132 6.61 -12.76 29.11
N SER A 133 7.43 -13.39 29.95
CA SER A 133 8.63 -12.78 30.56
C SER A 133 9.65 -12.28 29.50
N HIS A 134 10.66 -11.54 29.97
CA HIS A 134 11.68 -10.88 29.13
C HIS A 134 11.78 -11.36 27.68
N PRO A 136 13.87 -8.59 24.80
CA PRO A 136 14.35 -7.23 25.04
C PRO A 136 13.38 -6.15 24.58
N VAL A 137 13.56 -4.99 25.18
CA VAL A 137 12.58 -3.92 25.16
C VAL A 137 13.22 -2.75 24.42
N TYR A 138 12.39 -1.98 23.71
CA TYR A 138 12.87 -0.88 22.92
C TYR A 138 11.94 0.31 23.10
N LEU A 139 12.22 1.41 22.41
CA LEU A 139 11.52 2.66 22.58
C LEU A 139 10.27 2.76 21.73
N SER A 140 9.29 3.50 22.28
CA SER A 140 8.13 3.93 21.52
C SER A 140 8.57 5.00 20.53
N GLU A 141 7.88 5.06 19.41
CA GLU A 141 8.10 6.14 18.43
C GLU A 141 8.11 7.52 19.16
N ASP A 142 7.18 7.72 20.09
CA ASP A 142 7.19 8.91 20.94
C ASP A 142 8.48 9.05 21.82
N GLU A 143 8.96 7.95 22.43
CA GLU A 143 10.23 7.97 23.24
C GLU A 143 11.46 8.36 22.40
N ALA A 144 11.51 7.86 21.19
CA ALA A 144 12.53 8.26 20.23
C ALA A 144 12.53 9.80 20.04
N LYS A 145 11.36 10.36 19.73
CA LYS A 145 11.24 11.81 19.57
C LYS A 145 11.78 12.51 20.79
N ARG A 146 11.35 12.08 21.97
CA ARG A 146 11.86 12.66 23.19
C ARG A 146 13.35 12.48 23.40
N LEU A 147 13.89 11.40 22.88
CA LEU A 147 15.33 11.07 23.06
C LEU A 147 16.19 12.02 22.21
N ILE A 148 15.80 12.11 20.96
CA ILE A 148 16.37 13.05 20.04
C ILE A 148 16.24 14.46 20.56
N GLU A 149 15.01 14.92 20.74
CA GLU A 149 14.78 16.31 21.13
C GLU A 149 15.55 16.71 22.38
N ALA A 150 15.62 15.84 23.36
CA ALA A 150 16.43 16.16 24.54
C ALA A 150 17.82 16.63 24.17
N ALA A 151 18.28 16.36 22.95
CA ALA A 151 19.66 16.61 22.53
C ALA A 151 19.84 17.81 21.57
N SER A 152 18.75 18.49 21.20
CA SER A 152 18.79 19.65 20.32
C SER A 152 19.60 20.81 20.89
N SER A 153 19.77 20.87 22.20
CA SER A 153 20.64 21.89 22.81
C SER A 153 22.10 21.79 22.36
N ASP A 154 22.49 20.63 21.83
CA ASP A 154 23.90 20.23 21.70
C ASP A 154 24.11 19.68 20.30
N THR A 155 24.72 20.48 19.43
CA THR A 155 24.74 20.19 18.00
C THR A 155 25.39 18.82 17.77
N ARG A 156 26.51 18.56 18.44
CA ARG A 156 27.21 17.29 18.38
C ARG A 156 26.37 16.15 18.90
N TYR A 158 23.25 15.99 19.15
CA TYR A 158 22.07 15.93 18.31
C TYR A 158 22.41 15.21 17.02
N ALA A 159 23.56 15.50 16.49
CA ALA A 159 23.92 14.85 15.27
C ALA A 159 24.25 13.38 15.59
N ILE A 160 24.92 13.13 16.72
CA ILE A 160 25.23 11.76 17.11
C ILE A 160 23.97 10.92 17.21
N VAL A 161 23.00 11.40 17.98
CA VAL A 161 21.77 10.67 18.24
C VAL A 161 21.00 10.43 16.98
N SER A 162 21.09 11.36 16.07
CA SER A 162 20.28 11.29 14.90
C SER A 162 20.83 10.19 14.00
N VAL A 163 22.13 10.12 13.89
CA VAL A 163 22.73 9.10 13.08
C VAL A 163 22.38 7.69 13.61
N LEU A 164 22.49 7.48 14.92
CA LEU A 164 22.19 6.14 15.41
C LEU A 164 20.70 5.83 15.20
N ALA A 165 19.84 6.82 15.43
CA ALA A 165 18.42 6.58 15.41
C ALA A 165 17.91 6.41 14.02
N TYR A 166 18.54 7.10 13.06
CA TYR A 166 18.05 7.10 11.69
C TYR A 166 18.74 6.12 10.76
N THR A 167 19.99 5.70 11.07
CA THR A 167 20.80 4.84 10.13
C THR A 167 21.00 3.42 10.58
N GLY A 168 20.93 3.17 11.89
CA GLY A 168 21.00 1.80 12.39
C GLY A 168 22.41 1.30 12.62
N VAL A 169 23.38 2.18 12.44
CA VAL A 169 24.80 1.84 12.65
C VAL A 169 25.14 1.51 14.09
N ARG A 170 26.26 0.83 14.25
CA ARG A 170 26.77 0.46 15.56
C ARG A 170 27.66 1.56 16.08
N VAL A 171 27.63 1.72 17.39
CA VAL A 171 28.63 2.50 18.10
C VAL A 171 29.90 1.83 17.63
N GLY A 172 30.93 2.58 17.32
CA GLY A 172 32.10 1.87 16.84
C GLY A 172 32.16 2.16 15.39
N GLU A 173 31.10 1.83 14.68
CA GLU A 173 31.02 2.19 13.29
C GLU A 173 30.90 3.71 13.24
N LEU A 174 30.07 4.27 14.11
CA LEU A 174 29.94 5.72 14.26
C LEU A 174 31.26 6.39 14.68
N CYS A 175 31.98 5.76 15.59
CA CYS A 175 33.24 6.31 16.10
C CYS A 175 34.28 6.40 14.98
N ASN A 176 34.32 5.40 14.13
CA ASN A 176 35.27 5.33 13.03
C ASN A 176 34.81 5.92 11.72
N LEU A 177 33.59 6.48 11.67
CA LEU A 177 33.20 7.30 10.54
C LEU A 177 34.24 8.41 10.26
N LYS A 178 34.58 8.56 8.99
CA LYS A 178 35.41 9.66 8.51
C LYS A 178 34.55 10.75 7.91
N ILE A 179 34.98 12.00 8.02
CA ILE A 179 34.21 13.10 7.45
C ILE A 179 33.85 12.77 5.99
N SER A 180 34.83 12.27 5.23
CA SER A 180 34.61 11.93 3.83
C SER A 180 33.63 10.76 3.58
N ASP A 181 33.21 10.05 4.63
CA ASP A 181 32.22 9.00 4.46
C ASP A 181 30.82 9.52 4.35
N VAL A 182 30.61 10.78 4.73
CA VAL A 182 29.30 11.39 4.71
C VAL A 182 29.06 12.00 3.35
N ASP A 183 27.88 11.78 2.81
CA ASP A 183 27.51 12.50 1.62
C ASP A 183 26.12 13.03 1.81
N LEU A 184 26.06 14.27 2.30
CA LEU A 184 24.80 14.94 2.66
C LEU A 184 23.85 15.00 1.48
N GLN A 185 24.36 15.45 0.35
CA GLN A 185 23.53 15.72 -0.79
C GLN A 185 22.85 14.45 -1.31
N GLU A 186 23.51 13.31 -1.17
CA GLU A 186 22.93 12.03 -1.56
C GLU A 186 22.31 11.29 -0.37
N SER A 187 22.29 11.91 0.82
CA SER A 187 21.70 11.29 2.01
C SER A 187 22.25 9.90 2.28
N ILE A 188 23.57 9.77 2.22
CA ILE A 188 24.25 8.47 2.37
C ILE A 188 25.48 8.61 3.22
N ILE A 189 25.72 7.60 4.04
CA ILE A 189 26.98 7.46 4.73
C ILE A 189 27.59 6.17 4.24
N ASN A 190 28.89 6.21 3.99
CA ASN A 190 29.64 5.02 3.62
C ASN A 190 30.29 4.46 4.87
N VAL A 191 30.01 3.20 5.15
CA VAL A 191 30.45 2.59 6.39
C VAL A 191 31.45 1.53 6.08
N ARG A 192 32.73 1.81 6.31
CA ARG A 192 33.84 0.89 6.01
C ARG A 192 34.59 0.30 7.22
N SER A 193 35.26 -0.82 7.01
CA SER A 193 35.73 -1.59 8.14
C SER A 193 37.10 -1.63 8.78
N GLY A 194 37.05 -1.63 10.11
CA GLY A 194 38.11 -2.12 11.01
C GLY A 194 37.64 -3.30 11.88
N LYS A 195 37.48 -4.53 11.34
CA LYS A 195 37.67 -4.90 9.90
C LYS A 195 37.29 -6.35 9.64
N GLY A 196 37.42 -6.74 8.39
CA GLY A 196 36.87 -7.95 7.84
C GLY A 196 36.32 -7.57 6.49
N ASP A 197 36.17 -6.26 6.26
CA ASP A 197 35.49 -5.66 5.09
C ASP A 197 33.98 -5.98 5.11
N LYS A 198 33.28 -5.54 6.15
CA LYS A 198 31.82 -5.70 6.28
C LYS A 198 31.08 -4.41 5.86
N ASP A 199 31.52 -3.94 4.72
CA ASP A 199 31.31 -2.61 4.24
C ASP A 199 29.91 -2.42 3.69
N ARG A 200 29.32 -1.25 3.90
CA ARG A 200 28.02 -0.97 3.31
C ARG A 200 27.74 0.50 3.38
N ILE A 201 26.71 0.93 2.70
CA ILE A 201 26.21 2.28 2.95
C ILE A 201 24.98 2.18 3.80
N VAL A 202 24.73 3.27 4.55
CA VAL A 202 23.46 3.49 5.25
C VAL A 202 22.82 4.76 4.67
N ILE A 203 21.53 4.94 4.90
CA ILE A 203 20.74 5.99 4.30
C ILE A 203 20.23 6.78 5.49
N ALA A 205 17.58 9.82 7.03
CA ALA A 205 16.33 10.57 6.79
C ALA A 205 16.63 12.05 6.70
N GLU A 206 15.71 12.80 6.14
CA GLU A 206 15.87 14.24 6.00
C GLU A 206 16.35 14.90 7.29
N GLU A 207 15.75 14.53 8.42
CA GLU A 207 16.01 15.23 9.67
C GLU A 207 17.41 14.94 10.18
N CYS A 208 17.88 13.75 9.87
CA CYS A 208 19.24 13.37 10.13
C CYS A 208 20.22 14.06 9.17
N VAL A 209 19.84 14.25 7.92
CA VAL A 209 20.69 15.02 7.06
C VAL A 209 20.88 16.45 7.61
N LYS A 210 19.85 17.04 8.21
CA LYS A 210 19.96 18.43 8.73
C LYS A 210 20.80 18.49 9.99
N ALA A 211 20.58 17.50 10.85
CA ALA A 211 21.33 17.35 12.10
C ALA A 211 22.85 17.27 11.88
N LEU A 212 23.27 16.33 11.07
CA LEU A 212 24.68 16.18 10.80
C LEU A 212 25.19 17.45 10.17
N GLY A 213 24.38 17.99 9.25
CA GLY A 213 24.71 19.18 8.50
C GLY A 213 25.15 20.35 9.33
N SER A 214 24.43 20.59 10.43
CA SER A 214 24.80 21.60 11.40
C SER A 214 26.02 21.23 12.17
N TYR A 215 26.25 19.94 12.35
CA TYR A 215 27.45 19.54 13.07
C TYR A 215 28.69 19.70 12.19
N LEU A 216 28.58 19.32 10.94
CA LEU A 216 29.68 19.42 10.02
C LEU A 216 30.08 20.85 9.81
N ASP A 217 29.16 21.77 10.00
CA ASP A 217 29.54 23.14 9.86
C ASP A 217 30.58 23.44 10.92
N LEU A 218 30.33 23.03 12.16
CA LEU A 218 31.28 23.27 13.22
C LEU A 218 32.55 22.48 12.96
N ARG A 219 32.37 21.17 12.75
CA ARG A 219 33.47 20.22 12.64
C ARG A 219 34.50 20.69 11.68
N LEU A 220 34.02 21.30 10.61
CA LEU A 220 34.87 21.72 9.52
C LEU A 220 35.77 22.86 9.94
N SER A 221 35.33 23.69 10.87
CA SER A 221 36.19 24.80 11.30
C SER A 221 37.20 24.38 12.37
N ASP A 223 40.43 22.73 14.14
CA ASP A 223 41.84 22.47 13.78
C ASP A 223 42.28 21.21 14.47
N THR A 224 41.85 20.10 13.91
CA THR A 224 42.07 18.79 14.46
C THR A 224 43.23 18.15 13.72
N ASP A 225 43.90 17.21 14.38
CA ASP A 225 44.95 16.38 13.75
C ASP A 225 44.39 15.10 13.11
N ASN A 226 43.09 15.09 12.84
CA ASN A 226 42.41 13.92 12.30
C ASN A 226 41.24 14.40 11.44
N ASP A 227 40.68 13.48 10.64
CA ASP A 227 39.47 13.71 9.81
C ASP A 227 38.31 12.81 10.22
N TYR A 228 38.30 12.37 11.46
CA TYR A 228 37.14 11.67 11.97
C TYR A 228 35.96 12.60 12.03
N LEU A 229 34.78 12.05 11.75
CA LEU A 229 33.57 12.86 11.67
C LEU A 229 33.20 13.43 13.03
N PHE A 230 32.98 12.56 14.02
CA PHE A 230 32.62 12.99 15.37
C PHE A 230 33.90 12.98 16.19
N VAL A 231 34.16 14.06 16.93
CA VAL A 231 35.36 14.18 17.79
C VAL A 231 35.04 14.69 19.18
N SER A 232 35.83 14.23 20.15
CA SER A 232 35.60 14.48 21.58
C SER A 232 35.99 15.89 21.88
N ASN A 233 35.87 16.27 23.16
CA ASN A 233 36.28 17.60 23.59
C ASN A 233 37.78 17.79 23.40
N ARG A 234 38.55 16.71 23.50
CA ARG A 234 39.96 16.75 23.13
C ARG A 234 40.18 16.65 21.62
N ARG A 235 39.13 16.97 20.84
CA ARG A 235 39.15 16.90 19.38
C ARG A 235 39.80 15.59 18.84
N VAL A 236 39.61 14.47 19.51
CA VAL A 236 40.05 13.18 18.93
C VAL A 236 38.83 12.31 18.77
N ARG A 237 38.99 11.28 17.94
CA ARG A 237 38.02 10.20 17.84
C ARG A 237 37.44 9.81 19.22
N PHE A 238 36.14 9.59 19.25
CA PHE A 238 35.49 9.10 20.46
C PHE A 238 35.90 7.68 20.76
N ASP A 239 35.74 7.35 22.04
CA ASP A 239 35.83 6.01 22.55
C ASP A 239 34.43 5.45 22.58
N THR A 240 34.29 4.21 22.09
CA THR A 240 32.98 3.54 22.07
C THR A 240 32.26 3.66 23.42
N SER A 241 33.01 3.72 24.49
CA SER A 241 32.42 3.71 25.82
C SER A 241 31.73 5.03 26.14
N THR A 242 32.45 6.12 25.90
CA THR A 242 31.94 7.50 26.03
C THR A 242 30.64 7.74 25.30
N ILE A 243 30.44 7.11 24.14
CA ILE A 243 29.24 7.32 23.36
C ILE A 243 28.06 6.71 24.10
N GLU A 244 28.29 5.55 24.70
CA GLU A 244 27.24 4.81 25.37
C GLU A 244 26.81 5.54 26.61
N ARG A 245 27.78 6.11 27.32
CA ARG A 245 27.51 7.00 28.43
C ARG A 245 26.55 8.10 28.00
N ILE A 247 24.54 8.35 25.46
CA ILE A 247 23.23 7.81 25.05
C ILE A 247 22.43 7.49 26.31
N ARG A 248 22.99 6.67 27.18
CA ARG A 248 22.52 6.51 28.55
C ARG A 248 22.06 7.84 29.20
N ASP A 249 22.96 8.82 29.36
CA ASP A 249 22.58 10.06 30.09
C ASP A 249 21.45 10.77 29.37
N LEU A 250 21.62 10.97 28.08
CA LEU A 250 20.55 11.58 27.27
C LEU A 250 19.15 10.97 27.51
N GLY A 251 19.12 9.67 27.79
CA GLY A 251 17.88 8.96 28.02
C GLY A 251 17.26 9.34 29.33
N LYS A 252 18.11 9.57 30.33
CA LYS A 252 17.64 10.12 31.60
C LYS A 252 17.15 11.52 31.35
N LYS A 253 17.99 12.33 30.72
CA LYS A 253 17.67 13.74 30.54
C LYS A 253 16.31 13.88 29.86
N ALA A 254 15.90 12.84 29.13
CA ALA A 254 14.62 12.85 28.41
C ALA A 254 13.46 12.33 29.24
N GLY A 255 13.73 11.94 30.48
CA GLY A 255 12.74 11.27 31.33
C GLY A 255 12.21 9.95 30.75
N ILE A 256 13.11 9.02 30.45
CA ILE A 256 12.74 7.74 29.88
C ILE A 256 13.00 6.73 30.95
N GLN A 257 11.98 5.95 31.29
CA GLN A 257 12.13 5.02 32.37
C GLN A 257 13.11 3.95 31.91
N LYS A 258 12.87 3.45 30.70
CA LYS A 258 13.64 2.37 30.08
C LYS A 258 15.08 2.79 29.94
N LYS A 259 16.04 1.90 30.18
CA LYS A 259 17.43 2.30 30.01
C LYS A 259 17.76 2.34 28.52
N VAL A 260 18.28 3.48 28.07
CA VAL A 260 18.52 3.62 26.64
C VAL A 260 20.00 3.39 26.31
N THR A 261 20.22 2.52 25.33
CA THR A 261 21.55 2.11 24.87
C THR A 261 21.51 1.98 23.37
N PRO A 262 22.67 1.92 22.73
CA PRO A 262 22.69 1.87 21.29
C PRO A 262 21.94 0.67 20.70
N HIS A 263 22.04 -0.47 21.36
CA HIS A 263 21.34 -1.68 20.95
C HIS A 263 19.85 -1.45 20.97
N VAL A 264 19.35 -0.80 22.02
CA VAL A 264 17.95 -0.47 22.12
C VAL A 264 17.49 0.46 20.98
N LEU A 265 18.31 1.47 20.69
CA LEU A 265 17.99 2.42 19.61
C LEU A 265 17.92 1.69 18.33
N ARG A 266 18.73 0.68 18.20
CA ARG A 266 18.81 0.00 16.94
C ARG A 266 17.59 -0.93 16.88
N HIS A 267 17.25 -1.53 18.00
CA HIS A 267 16.02 -2.32 18.04
C HIS A 267 14.83 -1.44 17.67
N THR A 268 14.88 -0.21 18.13
CA THR A 268 13.84 0.76 17.89
C THR A 268 13.73 1.06 16.40
N PHE A 269 14.86 1.28 15.76
CA PHE A 269 14.87 1.74 14.39
C PHE A 269 14.42 0.62 13.48
N ALA A 270 14.96 -0.56 13.69
CA ALA A 270 14.74 -1.66 12.80
C ALA A 270 13.30 -2.08 12.91
N THR A 271 12.77 -2.01 14.12
CA THR A 271 11.34 -2.22 14.35
C THR A 271 10.42 -1.21 13.65
N SER A 272 10.83 0.05 13.60
CA SER A 272 10.01 1.09 12.97
C SER A 272 9.95 0.84 11.48
N VAL A 273 11.09 0.48 10.89
CA VAL A 273 11.16 0.19 9.47
C VAL A 273 10.26 -0.97 9.11
N LEU A 274 10.17 -1.94 10.01
CA LEU A 274 9.32 -3.09 9.79
C LEU A 274 7.85 -2.67 9.90
N ARG A 275 7.51 -2.03 11.01
CA ARG A 275 6.17 -1.48 11.17
C ARG A 275 5.80 -0.65 9.97
N ASN A 276 6.76 0.04 9.37
CA ASN A 276 6.52 0.79 8.16
C ASN A 276 6.60 0.04 6.84
N GLY A 277 6.47 -1.28 6.86
CA GLY A 277 6.41 -2.07 5.62
C GLY A 277 7.74 -2.46 4.96
N GLY A 278 8.87 -2.25 5.65
CA GLY A 278 10.16 -2.64 5.12
C GLY A 278 10.40 -4.13 5.38
N ASP A 279 10.75 -4.87 4.33
CA ASP A 279 10.96 -6.32 4.35
C ASP A 279 12.20 -6.64 5.20
N ILE A 280 12.12 -7.75 5.93
CA ILE A 280 13.21 -8.21 6.81
C ILE A 280 14.59 -8.26 6.14
N ARG A 281 14.64 -8.78 4.92
CA ARG A 281 15.89 -8.88 4.12
C ARG A 281 16.47 -7.52 3.81
N PHE A 282 15.61 -6.53 3.66
CA PHE A 282 16.06 -5.19 3.39
C PHE A 282 16.64 -4.67 4.68
N ILE A 283 15.91 -4.84 5.77
CA ILE A 283 16.38 -4.33 7.05
C ILE A 283 17.76 -4.95 7.33
N GLN A 284 17.92 -6.20 6.95
CA GLN A 284 19.18 -6.89 7.10
C GLN A 284 20.29 -6.17 6.30
N GLN A 285 19.96 -5.74 5.10
CA GLN A 285 20.94 -5.06 4.32
C GLN A 285 21.42 -3.81 5.01
N ILE A 286 20.47 -3.00 5.45
CA ILE A 286 20.72 -1.73 6.11
C ILE A 286 21.59 -1.86 7.35
N LEU A 287 21.19 -2.75 8.25
CA LEU A 287 21.97 -2.98 9.49
C LEU A 287 23.31 -3.65 9.25
N GLY A 288 23.48 -4.24 8.07
CA GLY A 288 24.74 -4.91 7.69
C GLY A 288 24.88 -6.30 8.29
N HIS A 289 23.79 -7.07 8.36
CA HIS A 289 23.79 -8.37 9.04
C HIS A 289 23.94 -9.47 8.02
N ALA A 290 24.84 -10.39 8.32
CA ALA A 290 25.12 -11.55 7.46
C ALA A 290 24.00 -12.53 7.48
N SER A 291 23.37 -12.74 8.64
CA SER A 291 22.20 -13.60 8.69
C SER A 291 21.04 -12.96 9.37
N VAL A 292 19.89 -13.26 8.80
CA VAL A 292 18.62 -12.85 9.33
C VAL A 292 18.43 -13.23 10.78
N ALA A 293 19.13 -14.25 11.28
CA ALA A 293 18.96 -14.59 12.70
C ALA A 293 19.33 -13.40 13.60
N THR A 294 20.22 -12.56 13.11
CA THR A 294 20.70 -11.39 13.82
C THR A 294 19.67 -10.26 13.66
N THR A 295 19.26 -10.07 12.42
CA THR A 295 18.24 -9.11 12.09
C THR A 295 16.95 -9.43 12.89
N GLN A 296 16.63 -10.71 13.06
CA GLN A 296 15.48 -11.07 13.92
C GLN A 296 15.57 -10.47 15.32
N ILE A 297 16.75 -10.45 15.91
CA ILE A 297 16.85 -9.93 17.26
C ILE A 297 16.32 -8.50 17.36
N TYR A 298 16.64 -7.65 16.38
CA TYR A 298 16.24 -6.24 16.39
C TYR A 298 14.87 -5.98 15.79
N THR A 299 14.16 -7.02 15.35
CA THR A 299 12.82 -6.82 14.82
C THR A 299 11.75 -7.50 15.62
N HIS A 300 12.10 -7.91 16.84
CA HIS A 300 11.13 -8.52 17.74
C HIS A 300 10.14 -7.42 18.14
N LEU A 301 8.87 -7.57 17.76
CA LEU A 301 7.85 -6.54 17.98
C LEU A 301 7.26 -6.63 19.37
N ASN A 302 6.78 -5.50 19.90
CA ASN A 302 6.11 -5.48 21.21
C ASN A 302 4.61 -5.81 21.06
N ASP A 303 3.87 -5.90 22.14
CA ASP A 303 2.54 -6.44 22.03
C ASP A 303 1.70 -5.51 21.18
N SER A 304 1.70 -4.25 21.56
CA SER A 304 0.98 -3.25 20.79
C SER A 304 1.31 -3.34 19.28
N ALA A 305 2.61 -3.33 18.98
CA ALA A 305 3.02 -3.34 17.58
C ALA A 305 2.49 -4.58 16.93
N LEU A 306 2.64 -5.70 17.60
CA LEU A 306 2.30 -6.98 17.00
C LEU A 306 0.81 -7.05 16.67
N ARG A 307 0.00 -6.49 17.57
CA ARG A 307 -1.45 -6.49 17.35
C ARG A 307 -1.79 -5.60 16.13
N GLU A 308 -1.11 -4.47 16.01
CA GLU A 308 -1.31 -3.61 14.85
C GLU A 308 -0.98 -4.33 13.55
N TYR A 310 -0.84 -7.39 13.05
CA TYR A 310 -1.83 -8.40 12.81
C TYR A 310 -3.08 -7.84 12.14
N THR A 311 -3.64 -6.78 12.71
CA THR A 311 -4.85 -6.15 12.15
C THR A 311 -4.57 -5.83 10.68
N GLN A 312 -3.44 -5.15 10.48
CA GLN A 312 -3.05 -4.73 9.16
C GLN A 312 -2.90 -5.84 8.17
N HIS A 313 -2.48 -7.02 8.60
CA HIS A 313 -2.25 -8.11 7.66
C HIS A 313 -2.99 -9.41 8.02
N ARG A 314 -4.11 -9.25 8.72
CA ARG A 314 -4.91 -10.35 9.24
C ARG A 314 -5.30 -11.31 8.16
N PRO A 315 -5.55 -12.58 8.53
CA PRO A 315 -5.97 -13.57 7.56
C PRO A 315 -7.38 -13.30 7.15
N ARG A 316 -7.63 -13.35 5.83
CA ARG A 316 -8.89 -12.91 5.26
C ARG A 316 -9.78 -14.13 4.91
N TYR A 317 -10.57 -14.56 5.88
CA TYR A 317 -11.65 -15.53 5.67
C TYR A 317 -12.55 -15.54 6.93
N GLU B 38 40.49 39.66 -30.76
CA GLU B 38 39.24 38.92 -31.14
C GLU B 38 38.32 38.77 -29.90
N THR B 39 38.09 37.53 -29.47
CA THR B 39 37.66 37.18 -28.10
C THR B 39 38.38 37.95 -26.98
N ASN B 40 39.70 37.85 -26.93
CA ASN B 40 40.53 38.62 -26.01
C ASN B 40 40.01 40.03 -25.90
N GLU B 41 39.72 40.63 -27.05
CA GLU B 41 39.25 42.02 -27.14
C GLU B 41 37.92 42.16 -26.40
N TYR B 42 36.96 41.34 -26.78
CA TYR B 42 35.67 41.31 -26.09
C TYR B 42 35.85 41.15 -24.62
N LEU B 43 36.68 40.19 -24.24
CA LEU B 43 36.91 39.94 -22.82
C LEU B 43 37.50 41.15 -22.13
N SER B 44 38.43 41.76 -22.82
CA SER B 44 39.14 42.89 -22.33
C SER B 44 38.13 43.96 -21.95
N ARG B 45 37.26 44.29 -22.90
CA ARG B 45 36.17 45.25 -22.66
C ARG B 45 35.31 44.87 -21.47
N PHE B 46 34.96 43.59 -21.41
CA PHE B 46 34.15 43.04 -20.36
C PHE B 46 34.77 43.21 -18.98
N VAL B 47 36.06 42.93 -18.84
CA VAL B 47 36.74 43.16 -17.58
C VAL B 47 36.79 44.65 -17.21
N GLU B 48 36.97 45.49 -18.23
CA GLU B 48 37.01 46.93 -18.00
C GLU B 48 35.72 47.33 -17.31
N TYR B 49 34.63 46.97 -17.96
CA TYR B 49 33.34 47.30 -17.43
C TYR B 49 33.21 46.88 -15.97
N THR B 51 35.48 46.02 -13.75
CA THR B 51 36.40 46.80 -12.88
C THR B 51 35.83 48.17 -12.46
N GLY B 52 35.22 48.89 -13.41
CA GLY B 52 34.47 50.10 -13.07
C GLY B 52 33.26 49.85 -12.18
N GLU B 53 32.73 48.64 -12.24
CA GLU B 53 31.60 48.24 -11.37
C GLU B 53 32.04 47.97 -9.95
N ARG B 54 33.36 47.95 -9.74
CA ARG B 54 33.97 47.72 -8.45
C ARG B 54 33.79 46.29 -7.99
N LYS B 55 33.63 45.36 -8.94
CA LYS B 55 33.55 43.92 -8.60
C LYS B 55 34.92 43.46 -8.20
N SER B 56 34.97 42.53 -7.26
CA SER B 56 36.23 41.97 -6.83
C SER B 56 36.90 41.30 -8.01
N ARG B 57 38.23 41.15 -7.92
CA ARG B 57 39.02 40.43 -8.92
C ARG B 57 38.60 38.97 -9.01
N TYR B 58 38.20 38.40 -7.87
CA TYR B 58 37.80 37.01 -7.78
C TYR B 58 36.53 36.81 -8.57
N THR B 59 35.53 37.64 -8.31
CA THR B 59 34.36 37.67 -9.18
C THR B 59 34.78 37.82 -10.66
N ILE B 60 35.63 38.79 -10.90
CA ILE B 60 36.03 39.10 -12.25
C ILE B 60 36.63 37.87 -12.95
N LYS B 61 37.57 37.19 -12.28
CA LYS B 61 38.18 35.98 -12.85
C LYS B 61 37.10 34.93 -13.18
N GLU B 62 36.08 34.79 -12.35
CA GLU B 62 35.04 33.79 -12.62
C GLU B 62 34.12 34.16 -13.79
N TYR B 63 33.66 35.41 -13.85
CA TYR B 63 32.70 35.80 -14.87
C TYR B 63 33.41 35.71 -16.21
N ARG B 64 34.68 36.06 -16.18
CA ARG B 64 35.55 36.02 -17.37
C ARG B 64 35.74 34.60 -17.90
N PHE B 65 35.95 33.65 -17.01
CA PHE B 65 36.04 32.28 -17.44
C PHE B 65 34.73 31.79 -18.07
N LEU B 66 33.58 32.26 -17.60
CA LEU B 66 32.31 31.70 -18.07
C LEU B 66 31.97 32.26 -19.44
N VAL B 67 32.21 33.55 -19.59
CA VAL B 67 31.98 34.20 -20.86
C VAL B 67 33.04 33.76 -21.86
N ASP B 68 34.21 33.33 -21.39
CA ASP B 68 35.16 32.79 -22.33
C ASP B 68 34.58 31.50 -22.93
N GLN B 69 33.90 30.72 -22.09
CA GLN B 69 33.38 29.45 -22.58
C GLN B 69 32.17 29.71 -23.45
N PHE B 70 31.39 30.69 -23.07
CA PHE B 70 30.29 31.12 -23.92
C PHE B 70 30.86 31.39 -25.32
N LEU B 71 31.83 32.29 -25.44
CA LEU B 71 32.28 32.71 -26.77
C LEU B 71 32.91 31.54 -27.51
N SER B 72 33.70 30.71 -26.83
CA SER B 72 34.40 29.69 -27.55
C SER B 72 33.38 28.64 -28.08
N PHE B 73 32.35 28.39 -27.29
CA PHE B 73 31.30 27.49 -27.72
C PHE B 73 30.48 28.08 -28.86
N ASN B 75 31.22 30.62 -30.81
CA ASN B 75 32.14 30.75 -31.90
C ASN B 75 31.62 31.63 -33.03
N LYS B 76 31.18 32.81 -32.66
CA LYS B 76 30.73 33.83 -33.57
C LYS B 76 30.64 35.10 -32.71
N LYS B 77 30.06 36.15 -33.25
CA LYS B 77 30.14 37.47 -32.60
C LYS B 77 28.90 37.71 -31.76
N PRO B 78 29.09 38.15 -30.51
CA PRO B 78 27.98 38.44 -29.63
C PRO B 78 26.74 38.92 -30.36
N ASP B 79 26.92 39.84 -31.28
CA ASP B 79 25.75 40.50 -31.87
C ASP B 79 25.04 39.63 -32.86
N GLU B 80 25.57 38.45 -33.16
CA GLU B 80 25.02 37.52 -34.14
C GLU B 80 24.32 36.30 -33.53
N ILE B 81 24.51 36.12 -32.22
CA ILE B 81 23.90 35.02 -31.50
C ILE B 81 22.39 35.07 -31.62
N THR B 82 21.77 33.94 -31.99
CA THR B 82 20.32 33.84 -32.22
C THR B 82 19.64 33.12 -31.05
N PRO B 83 18.30 33.18 -31.00
CA PRO B 83 17.62 32.39 -30.01
C PRO B 83 18.08 30.93 -30.03
N ASP B 85 20.95 29.68 -30.95
CA ASP B 85 22.29 29.57 -30.38
C ASP B 85 22.21 29.47 -28.85
N ILE B 86 21.34 30.30 -28.28
CA ILE B 86 21.21 30.36 -26.85
C ILE B 86 20.65 29.04 -26.30
N GLU B 87 19.69 28.41 -27.00
CA GLU B 87 19.21 27.09 -26.57
C GLU B 87 20.30 26.05 -26.66
N ARG B 88 21.03 26.08 -27.75
CA ARG B 88 22.21 25.25 -27.90
C ARG B 88 23.25 25.50 -26.82
N TYR B 89 23.37 26.74 -26.33
CA TYR B 89 24.31 27.02 -25.19
C TYR B 89 23.81 26.44 -23.86
N LYS B 90 22.51 26.61 -23.58
CA LYS B 90 21.94 26.14 -22.32
C LYS B 90 22.05 24.65 -22.21
N ASN B 91 21.79 23.97 -23.32
CA ASN B 91 21.99 22.54 -23.41
C ASN B 91 23.44 22.16 -23.18
N PHE B 92 24.37 22.95 -23.71
CA PHE B 92 25.78 22.65 -23.46
C PHE B 92 26.09 22.72 -21.94
N LEU B 93 25.56 23.71 -21.24
CA LEU B 93 25.82 23.81 -19.80
C LEU B 93 25.14 22.64 -19.06
N ALA B 94 23.88 22.41 -19.41
CA ALA B 94 23.08 21.49 -18.62
C ALA B 94 23.41 20.06 -18.96
N VAL B 95 23.64 19.73 -20.21
CA VAL B 95 23.93 18.36 -20.54
C VAL B 95 25.40 18.07 -20.70
N LYS B 96 26.06 18.74 -21.61
CA LYS B 96 27.46 18.48 -21.87
C LYS B 96 28.28 18.63 -20.59
N LYS B 97 28.06 19.71 -19.85
CA LYS B 97 28.86 19.99 -18.69
C LYS B 97 28.25 19.50 -17.40
N ARG B 98 26.95 19.19 -17.41
CA ARG B 98 26.18 18.77 -16.22
C ARG B 98 26.35 19.74 -15.05
N TYR B 99 26.31 21.02 -15.37
CA TYR B 99 26.28 22.07 -14.37
C TYR B 99 25.05 21.90 -13.44
N SER B 100 25.23 22.21 -12.15
CA SER B 100 24.09 22.36 -11.29
C SER B 100 23.31 23.56 -11.79
N LYS B 101 22.08 23.71 -11.33
CA LYS B 101 21.31 24.90 -11.64
C LYS B 101 22.00 26.18 -11.21
N THR B 102 22.64 26.15 -10.04
CA THR B 102 23.34 27.29 -9.49
C THR B 102 24.45 27.71 -10.49
N SER B 103 25.17 26.74 -11.04
CA SER B 103 26.25 27.01 -11.96
C SER B 103 25.71 27.53 -13.27
N GLN B 104 24.50 27.08 -13.62
CA GLN B 104 23.84 27.53 -14.81
C GLN B 104 23.45 28.96 -14.64
N TYR B 105 22.76 29.29 -13.56
CA TYR B 105 22.28 30.64 -13.34
C TYR B 105 23.44 31.63 -13.35
N LEU B 106 24.49 31.29 -12.63
CA LEU B 106 25.68 32.13 -12.54
C LEU B 106 26.23 32.39 -13.98
N ALA B 107 26.37 31.33 -14.75
CA ALA B 107 26.88 31.50 -16.11
C ALA B 107 25.99 32.37 -16.95
N ILE B 108 24.70 32.17 -16.81
CA ILE B 108 23.73 32.95 -17.53
C ILE B 108 23.73 34.35 -16.97
N LYS B 109 23.96 34.51 -15.67
CA LYS B 109 24.07 35.85 -15.10
C LYS B 109 25.29 36.60 -15.66
N ALA B 110 26.39 35.88 -15.87
CA ALA B 110 27.61 36.47 -16.43
C ALA B 110 27.46 36.89 -17.90
N VAL B 111 26.76 36.07 -18.67
CA VAL B 111 26.64 36.34 -20.11
C VAL B 111 25.81 37.60 -20.31
N LYS B 112 24.76 37.72 -19.50
CA LYS B 112 23.91 38.85 -19.52
C LYS B 112 24.69 40.11 -19.31
N LEU B 113 25.52 40.11 -18.26
CA LEU B 113 26.32 41.28 -17.92
C LEU B 113 27.29 41.60 -19.05
N PHE B 114 27.84 40.57 -19.63
CA PHE B 114 28.70 40.70 -20.80
C PHE B 114 28.00 41.47 -21.94
N TYR B 115 26.72 41.24 -22.14
CA TYR B 115 25.98 42.00 -23.13
C TYR B 115 25.79 43.41 -22.63
N LYS B 116 25.46 43.54 -21.36
CA LYS B 116 25.33 44.86 -20.85
C LYS B 116 26.62 45.65 -21.12
N ALA B 117 27.78 45.04 -20.86
CA ALA B 117 29.09 45.71 -21.00
C ALA B 117 29.37 46.15 -22.40
N LEU B 118 28.92 45.37 -23.35
CA LEU B 118 29.12 45.73 -24.74
C LEU B 118 27.97 46.54 -25.30
N ASP B 119 27.04 46.99 -24.47
CA ASP B 119 25.86 47.75 -24.92
C ASP B 119 25.23 47.08 -26.15
N LEU B 120 25.05 45.76 -26.10
CA LEU B 120 24.20 45.05 -27.08
C LEU B 120 22.98 44.52 -26.36
N ARG B 121 21.87 44.44 -27.08
CA ARG B 121 20.61 43.97 -26.46
C ARG B 121 20.76 42.50 -26.12
N VAL B 122 20.40 42.15 -24.89
CA VAL B 122 20.51 40.78 -24.43
C VAL B 122 19.64 39.87 -25.31
N PRO B 123 20.18 38.71 -25.72
CA PRO B 123 19.24 37.77 -26.38
C PRO B 123 18.10 37.40 -25.39
N ILE B 124 16.87 37.32 -25.90
CA ILE B 124 15.70 37.14 -25.02
C ILE B 124 15.57 35.73 -24.41
N ASN B 125 16.06 34.71 -25.11
CA ASN B 125 16.05 33.32 -24.64
C ASN B 125 16.89 33.09 -23.42
N LEU B 126 17.88 33.94 -23.20
CA LEU B 126 18.71 33.91 -21.99
C LEU B 126 17.89 34.20 -20.76
N THR B 127 16.92 35.10 -20.93
CA THR B 127 16.01 35.50 -19.86
C THR B 127 14.66 34.73 -20.01
N PRO B 128 14.63 33.45 -19.61
CA PRO B 128 13.36 32.73 -19.73
C PRO B 128 12.41 33.18 -18.61
N PRO B 129 11.10 33.38 -18.93
CA PRO B 129 10.13 33.97 -17.99
C PRO B 129 9.75 33.10 -16.77
N PRO B 132 5.56 28.63 -13.61
CA PRO B 132 4.22 29.12 -13.38
C PRO B 132 4.05 29.87 -12.04
N SER B 133 4.09 29.13 -10.93
CA SER B 133 4.04 29.65 -9.54
C SER B 133 3.06 30.82 -9.19
N HIS B 134 1.81 30.78 -9.65
CA HIS B 134 0.79 31.79 -9.31
C HIS B 134 -0.24 31.29 -8.29
N PRO B 136 -1.28 29.69 -4.32
CA PRO B 136 -0.91 29.92 -2.92
C PRO B 136 0.14 28.96 -2.39
N VAL B 137 1.06 29.45 -1.56
CA VAL B 137 2.19 28.64 -1.12
C VAL B 137 1.89 28.04 0.26
N TYR B 138 2.63 26.99 0.58
CA TYR B 138 2.44 26.37 1.85
C TYR B 138 3.79 25.85 2.35
N LEU B 139 3.76 25.11 3.44
CA LEU B 139 4.96 24.79 4.16
C LEU B 139 5.47 23.43 3.70
N SER B 140 6.78 23.32 3.51
CA SER B 140 7.45 22.02 3.47
C SER B 140 7.21 21.27 4.79
N GLU B 141 7.45 19.96 4.79
CA GLU B 141 7.22 19.14 5.98
C GLU B 141 8.21 19.54 7.11
N ASP B 142 9.36 20.07 6.76
CA ASP B 142 10.36 20.42 7.76
C ASP B 142 10.12 21.83 8.24
N GLU B 143 9.67 22.70 7.35
CA GLU B 143 9.23 23.99 7.79
C GLU B 143 8.17 23.86 8.88
N ALA B 144 7.31 22.86 8.76
CA ALA B 144 6.25 22.59 9.73
C ALA B 144 6.82 22.05 11.00
N LYS B 145 7.90 21.28 10.91
CA LYS B 145 8.52 20.73 12.12
C LYS B 145 9.15 21.84 12.89
N ARG B 146 9.77 22.76 12.16
CA ARG B 146 10.43 23.92 12.73
C ARG B 146 9.42 24.89 13.34
N LEU B 147 8.30 25.13 12.66
CA LEU B 147 7.21 25.96 13.22
C LEU B 147 6.70 25.38 14.57
N ILE B 148 6.62 24.05 14.64
CA ILE B 148 6.11 23.36 15.79
C ILE B 148 7.15 23.26 16.91
N GLU B 149 8.39 22.99 16.57
CA GLU B 149 9.44 23.03 17.58
C GLU B 149 9.66 24.47 18.12
N ALA B 150 9.40 25.46 17.28
CA ALA B 150 9.55 26.86 17.71
C ALA B 150 8.60 27.27 18.83
N ALA B 151 7.58 26.44 19.08
CA ALA B 151 6.59 26.73 20.14
C ALA B 151 6.77 25.82 21.35
N SER B 152 7.54 24.74 21.19
CA SER B 152 7.84 23.77 22.25
C SER B 152 8.16 24.40 23.60
N SER B 153 8.63 25.64 23.62
CA SER B 153 8.86 26.31 24.89
C SER B 153 7.61 26.98 25.52
N ASP B 154 6.50 27.17 24.79
CA ASP B 154 5.27 27.81 25.33
C ASP B 154 4.08 26.88 25.22
N THR B 155 3.71 26.29 26.35
CA THR B 155 2.70 25.22 26.36
C THR B 155 1.46 25.56 25.58
N ARG B 156 0.93 26.75 25.78
CA ARG B 156 -0.22 27.18 25.06
C ARG B 156 0.03 27.24 23.58
N TYR B 158 2.30 25.89 21.70
CA TYR B 158 2.61 24.55 21.24
C TYR B 158 1.34 23.77 21.01
N ALA B 159 0.39 23.84 21.94
CA ALA B 159 -0.88 23.12 21.81
C ALA B 159 -1.70 23.75 20.71
N ILE B 160 -1.69 25.08 20.65
CA ILE B 160 -2.41 25.77 19.60
C ILE B 160 -1.93 25.36 18.21
N VAL B 161 -0.65 25.39 17.96
CA VAL B 161 -0.18 25.19 16.60
C VAL B 161 -0.37 23.74 16.25
N SER B 162 -0.35 22.88 17.26
CA SER B 162 -0.43 21.45 17.00
C SER B 162 -1.83 21.04 16.61
N VAL B 163 -2.83 21.61 17.28
CA VAL B 163 -4.20 21.38 16.95
C VAL B 163 -4.48 21.81 15.51
N LEU B 164 -4.19 23.04 15.19
CA LEU B 164 -4.24 23.52 13.82
C LEU B 164 -3.56 22.60 12.79
N ALA B 165 -2.30 22.27 13.07
CA ALA B 165 -1.48 21.54 12.13
C ALA B 165 -1.91 20.11 11.97
N TYR B 166 -2.49 19.53 13.03
CA TYR B 166 -2.81 18.11 12.98
C TYR B 166 -4.24 17.85 12.69
N THR B 167 -5.11 18.83 12.89
CA THR B 167 -6.55 18.62 12.73
C THR B 167 -7.15 19.33 11.51
N GLY B 168 -6.53 20.41 11.06
CA GLY B 168 -7.06 21.18 9.95
C GLY B 168 -8.27 22.05 10.26
N VAL B 169 -8.61 22.25 11.53
CA VAL B 169 -9.76 23.09 11.88
C VAL B 169 -9.50 24.56 11.61
N ARG B 170 -10.58 25.30 11.38
CA ARG B 170 -10.56 26.75 11.17
C ARG B 170 -10.23 27.54 12.45
N VAL B 171 -9.70 28.72 12.26
CA VAL B 171 -9.28 29.53 13.38
C VAL B 171 -10.50 29.91 14.26
N GLY B 172 -11.59 30.25 13.64
CA GLY B 172 -12.80 30.44 14.43
C GLY B 172 -13.22 29.24 15.27
N GLU B 173 -13.11 28.05 14.69
CA GLU B 173 -13.46 26.83 15.40
C GLU B 173 -12.56 26.59 16.62
N LEU B 174 -11.30 26.88 16.47
CA LEU B 174 -10.37 26.71 17.54
C LEU B 174 -10.67 27.64 18.67
N CYS B 175 -10.98 28.88 18.31
CA CYS B 175 -11.29 29.87 19.35
C CYS B 175 -12.53 29.48 20.16
N ASN B 176 -13.50 28.81 19.53
CA ASN B 176 -14.80 28.47 20.18
C ASN B 176 -14.87 27.14 20.89
N LEU B 177 -13.82 26.34 20.73
CA LEU B 177 -13.72 25.07 21.47
C LEU B 177 -13.79 25.23 22.99
N LYS B 178 -14.61 24.37 23.60
CA LYS B 178 -14.73 24.29 25.04
C LYS B 178 -13.86 23.14 25.53
N ILE B 179 -13.54 23.14 26.81
CA ILE B 179 -12.75 22.06 27.39
C ILE B 179 -13.41 20.73 27.01
N SER B 180 -14.70 20.61 27.27
CA SER B 180 -15.42 19.37 27.11
C SER B 180 -15.55 18.82 25.65
N ASP B 181 -15.19 19.65 24.65
CA ASP B 181 -15.16 19.31 23.24
C ASP B 181 -13.98 18.39 22.91
N VAL B 182 -13.03 18.30 23.83
CA VAL B 182 -11.85 17.51 23.62
C VAL B 182 -11.99 16.16 24.34
N ASP B 183 -11.84 15.05 23.64
CA ASP B 183 -11.70 13.78 24.29
C ASP B 183 -10.31 13.25 23.98
N LEU B 184 -9.40 13.35 24.96
CA LEU B 184 -7.98 13.06 24.74
C LEU B 184 -7.70 11.61 24.60
N GLN B 185 -8.29 10.84 25.51
CA GLN B 185 -8.12 9.41 25.50
C GLN B 185 -8.57 8.83 24.16
N GLU B 186 -9.55 9.42 23.50
CA GLU B 186 -10.06 8.90 22.23
C GLU B 186 -9.49 9.63 21.00
N SER B 187 -8.54 10.53 21.25
CA SER B 187 -7.92 11.35 20.18
C SER B 187 -8.87 12.16 19.28
N ILE B 188 -9.96 12.64 19.86
CA ILE B 188 -10.98 13.32 19.09
C ILE B 188 -11.27 14.72 19.60
N ILE B 189 -11.59 15.64 18.69
CA ILE B 189 -12.19 16.92 19.11
C ILE B 189 -13.54 17.07 18.45
N ASN B 190 -14.53 17.49 19.23
CA ASN B 190 -15.85 17.78 18.73
C ASN B 190 -15.92 19.22 18.35
N VAL B 191 -16.27 19.51 17.11
CA VAL B 191 -16.37 20.91 16.67
C VAL B 191 -17.75 21.29 16.27
N ARG B 192 -18.37 22.12 17.08
CA ARG B 192 -19.80 22.43 16.93
C ARG B 192 -19.93 23.76 16.26
N SER B 193 -20.14 23.79 14.94
CA SER B 193 -20.35 25.06 14.22
C SER B 193 -21.74 25.66 14.55
N ASP B 197 -25.67 23.86 11.21
CA ASP B 197 -25.44 22.55 11.79
C ASP B 197 -24.47 21.64 10.97
N LYS B 198 -23.21 22.05 10.99
CA LYS B 198 -22.17 21.35 10.26
C LYS B 198 -21.19 20.83 11.32
N ASP B 199 -21.80 20.32 12.38
CA ASP B 199 -21.05 19.70 13.44
C ASP B 199 -20.25 18.50 12.91
N ARG B 200 -19.04 18.34 13.42
CA ARG B 200 -18.20 17.24 13.03
C ARG B 200 -17.16 16.97 14.09
N ILE B 201 -16.47 15.86 13.97
CA ILE B 201 -15.31 15.67 14.83
C ILE B 201 -14.11 15.65 13.94
N VAL B 202 -13.00 16.01 14.54
CA VAL B 202 -11.73 15.93 13.90
C VAL B 202 -10.81 15.06 14.75
N ILE B 203 -9.74 14.60 14.13
CA ILE B 203 -8.89 13.65 14.77
C ILE B 203 -7.56 14.26 14.99
N ALA B 205 -3.44 13.39 15.85
CA ALA B 205 -2.28 12.58 16.07
C ALA B 205 -1.81 12.58 17.50
N GLU B 206 -1.11 11.52 17.86
CA GLU B 206 -0.55 11.35 19.18
C GLU B 206 0.20 12.57 19.70
N GLU B 207 0.99 13.20 18.84
CA GLU B 207 1.74 14.38 19.24
C GLU B 207 0.80 15.51 19.64
N CYS B 208 -0.32 15.55 18.95
CA CYS B 208 -1.31 16.60 19.22
C CYS B 208 -1.95 16.31 20.55
N VAL B 209 -2.27 15.04 20.75
CA VAL B 209 -2.89 14.60 21.97
C VAL B 209 -2.01 15.00 23.13
N LYS B 210 -0.71 14.79 22.99
CA LYS B 210 0.23 15.07 24.06
C LYS B 210 0.43 16.55 24.30
N ALA B 211 0.50 17.33 23.23
CA ALA B 211 0.66 18.77 23.42
C ALA B 211 -0.59 19.32 24.06
N LEU B 212 -1.74 18.93 23.54
CA LEU B 212 -2.99 19.39 24.08
C LEU B 212 -3.22 18.92 25.53
N GLY B 213 -2.89 17.68 25.81
CA GLY B 213 -2.95 17.15 27.18
C GLY B 213 -2.08 17.97 28.12
N SER B 214 -0.86 18.31 27.70
CA SER B 214 0.01 19.12 28.55
C SER B 214 -0.55 20.50 28.76
N TYR B 215 -1.17 21.11 27.74
CA TYR B 215 -1.80 22.44 27.96
C TYR B 215 -3.03 22.33 28.85
N LEU B 216 -3.74 21.20 28.77
CA LEU B 216 -4.89 21.03 29.65
C LEU B 216 -4.47 20.98 31.15
N ASP B 217 -3.25 20.56 31.44
CA ASP B 217 -2.85 20.51 32.85
C ASP B 217 -2.73 21.91 33.42
N LEU B 218 -2.28 22.84 32.57
CA LEU B 218 -2.18 24.25 32.94
C LEU B 218 -3.54 24.89 33.02
N ARG B 219 -4.35 24.64 32.00
CA ARG B 219 -5.65 25.32 31.81
C ARG B 219 -6.64 24.92 32.87
N LEU B 220 -6.72 23.63 33.14
CA LEU B 220 -7.61 23.12 34.17
C LEU B 220 -7.39 23.80 35.50
N SER B 221 -6.14 24.09 35.83
CA SER B 221 -5.84 24.63 37.15
C SER B 221 -6.23 26.10 37.33
N ASP B 223 -8.75 29.55 37.21
CA ASP B 223 -10.13 29.82 37.68
C ASP B 223 -10.85 30.82 36.79
N THR B 224 -11.10 30.39 35.57
CA THR B 224 -11.72 31.22 34.56
C THR B 224 -13.24 31.33 34.77
N ASP B 225 -13.84 32.41 34.27
CA ASP B 225 -15.30 32.57 34.29
C ASP B 225 -15.91 31.89 33.09
N ASN B 226 -15.18 30.93 32.54
CA ASN B 226 -15.52 30.37 31.23
C ASN B 226 -14.85 28.99 31.10
N ASP B 227 -15.33 28.16 30.19
CA ASP B 227 -14.69 26.85 29.90
C ASP B 227 -14.21 26.70 28.44
N TYR B 228 -13.86 27.82 27.80
CA TYR B 228 -13.13 27.80 26.53
C TYR B 228 -11.84 27.07 26.69
N LEU B 229 -11.53 26.22 25.73
CA LEU B 229 -10.35 25.39 25.83
C LEU B 229 -9.11 26.25 25.86
N PHE B 230 -8.95 27.08 24.83
CA PHE B 230 -7.84 28.01 24.71
C PHE B 230 -8.28 29.35 25.21
N VAL B 231 -7.47 29.92 26.09
CA VAL B 231 -7.82 31.12 26.74
C VAL B 231 -6.62 32.06 26.62
N SER B 232 -6.92 33.35 26.53
CA SER B 232 -5.92 34.38 26.34
C SER B 232 -5.16 34.69 27.62
N ASN B 233 -4.16 35.53 27.48
CA ASN B 233 -3.50 36.11 28.66
C ASN B 233 -4.47 36.75 29.63
N ARG B 234 -5.63 37.20 29.15
CA ARG B 234 -6.63 37.78 30.03
C ARG B 234 -7.69 36.76 30.42
N ARG B 235 -7.47 35.52 29.98
CA ARG B 235 -8.22 34.34 30.44
C ARG B 235 -9.60 34.26 29.87
N VAL B 236 -9.76 34.82 28.70
CA VAL B 236 -11.00 34.76 27.98
C VAL B 236 -10.75 34.23 26.58
N ARG B 237 -11.84 33.98 25.86
CA ARG B 237 -11.82 33.51 24.50
C ARG B 237 -10.85 34.34 23.67
N PHE B 238 -10.06 33.70 22.80
CA PHE B 238 -9.33 34.43 21.77
C PHE B 238 -10.20 35.01 20.62
N ASP B 239 -9.87 36.22 20.18
CA ASP B 239 -10.33 36.69 18.87
C ASP B 239 -9.44 36.05 17.80
N THR B 240 -9.98 35.80 16.60
CA THR B 240 -9.26 35.07 15.54
C THR B 240 -8.03 35.81 15.09
N SER B 241 -8.10 37.12 14.97
CA SER B 241 -6.90 37.94 14.73
C SER B 241 -5.73 37.66 15.72
N THR B 242 -6.03 37.48 16.99
CA THR B 242 -4.97 37.21 17.96
C THR B 242 -4.26 35.90 17.65
N ILE B 243 -5.03 34.86 17.30
CA ILE B 243 -4.40 33.59 16.96
C ILE B 243 -3.55 33.77 15.71
N GLU B 244 -4.07 34.51 14.73
CA GLU B 244 -3.35 34.78 13.52
C GLU B 244 -2.05 35.49 13.83
N ARG B 245 -2.08 36.48 14.71
CA ARG B 245 -0.86 37.19 15.05
C ARG B 245 0.13 36.25 15.68
N ILE B 247 0.51 33.26 15.22
CA ILE B 247 1.04 32.30 14.26
C ILE B 247 1.96 32.92 13.24
N ARG B 248 1.68 34.15 12.84
CA ARG B 248 2.59 34.93 12.00
C ARG B 248 3.94 35.00 12.72
N ASP B 249 3.91 35.43 13.99
CA ASP B 249 5.13 35.64 14.79
C ASP B 249 5.80 34.34 15.14
N LEU B 250 5.07 33.25 15.25
CA LEU B 250 5.74 31.97 15.40
C LEU B 250 6.53 31.59 14.14
N GLY B 251 6.07 32.01 12.96
CA GLY B 251 6.73 31.61 11.71
C GLY B 251 8.07 32.27 11.64
N LYS B 252 8.07 33.57 11.89
CA LYS B 252 9.25 34.38 11.97
C LYS B 252 10.22 33.83 13.00
N LYS B 253 9.74 33.52 14.19
CA LYS B 253 10.64 32.98 15.20
C LYS B 253 11.35 31.73 14.68
N ALA B 254 10.65 30.88 13.93
CA ALA B 254 11.28 29.64 13.38
C ALA B 254 12.15 29.90 12.13
N GLY B 255 12.34 31.16 11.78
CA GLY B 255 13.13 31.51 10.64
C GLY B 255 12.49 31.23 9.28
N ILE B 256 11.19 30.98 9.24
CA ILE B 256 10.50 30.67 8.00
C ILE B 256 10.20 31.97 7.27
N GLN B 257 10.42 31.98 5.98
CA GLN B 257 10.35 33.22 5.27
C GLN B 257 9.01 33.38 4.62
N LYS B 258 8.36 32.25 4.33
CA LYS B 258 6.98 32.30 3.89
C LYS B 258 6.15 32.80 5.07
N LYS B 259 5.24 33.71 4.76
CA LYS B 259 4.17 34.16 5.63
C LYS B 259 3.42 32.91 6.11
N VAL B 260 3.32 32.70 7.41
CA VAL B 260 2.64 31.52 7.92
C VAL B 260 1.29 31.92 8.42
N THR B 261 0.23 31.47 7.75
CA THR B 261 -1.13 31.71 8.23
C THR B 261 -1.87 30.41 8.53
N PRO B 262 -3.01 30.53 9.23
CA PRO B 262 -3.86 29.36 9.45
C PRO B 262 -4.20 28.65 8.15
N HIS B 263 -4.48 29.45 7.14
CA HIS B 263 -4.80 28.91 5.80
C HIS B 263 -3.61 28.08 5.25
N VAL B 264 -2.41 28.64 5.39
CA VAL B 264 -1.20 28.02 4.96
C VAL B 264 -0.95 26.72 5.68
N LEU B 265 -1.39 26.64 6.94
CA LEU B 265 -1.26 25.42 7.73
C LEU B 265 -2.35 24.42 7.41
N ARG B 266 -3.54 24.94 7.14
CA ARG B 266 -4.61 24.08 6.67
C ARG B 266 -4.16 23.44 5.31
N HIS B 267 -3.59 24.24 4.40
CA HIS B 267 -3.00 23.75 3.13
C HIS B 267 -1.92 22.73 3.39
N THR B 268 -1.02 23.10 4.29
CA THR B 268 0.05 22.17 4.68
C THR B 268 -0.46 20.81 5.15
N PHE B 269 -1.51 20.81 5.94
CA PHE B 269 -2.01 19.56 6.53
C PHE B 269 -2.73 18.73 5.48
N ALA B 270 -3.53 19.39 4.67
CA ALA B 270 -4.35 18.67 3.68
C ALA B 270 -3.49 18.00 2.64
N THR B 271 -2.49 18.71 2.13
CA THR B 271 -1.60 18.15 1.13
C THR B 271 -0.78 17.04 1.74
N SER B 272 -0.43 17.22 3.00
CA SER B 272 0.35 16.23 3.72
C SER B 272 -0.40 14.92 3.77
N VAL B 273 -1.70 15.00 4.06
CA VAL B 273 -2.51 13.79 4.15
C VAL B 273 -2.67 13.12 2.82
N LEU B 274 -3.00 13.92 1.82
CA LEU B 274 -3.07 13.43 0.46
C LEU B 274 -1.80 12.68 0.13
N ARG B 275 -0.66 13.31 0.34
CA ARG B 275 0.66 12.69 0.10
C ARG B 275 0.87 11.33 0.80
N ASN B 276 0.16 11.16 1.91
CA ASN B 276 0.17 9.94 2.66
C ASN B 276 -1.02 9.06 2.28
N GLY B 277 -1.47 9.17 1.06
CA GLY B 277 -2.48 8.27 0.56
C GLY B 277 -3.93 8.59 0.91
N GLY B 278 -4.14 9.73 1.54
CA GLY B 278 -5.51 10.07 1.97
C GLY B 278 -6.38 10.45 0.78
N ASP B 279 -7.57 9.88 0.70
CA ASP B 279 -8.45 10.17 -0.45
C ASP B 279 -9.11 11.55 -0.29
N ILE B 280 -9.25 12.26 -1.40
CA ILE B 280 -9.77 13.62 -1.37
C ILE B 280 -11.12 13.76 -0.68
N ARG B 281 -12.02 12.80 -0.86
CA ARG B 281 -13.31 12.78 -0.16
C ARG B 281 -13.14 12.63 1.36
N PHE B 282 -12.14 11.87 1.77
CA PHE B 282 -11.83 11.73 3.18
C PHE B 282 -11.38 13.07 3.73
N ILE B 283 -10.47 13.69 3.01
CA ILE B 283 -9.92 14.96 3.43
C ILE B 283 -11.03 15.99 3.57
N GLN B 284 -11.96 15.96 2.64
CA GLN B 284 -13.11 16.84 2.63
C GLN B 284 -13.94 16.69 3.90
N GLN B 285 -14.04 15.47 4.41
CA GLN B 285 -14.84 15.25 5.58
C GLN B 285 -14.16 15.77 6.84
N ILE B 286 -12.83 15.64 6.85
CA ILE B 286 -12.06 16.03 7.99
C ILE B 286 -12.18 17.54 8.11
N LEU B 287 -12.23 18.20 6.97
CA LEU B 287 -12.13 19.65 6.96
C LEU B 287 -13.46 20.32 7.17
N GLY B 288 -14.53 19.57 7.02
CA GLY B 288 -15.88 20.12 7.08
C GLY B 288 -16.28 20.83 5.80
N HIS B 289 -15.88 20.37 4.64
CA HIS B 289 -16.23 21.08 3.42
C HIS B 289 -17.49 20.54 2.76
N ALA B 290 -18.49 21.40 2.54
CA ALA B 290 -19.71 21.00 1.81
C ALA B 290 -19.37 20.58 0.36
N SER B 291 -18.47 21.33 -0.28
CA SER B 291 -18.11 21.04 -1.64
C SER B 291 -16.64 20.71 -1.76
N VAL B 292 -16.36 19.75 -2.64
CA VAL B 292 -15.03 19.29 -2.83
C VAL B 292 -14.21 20.35 -3.56
N ALA B 293 -14.87 21.24 -4.27
CA ALA B 293 -14.16 22.36 -4.87
C ALA B 293 -13.45 23.22 -3.79
N THR B 294 -13.95 23.22 -2.58
CA THR B 294 -13.24 23.92 -1.52
C THR B 294 -11.99 23.14 -1.08
N THR B 295 -12.16 21.84 -0.92
CA THR B 295 -11.06 20.97 -0.54
C THR B 295 -9.93 21.02 -1.50
N GLN B 296 -10.20 21.33 -2.77
CA GLN B 296 -9.17 21.43 -3.83
C GLN B 296 -8.21 22.54 -3.57
N ILE B 297 -8.71 23.67 -3.04
CA ILE B 297 -7.83 24.82 -2.79
C ILE B 297 -6.68 24.40 -1.87
N TYR B 298 -7.01 23.52 -0.93
CA TYR B 298 -6.12 23.14 0.13
C TYR B 298 -5.21 21.98 -0.25
N THR B 299 -5.49 21.30 -1.37
CA THR B 299 -4.76 20.07 -1.75
C THR B 299 -3.99 20.23 -3.05
N HIS B 300 -3.89 21.46 -3.53
CA HIS B 300 -2.97 21.79 -4.61
C HIS B 300 -1.56 21.62 -4.17
N LEU B 301 -0.84 20.68 -4.78
CA LEU B 301 0.58 20.38 -4.41
C LEU B 301 1.59 21.30 -5.06
N ASN B 302 2.76 21.45 -4.45
CA ASN B 302 3.87 22.19 -5.04
C ASN B 302 4.60 21.27 -6.01
N ASP B 303 5.57 21.81 -6.73
CA ASP B 303 6.08 21.12 -7.86
C ASP B 303 6.83 19.90 -7.36
N SER B 304 7.56 20.08 -6.29
CA SER B 304 8.30 18.98 -5.73
C SER B 304 7.37 17.79 -5.43
N ALA B 305 6.21 18.10 -4.84
CA ALA B 305 5.32 17.05 -4.39
C ALA B 305 4.65 16.42 -5.55
N LEU B 306 4.29 17.25 -6.53
CA LEU B 306 3.68 16.72 -7.75
C LEU B 306 4.48 15.61 -8.35
N ARG B 307 5.79 15.85 -8.39
CA ARG B 307 6.73 14.94 -9.04
C ARG B 307 6.82 13.67 -8.18
N GLU B 308 6.96 13.85 -6.86
CA GLU B 308 6.97 12.72 -5.93
C GLU B 308 5.74 11.82 -6.19
N TYR B 310 3.68 11.83 -8.82
CA TYR B 310 3.64 11.24 -10.14
C TYR B 310 4.51 9.99 -10.12
N THR B 311 5.67 10.09 -9.47
CA THR B 311 6.63 9.05 -9.53
C THR B 311 6.01 7.77 -9.05
N GLN B 312 5.31 7.83 -7.92
CA GLN B 312 4.78 6.61 -7.34
C GLN B 312 3.48 6.17 -7.89
N HIS B 313 2.81 6.98 -8.70
CA HIS B 313 1.61 6.55 -9.42
C HIS B 313 1.73 6.62 -10.96
N ARG B 314 2.93 6.77 -11.49
CA ARG B 314 3.12 6.92 -12.93
C ARG B 314 2.31 5.93 -13.79
N PRO B 315 1.90 6.37 -14.98
CA PRO B 315 1.31 5.38 -15.87
C PRO B 315 2.26 4.21 -16.15
N ARG B 316 1.66 3.08 -16.50
CA ARG B 316 2.39 1.85 -16.57
C ARG B 316 2.42 1.28 -17.96
N TYR B 317 3.31 1.83 -18.75
CA TYR B 317 3.53 1.38 -20.09
C TYR B 317 4.81 2.03 -20.58
N GLU C 38 -19.60 16.66 58.30
CA GLU C 38 -20.43 17.58 57.47
C GLU C 38 -20.75 16.99 56.08
N THR C 39 -19.75 16.39 55.41
CA THR C 39 -20.00 15.65 54.15
C THR C 39 -20.79 14.37 54.45
N ASN C 40 -20.67 13.84 55.65
CA ASN C 40 -21.60 12.79 56.09
C ASN C 40 -23.07 13.27 56.09
N GLU C 41 -23.32 14.52 56.49
CA GLU C 41 -24.67 15.13 56.41
C GLU C 41 -25.22 15.05 54.98
N TYR C 42 -24.37 15.40 54.04
CA TYR C 42 -24.72 15.38 52.64
C TYR C 42 -24.99 13.96 52.17
N LEU C 43 -24.16 13.03 52.58
CA LEU C 43 -24.31 11.67 52.17
C LEU C 43 -25.52 11.04 52.81
N SER C 44 -25.77 11.42 54.07
CA SER C 44 -26.93 11.01 54.80
C SER C 44 -28.20 11.46 54.11
N ARG C 45 -28.26 12.72 53.69
CA ARG C 45 -29.42 13.18 52.95
C ARG C 45 -29.50 12.45 51.63
N PHE C 46 -28.34 12.31 50.99
CA PHE C 46 -28.27 11.61 49.74
C PHE C 46 -28.88 10.23 49.86
N VAL C 47 -28.45 9.42 50.83
CA VAL C 47 -29.02 8.06 50.94
C VAL C 47 -30.52 7.97 51.31
N GLU C 48 -31.02 8.84 52.20
CA GLU C 48 -32.47 9.00 52.49
C GLU C 48 -33.20 9.09 51.20
N TYR C 49 -32.81 10.07 50.41
CA TYR C 49 -33.43 10.32 49.12
C TYR C 49 -33.45 9.08 48.30
N THR C 51 -33.04 5.87 49.33
CA THR C 51 -33.96 4.94 50.00
C THR C 51 -35.42 5.21 49.54
N GLY C 52 -35.82 6.48 49.54
CA GLY C 52 -37.12 6.88 49.02
C GLY C 52 -37.43 6.44 47.61
N GLU C 53 -36.45 6.50 46.73
CA GLU C 53 -36.65 5.94 45.36
C GLU C 53 -36.70 4.39 45.29
N ARG C 54 -36.47 3.70 46.41
CA ARG C 54 -36.49 2.24 46.45
C ARG C 54 -35.29 1.69 45.74
N LYS C 55 -34.17 2.41 45.71
CA LYS C 55 -33.00 1.83 45.04
C LYS C 55 -32.51 0.71 45.89
N SER C 56 -31.82 -0.25 45.30
CA SER C 56 -31.25 -1.39 46.05
C SER C 56 -30.07 -0.95 46.91
N ARG C 57 -29.90 -1.56 48.06
CA ARG C 57 -28.75 -1.25 48.91
C ARG C 57 -27.40 -1.33 48.15
N TYR C 58 -27.37 -2.16 47.12
CA TYR C 58 -26.21 -2.34 46.31
C TYR C 58 -25.94 -1.07 45.51
N THR C 59 -27.01 -0.53 44.89
CA THR C 59 -26.87 0.68 44.10
C THR C 59 -26.50 1.83 45.01
N ILE C 60 -27.08 1.86 46.20
CA ILE C 60 -26.96 3.00 47.10
C ILE C 60 -25.51 3.08 47.58
N LYS C 61 -24.98 1.98 48.06
CA LYS C 61 -23.59 1.91 48.43
C LYS C 61 -22.70 2.36 47.28
N GLU C 62 -23.03 1.94 46.04
CA GLU C 62 -22.19 2.35 44.92
C GLU C 62 -22.26 3.88 44.69
N TYR C 63 -23.46 4.44 44.65
CA TYR C 63 -23.61 5.85 44.38
C TYR C 63 -22.99 6.69 45.53
N ARG C 64 -23.10 6.18 46.74
CA ARG C 64 -22.57 6.87 47.91
C ARG C 64 -21.06 6.93 47.81
N PHE C 65 -20.50 5.85 47.25
CA PHE C 65 -19.08 5.75 47.15
C PHE C 65 -18.59 6.78 46.15
N LEU C 66 -19.31 6.93 45.06
CA LEU C 66 -18.86 7.83 43.99
C LEU C 66 -19.02 9.26 44.40
N VAL C 67 -20.19 9.60 44.87
CA VAL C 67 -20.37 10.93 45.45
C VAL C 67 -19.42 11.21 46.62
N ASP C 68 -19.03 10.19 47.36
CA ASP C 68 -18.10 10.45 48.48
C ASP C 68 -16.82 10.92 47.87
N GLN C 69 -16.40 10.24 46.84
CA GLN C 69 -15.19 10.67 46.13
C GLN C 69 -15.29 12.06 45.46
N PHE C 70 -16.43 12.35 44.86
CA PHE C 70 -16.68 13.66 44.33
C PHE C 70 -16.44 14.66 45.44
N LEU C 71 -17.09 14.48 46.59
CA LEU C 71 -16.98 15.53 47.62
C LEU C 71 -15.57 15.63 48.12
N SER C 72 -14.87 14.51 48.23
CA SER C 72 -13.48 14.57 48.63
C SER C 72 -12.63 15.36 47.68
N PHE C 73 -12.76 15.06 46.39
CA PHE C 73 -11.99 15.75 45.41
C PHE C 73 -12.31 17.24 45.38
N ASN C 75 -13.84 19.20 47.82
CA ASN C 75 -13.47 19.83 49.05
C ASN C 75 -14.06 21.23 49.18
N LYS C 76 -15.23 21.48 48.59
CA LYS C 76 -16.00 22.72 48.72
C LYS C 76 -17.40 22.29 49.06
N LYS C 77 -18.30 23.23 49.28
CA LYS C 77 -19.70 22.87 49.49
C LYS C 77 -20.31 22.64 48.10
N PRO C 78 -21.27 21.72 47.98
CA PRO C 78 -21.88 21.41 46.69
C PRO C 78 -22.38 22.61 45.90
N ASP C 79 -23.03 23.55 46.55
CA ASP C 79 -23.63 24.74 45.89
C ASP C 79 -22.59 25.80 45.49
N GLU C 80 -21.31 25.56 45.73
CA GLU C 80 -20.24 26.44 45.31
C GLU C 80 -19.43 25.94 44.13
N ILE C 81 -19.83 24.83 43.53
CA ILE C 81 -18.95 24.17 42.58
C ILE C 81 -19.18 24.87 41.29
N THR C 82 -18.09 25.32 40.66
CA THR C 82 -18.13 26.13 39.40
C THR C 82 -18.01 25.29 38.12
N PRO C 83 -18.16 25.91 36.94
CA PRO C 83 -17.95 25.06 35.78
C PRO C 83 -16.54 24.46 35.69
N ASP C 85 -14.40 23.63 38.37
CA ASP C 85 -14.34 22.51 39.33
C ASP C 85 -14.74 21.21 38.63
N ILE C 86 -15.84 21.25 37.90
CA ILE C 86 -16.39 20.09 37.24
C ILE C 86 -15.42 19.55 36.14
N GLU C 87 -14.82 20.45 35.35
CA GLU C 87 -13.83 20.04 34.37
C GLU C 87 -12.64 19.45 35.06
N ARG C 88 -12.31 19.96 36.25
CA ARG C 88 -11.25 19.34 37.04
C ARG C 88 -11.66 17.93 37.51
N TYR C 89 -12.90 17.80 37.93
CA TYR C 89 -13.37 16.51 38.38
C TYR C 89 -13.34 15.50 37.21
N LYS C 90 -13.85 15.91 36.07
CA LYS C 90 -13.88 15.00 34.93
C LYS C 90 -12.48 14.49 34.58
N ASN C 91 -11.52 15.38 34.62
CA ASN C 91 -10.11 15.04 34.44
C ASN C 91 -9.62 14.06 35.52
N PHE C 92 -10.05 14.28 36.76
CA PHE C 92 -9.79 13.35 37.85
C PHE C 92 -10.33 11.96 37.43
N LEU C 93 -11.55 11.92 36.93
CA LEU C 93 -12.12 10.63 36.60
C LEU C 93 -11.38 9.97 35.43
N ALA C 94 -11.19 10.76 34.37
CA ALA C 94 -10.61 10.22 33.15
C ALA C 94 -9.10 10.03 33.19
N VAL C 95 -8.35 10.88 33.87
CA VAL C 95 -6.91 10.77 33.80
C VAL C 95 -6.31 10.16 35.08
N LYS C 96 -6.69 10.64 36.24
CA LYS C 96 -6.09 10.12 37.45
C LYS C 96 -6.63 8.77 37.79
N LYS C 97 -7.95 8.64 37.83
CA LYS C 97 -8.56 7.36 38.14
C LYS C 97 -8.48 6.43 36.91
N ARG C 98 -8.40 7.02 35.71
CA ARG C 98 -8.37 6.30 34.45
C ARG C 98 -9.64 5.44 34.28
N TYR C 99 -10.75 6.02 34.65
CA TYR C 99 -12.01 5.32 34.55
C TYR C 99 -12.31 5.04 33.08
N SER C 100 -13.09 4.02 32.82
CA SER C 100 -13.64 3.83 31.50
C SER C 100 -14.78 4.79 31.34
N LYS C 101 -15.23 4.90 30.11
CA LYS C 101 -16.28 5.81 29.83
C LYS C 101 -17.50 5.37 30.63
N THR C 102 -17.76 4.08 30.66
CA THR C 102 -18.88 3.55 31.44
C THR C 102 -18.81 3.99 32.92
N SER C 103 -17.62 3.93 33.50
CA SER C 103 -17.39 4.32 34.90
C SER C 103 -17.56 5.86 35.11
N GLN C 104 -17.19 6.64 34.10
CA GLN C 104 -17.35 8.07 34.15
C GLN C 104 -18.80 8.43 34.16
N TYR C 105 -19.57 7.80 33.27
CA TYR C 105 -21.00 8.13 33.11
C TYR C 105 -21.72 7.80 34.36
N LEU C 106 -21.44 6.65 34.93
CA LEU C 106 -22.00 6.26 36.21
C LEU C 106 -21.75 7.28 37.32
N ALA C 107 -20.50 7.68 37.50
CA ALA C 107 -20.14 8.67 38.52
C ALA C 107 -20.91 9.93 38.28
N ILE C 108 -20.96 10.33 37.05
CA ILE C 108 -21.66 11.57 36.68
C ILE C 108 -23.14 11.47 36.98
N LYS C 109 -23.69 10.32 36.68
CA LYS C 109 -25.09 10.01 36.96
C LYS C 109 -25.40 10.09 38.46
N ALA C 110 -24.46 9.62 39.28
CA ALA C 110 -24.63 9.66 40.73
C ALA C 110 -24.52 11.06 41.29
N VAL C 111 -23.56 11.82 40.77
CA VAL C 111 -23.40 13.19 41.18
C VAL C 111 -24.64 13.99 40.80
N LYS C 112 -25.23 13.73 39.64
CA LYS C 112 -26.43 14.51 39.28
C LYS C 112 -27.58 14.26 40.28
N LEU C 113 -27.88 12.97 40.52
CA LEU C 113 -28.89 12.51 41.47
C LEU C 113 -28.63 13.14 42.85
N PHE C 114 -27.37 13.22 43.18
CA PHE C 114 -26.96 13.89 44.37
C PHE C 114 -27.46 15.34 44.39
N TYR C 115 -27.31 16.06 43.30
CA TYR C 115 -27.73 17.47 43.32
C TYR C 115 -29.25 17.55 43.39
N LYS C 116 -29.89 16.62 42.70
CA LYS C 116 -31.32 16.54 42.78
C LYS C 116 -31.76 16.23 44.23
N ALA C 117 -31.03 15.33 44.91
CA ALA C 117 -31.40 14.89 46.26
C ALA C 117 -31.31 16.04 47.21
N LEU C 118 -30.44 16.98 46.89
CA LEU C 118 -30.25 18.16 47.72
C LEU C 118 -31.00 19.38 47.20
N ASP C 119 -31.84 19.23 46.18
CA ASP C 119 -32.54 20.34 45.59
C ASP C 119 -31.58 21.50 45.24
N LEU C 120 -30.37 21.22 44.76
CA LEU C 120 -29.44 22.28 44.30
C LEU C 120 -29.34 22.24 42.77
N ARG C 121 -29.19 23.41 42.13
CA ARG C 121 -29.11 23.51 40.64
C ARG C 121 -27.98 22.61 40.23
N VAL C 122 -28.25 21.64 39.37
CA VAL C 122 -27.19 20.76 38.99
C VAL C 122 -26.22 21.48 38.05
N PRO C 123 -24.94 21.64 38.42
CA PRO C 123 -23.93 22.22 37.50
C PRO C 123 -24.02 21.81 36.01
N ILE C 124 -24.13 22.82 35.15
CA ILE C 124 -24.42 22.68 33.73
C ILE C 124 -23.38 21.88 32.92
N ASN C 125 -22.12 21.91 33.38
CA ASN C 125 -21.02 21.13 32.78
C ASN C 125 -21.06 19.60 33.04
N LEU C 126 -22.06 19.10 33.76
CA LEU C 126 -22.16 17.65 33.96
C LEU C 126 -22.97 17.07 32.83
N THR C 127 -23.83 17.89 32.25
CA THR C 127 -24.57 17.54 31.04
C THR C 127 -24.03 18.34 29.85
N PRO C 128 -22.84 17.95 29.32
CA PRO C 128 -22.40 18.57 28.05
C PRO C 128 -23.23 18.06 26.87
N PRO C 129 -23.22 18.81 25.75
CA PRO C 129 -24.02 18.36 24.61
C PRO C 129 -23.39 17.11 23.95
N LYS C 130 -24.15 16.39 23.12
CA LYS C 130 -23.65 15.15 22.51
C LYS C 130 -22.62 15.40 21.39
N ARG C 131 -22.07 14.30 20.85
CA ARG C 131 -21.16 14.36 19.70
C ARG C 131 -21.88 14.74 18.41
N PRO C 132 -21.17 15.39 17.45
CA PRO C 132 -21.75 15.47 16.13
C PRO C 132 -22.15 14.09 15.59
N SER C 133 -23.47 13.86 15.49
CA SER C 133 -24.08 12.68 14.88
C SER C 133 -25.48 12.99 14.31
N HIS C 134 -25.52 13.91 13.35
CA HIS C 134 -26.73 14.25 12.61
C HIS C 134 -26.76 13.41 11.33
N PRO C 136 -26.56 10.29 8.55
CA PRO C 136 -26.95 8.88 8.34
C PRO C 136 -26.04 7.79 8.95
N VAL C 137 -26.64 6.86 9.69
CA VAL C 137 -25.87 5.77 10.28
C VAL C 137 -25.86 4.56 9.35
N TYR C 138 -24.77 3.79 9.42
CA TYR C 138 -24.58 2.57 8.60
C TYR C 138 -23.93 1.45 9.42
N LEU C 139 -23.88 0.25 8.89
CA LEU C 139 -23.45 -0.90 9.64
C LEU C 139 -21.94 -1.01 9.80
N SER C 140 -21.48 -1.48 10.95
CA SER C 140 -20.06 -1.82 11.10
C SER C 140 -19.78 -2.95 10.14
N GLU C 141 -18.53 -3.08 9.72
CA GLU C 141 -18.13 -4.27 8.97
C GLU C 141 -18.56 -5.60 9.67
N ASP C 142 -18.65 -5.62 11.00
CA ASP C 142 -19.10 -6.82 11.70
C ASP C 142 -20.58 -7.04 11.55
N GLU C 143 -21.35 -5.99 11.86
CA GLU C 143 -22.81 -6.01 11.80
C GLU C 143 -23.30 -6.47 10.42
N ALA C 144 -22.48 -6.28 9.38
CA ALA C 144 -22.82 -6.66 8.03
C ALA C 144 -22.59 -8.12 7.87
N LYS C 145 -21.47 -8.56 8.43
CA LYS C 145 -21.08 -9.95 8.35
C LYS C 145 -22.17 -10.73 9.02
N ARG C 146 -22.73 -10.18 10.08
CA ARG C 146 -23.81 -10.85 10.79
C ARG C 146 -25.16 -10.80 10.07
N LEU C 147 -25.47 -9.66 9.45
CA LEU C 147 -26.67 -9.54 8.67
C LEU C 147 -26.62 -10.50 7.47
N ILE C 148 -25.43 -10.64 6.86
CA ILE C 148 -25.30 -11.52 5.72
C ILE C 148 -25.41 -12.99 6.15
N GLU C 149 -24.74 -13.31 7.24
CA GLU C 149 -24.81 -14.67 7.77
C GLU C 149 -26.27 -14.97 8.23
N ALA C 150 -26.91 -14.01 8.86
CA ALA C 150 -28.30 -14.23 9.27
C ALA C 150 -29.26 -14.65 8.14
N ALA C 151 -28.82 -14.59 6.89
CA ALA C 151 -29.61 -15.02 5.75
C ALA C 151 -29.12 -16.33 5.10
N SER C 152 -28.01 -16.88 5.56
CA SER C 152 -27.45 -18.18 5.08
C SER C 152 -28.42 -19.32 4.82
N SER C 153 -29.50 -19.39 5.59
CA SER C 153 -30.39 -20.56 5.48
C SER C 153 -31.48 -20.42 4.43
N ASP C 154 -31.56 -19.23 3.82
CA ASP C 154 -32.50 -18.95 2.75
C ASP C 154 -31.67 -18.57 1.53
N THR C 155 -31.72 -19.40 0.51
CA THR C 155 -30.94 -19.19 -0.74
C THR C 155 -31.28 -17.88 -1.39
N ARG C 156 -32.57 -17.57 -1.54
CA ARG C 156 -32.94 -16.28 -2.09
C ARG C 156 -32.47 -15.11 -1.28
N TYR C 158 -30.12 -14.91 0.97
CA TYR C 158 -28.66 -14.87 1.00
C TYR C 158 -28.13 -14.21 -0.26
N ALA C 159 -28.73 -14.56 -1.39
CA ALA C 159 -28.33 -14.02 -2.67
C ALA C 159 -28.69 -12.57 -2.77
N ILE C 160 -29.90 -12.19 -2.36
CA ILE C 160 -30.36 -10.80 -2.52
C ILE C 160 -29.50 -9.83 -1.75
N VAL C 161 -29.19 -10.21 -0.52
CA VAL C 161 -28.41 -9.42 0.40
C VAL C 161 -26.97 -9.38 0.01
N SER C 162 -26.48 -10.44 -0.54
CA SER C 162 -25.10 -10.45 -0.94
C SER C 162 -24.93 -9.50 -2.09
N VAL C 163 -25.86 -9.54 -3.02
CA VAL C 163 -25.81 -8.64 -4.18
C VAL C 163 -25.85 -7.15 -3.79
N LEU C 164 -26.75 -6.77 -2.89
CA LEU C 164 -26.78 -5.39 -2.41
C LEU C 164 -25.49 -5.03 -1.68
N ALA C 165 -25.02 -5.93 -0.85
CA ALA C 165 -23.88 -5.62 -0.01
C ALA C 165 -22.57 -5.58 -0.76
N TYR C 166 -22.45 -6.39 -1.79
CA TYR C 166 -21.22 -6.44 -2.58
C TYR C 166 -21.24 -5.64 -3.89
N THR C 167 -22.40 -5.30 -4.46
CA THR C 167 -22.38 -4.51 -5.69
C THR C 167 -22.72 -3.04 -5.52
N GLY C 168 -23.49 -2.67 -4.50
CA GLY C 168 -23.82 -1.29 -4.32
C GLY C 168 -24.99 -0.86 -5.18
N VAL C 169 -25.60 -1.78 -5.94
CA VAL C 169 -26.77 -1.43 -6.75
C VAL C 169 -27.99 -0.99 -5.92
N ARG C 170 -28.86 -0.26 -6.60
CA ARG C 170 -30.08 0.25 -6.04
C ARG C 170 -31.19 -0.83 -6.01
N VAL C 171 -32.17 -0.62 -5.18
CA VAL C 171 -33.14 -1.65 -4.97
C VAL C 171 -33.94 -1.87 -6.23
N GLY C 172 -34.31 -0.79 -6.91
CA GLY C 172 -34.96 -0.88 -8.22
C GLY C 172 -34.11 -1.50 -9.33
N GLU C 173 -32.81 -1.32 -9.27
CA GLU C 173 -31.93 -1.99 -10.22
C GLU C 173 -31.96 -3.52 -9.97
N LEU C 174 -31.99 -3.90 -8.69
CA LEU C 174 -32.02 -5.28 -8.33
C LEU C 174 -33.31 -5.97 -8.68
N CYS C 175 -34.41 -5.30 -8.52
CA CYS C 175 -35.69 -5.89 -8.96
C CYS C 175 -35.74 -6.04 -10.47
N ASN C 176 -35.10 -5.15 -11.22
CA ASN C 176 -35.15 -5.27 -12.67
C ASN C 176 -34.15 -6.22 -13.34
N LEU C 177 -33.15 -6.68 -12.59
CA LEU C 177 -32.16 -7.60 -13.18
C LEU C 177 -32.79 -8.82 -13.85
N LYS C 178 -32.32 -9.11 -15.04
CA LYS C 178 -32.68 -10.38 -15.67
C LYS C 178 -31.58 -11.42 -15.39
N ILE C 179 -31.94 -12.68 -15.49
CA ILE C 179 -30.97 -13.77 -15.38
C ILE C 179 -29.80 -13.53 -16.33
N SER C 180 -30.04 -13.33 -17.61
CA SER C 180 -28.93 -13.04 -18.54
C SER C 180 -28.00 -11.83 -18.20
N ASP C 181 -28.45 -10.94 -17.31
CA ASP C 181 -27.60 -9.85 -16.85
C ASP C 181 -26.47 -10.33 -15.99
N VAL C 182 -26.58 -11.54 -15.44
CA VAL C 182 -25.55 -12.08 -14.58
C VAL C 182 -24.53 -12.86 -15.41
N ASP C 183 -23.25 -12.71 -15.10
CA ASP C 183 -22.17 -13.44 -15.70
C ASP C 183 -21.31 -13.83 -14.50
N LEU C 184 -21.63 -15.02 -13.98
CA LEU C 184 -20.96 -15.57 -12.83
C LEU C 184 -19.49 -15.74 -13.04
N GLN C 185 -19.14 -16.29 -14.20
CA GLN C 185 -17.75 -16.65 -14.44
C GLN C 185 -16.88 -15.42 -14.65
N GLU C 186 -17.45 -14.25 -14.89
CA GLU C 186 -16.65 -13.02 -14.97
C GLU C 186 -16.80 -12.16 -13.72
N SER C 187 -17.63 -12.59 -12.79
CA SER C 187 -18.04 -11.79 -11.62
C SER C 187 -18.66 -10.42 -11.93
N ILE C 188 -19.50 -10.34 -12.95
CA ILE C 188 -20.05 -9.11 -13.41
C ILE C 188 -21.55 -9.19 -13.45
N ILE C 189 -22.23 -8.05 -13.26
CA ILE C 189 -23.66 -7.92 -13.47
C ILE C 189 -23.94 -6.74 -14.37
N ASN C 190 -24.88 -6.90 -15.30
CA ASN C 190 -25.27 -5.79 -16.17
C ASN C 190 -26.43 -5.05 -15.57
N VAL C 191 -26.25 -3.76 -15.41
CA VAL C 191 -27.30 -2.98 -14.81
C VAL C 191 -27.78 -2.06 -15.86
N ARG C 192 -28.97 -2.27 -16.38
CA ARG C 192 -29.40 -1.41 -17.46
C ARG C 192 -30.67 -0.59 -17.26
N SER C 193 -30.55 0.72 -17.53
CA SER C 193 -31.64 1.67 -17.36
C SER C 193 -31.21 3.02 -17.94
N ASP C 197 -27.42 6.91 -22.04
CA ASP C 197 -27.78 5.81 -21.14
C ASP C 197 -27.07 5.78 -19.73
N LYS C 198 -27.78 5.28 -18.72
CA LYS C 198 -27.26 5.16 -17.34
C LYS C 198 -26.86 3.69 -17.04
N ASP C 199 -26.73 2.95 -18.13
CA ASP C 199 -26.32 1.58 -18.07
C ASP C 199 -24.92 1.44 -17.55
N ARG C 200 -24.66 0.51 -16.63
CA ARG C 200 -23.28 0.23 -16.24
C ARG C 200 -23.16 -1.21 -15.87
N ILE C 201 -21.94 -1.67 -15.68
CA ILE C 201 -21.69 -2.93 -15.03
C ILE C 201 -21.28 -2.75 -13.57
N VAL C 202 -21.47 -3.81 -12.79
CA VAL C 202 -21.05 -3.84 -11.41
C VAL C 202 -20.32 -5.14 -11.13
N ILE C 203 -19.47 -5.12 -10.11
CA ILE C 203 -18.58 -6.24 -9.88
C ILE C 203 -19.04 -6.99 -8.66
N ALA C 205 -17.71 -9.60 -5.56
CA ALA C 205 -16.82 -10.42 -4.77
C ALA C 205 -17.15 -11.90 -4.93
N GLU C 206 -16.10 -12.72 -4.87
CA GLU C 206 -16.17 -14.20 -4.95
C GLU C 206 -17.28 -14.82 -4.12
N GLU C 207 -17.58 -14.26 -2.96
CA GLU C 207 -18.62 -14.85 -2.15
C GLU C 207 -20.04 -14.46 -2.64
N CYS C 208 -20.13 -13.37 -3.39
CA CYS C 208 -21.39 -12.97 -3.95
C CYS C 208 -21.65 -13.88 -5.14
N VAL C 209 -20.63 -14.06 -5.97
CA VAL C 209 -20.70 -15.01 -7.05
C VAL C 209 -21.26 -16.38 -6.57
N LYS C 210 -20.70 -16.87 -5.47
CA LYS C 210 -21.08 -18.17 -4.97
C LYS C 210 -22.50 -18.12 -4.45
N ALA C 211 -22.85 -17.02 -3.83
CA ALA C 211 -24.17 -16.93 -3.21
C ALA C 211 -25.24 -16.86 -4.30
N LEU C 212 -25.00 -16.04 -5.30
CA LEU C 212 -25.95 -15.89 -6.37
C LEU C 212 -25.95 -17.14 -7.23
N GLY C 213 -24.78 -17.73 -7.40
CA GLY C 213 -24.67 -19.03 -8.08
C GLY C 213 -25.63 -20.01 -7.44
N SER C 214 -25.66 -20.04 -6.11
CA SER C 214 -26.54 -20.98 -5.48
C SER C 214 -27.97 -20.67 -5.73
N TYR C 215 -28.35 -19.40 -5.74
CA TYR C 215 -29.76 -19.07 -5.97
C TYR C 215 -30.15 -19.37 -7.41
N LEU C 216 -29.20 -19.18 -8.32
CA LEU C 216 -29.47 -19.41 -9.72
C LEU C 216 -29.93 -20.82 -9.95
N ASP C 217 -29.21 -21.77 -9.36
CA ASP C 217 -29.53 -23.20 -9.49
C ASP C 217 -30.95 -23.48 -9.16
N LEU C 218 -31.47 -22.81 -8.14
CA LEU C 218 -32.87 -22.95 -7.77
C LEU C 218 -33.79 -22.22 -8.73
N ARG C 219 -33.34 -21.03 -9.12
CA ARG C 219 -34.11 -20.15 -10.04
C ARG C 219 -34.28 -20.78 -11.43
N LEU C 220 -33.23 -21.45 -11.90
CA LEU C 220 -33.22 -21.97 -13.25
C LEU C 220 -34.22 -23.10 -13.40
N SER C 221 -34.56 -23.77 -12.32
CA SER C 221 -35.48 -24.88 -12.40
C SER C 221 -36.92 -24.43 -12.26
N ASP C 223 -40.45 -22.63 -13.63
CA ASP C 223 -41.08 -22.34 -14.93
C ASP C 223 -42.00 -21.11 -14.83
N THR C 224 -41.33 -20.01 -14.56
CA THR C 224 -41.88 -18.69 -14.51
C THR C 224 -42.20 -18.18 -15.91
N ASP C 225 -43.16 -17.27 -15.98
CA ASP C 225 -43.45 -16.53 -17.20
C ASP C 225 -42.52 -15.34 -17.39
N ASN C 226 -41.40 -15.29 -16.70
CA ASN C 226 -40.46 -14.19 -16.86
C ASN C 226 -39.04 -14.71 -16.67
N ASP C 227 -38.06 -13.87 -16.95
CA ASP C 227 -36.64 -14.21 -16.81
C ASP C 227 -35.99 -13.27 -15.78
N TYR C 228 -36.80 -12.68 -14.91
CA TYR C 228 -36.29 -11.83 -13.87
C TYR C 228 -35.37 -12.63 -12.95
N LEU C 229 -34.19 -12.12 -12.64
CA LEU C 229 -33.25 -12.89 -11.86
C LEU C 229 -33.82 -13.28 -10.46
N PHE C 230 -34.26 -12.29 -9.69
CA PHE C 230 -34.89 -12.52 -8.43
C PHE C 230 -36.39 -12.50 -8.57
N VAL C 231 -37.05 -13.41 -7.91
CA VAL C 231 -38.42 -13.65 -8.16
C VAL C 231 -39.11 -13.88 -6.81
N SER C 232 -40.34 -13.43 -6.70
CA SER C 232 -41.05 -13.48 -5.45
C SER C 232 -41.68 -14.85 -5.25
N ASN C 233 -42.35 -15.05 -4.10
CA ASN C 233 -43.06 -16.28 -3.80
C ASN C 233 -44.14 -16.62 -4.78
N ARG C 234 -44.67 -15.61 -5.46
CA ARG C 234 -45.59 -15.81 -6.57
C ARG C 234 -44.90 -15.92 -7.92
N ARG C 235 -43.57 -16.00 -7.87
CA ARG C 235 -42.75 -16.18 -9.03
C ARG C 235 -42.82 -15.02 -10.02
N VAL C 236 -42.68 -13.82 -9.50
CA VAL C 236 -42.91 -12.65 -10.31
C VAL C 236 -41.97 -11.50 -9.84
N ARG C 237 -41.71 -10.49 -10.67
CA ARG C 237 -40.79 -9.40 -10.27
C ARG C 237 -41.10 -8.82 -8.87
N PHE C 238 -40.08 -8.55 -8.05
CA PHE C 238 -40.25 -7.96 -6.72
C PHE C 238 -40.56 -6.45 -6.80
N ASP C 239 -41.49 -5.97 -5.97
CA ASP C 239 -41.59 -4.52 -5.75
C ASP C 239 -40.45 -4.07 -4.83
N THR C 240 -40.04 -2.83 -4.99
CA THR C 240 -38.96 -2.34 -4.17
C THR C 240 -39.42 -2.38 -2.71
N SER C 241 -40.68 -2.09 -2.42
CA SER C 241 -41.16 -2.17 -1.05
C SER C 241 -40.94 -3.56 -0.45
N THR C 242 -41.15 -4.59 -1.24
CA THR C 242 -41.07 -5.92 -0.72
C THR C 242 -39.65 -6.28 -0.31
N ILE C 243 -38.69 -5.89 -1.12
CA ILE C 243 -37.29 -6.10 -0.81
C ILE C 243 -36.92 -5.30 0.40
N GLU C 244 -37.51 -4.12 0.53
CA GLU C 244 -37.26 -3.31 1.72
C GLU C 244 -37.75 -4.01 3.00
N ARG C 245 -38.94 -4.61 3.03
CA ARG C 245 -39.29 -5.39 4.25
C ARG C 245 -38.34 -6.57 4.51
N ILE C 247 -35.20 -6.76 3.85
CA ILE C 247 -33.97 -6.23 4.42
C ILE C 247 -34.21 -5.77 5.87
N ARG C 248 -35.32 -5.10 6.12
CA ARG C 248 -35.61 -4.60 7.47
C ARG C 248 -35.71 -5.81 8.41
N ASP C 249 -36.52 -6.79 7.99
CA ASP C 249 -36.74 -7.98 8.78
C ASP C 249 -35.46 -8.79 8.94
N LEU C 250 -34.62 -8.91 7.93
CA LEU C 250 -33.36 -9.62 8.13
C LEU C 250 -32.50 -8.89 9.14
N GLY C 251 -32.62 -7.56 9.15
CA GLY C 251 -31.95 -6.75 10.16
C GLY C 251 -32.32 -7.24 11.55
N LYS C 252 -33.61 -7.25 11.84
CA LYS C 252 -34.04 -7.70 13.16
C LYS C 252 -33.51 -9.10 13.41
N LYS C 253 -33.79 -9.99 12.48
CA LYS C 253 -33.35 -11.38 12.57
C LYS C 253 -31.92 -11.53 13.06
N ALA C 254 -31.01 -10.61 12.69
CA ALA C 254 -29.57 -10.74 13.07
C ALA C 254 -29.16 -10.00 14.36
N GLY C 255 -30.11 -9.27 14.95
CA GLY C 255 -29.93 -8.67 16.28
C GLY C 255 -29.22 -7.35 16.14
N ILE C 256 -29.68 -6.53 15.20
CA ILE C 256 -29.02 -5.27 14.91
C ILE C 256 -30.03 -4.20 15.24
N GLN C 257 -29.63 -3.20 16.02
CA GLN C 257 -30.60 -2.21 16.50
C GLN C 257 -30.88 -1.21 15.43
N LYS C 258 -29.82 -0.85 14.73
CA LYS C 258 -29.97 0.05 13.60
C LYS C 258 -31.02 -0.50 12.64
N LYS C 259 -31.84 0.42 12.16
CA LYS C 259 -32.75 0.14 11.07
C LYS C 259 -31.88 -0.16 9.84
N VAL C 260 -32.08 -1.33 9.24
CA VAL C 260 -31.31 -1.75 8.06
C VAL C 260 -32.13 -1.55 6.80
N THR C 261 -31.58 -0.73 5.90
CA THR C 261 -32.22 -0.44 4.62
C THR C 261 -31.23 -0.65 3.46
N PRO C 262 -31.73 -0.67 2.22
CA PRO C 262 -30.90 -0.68 1.04
C PRO C 262 -29.91 0.50 1.00
N HIS C 263 -30.38 1.68 1.34
CA HIS C 263 -29.49 2.85 1.40
C HIS C 263 -28.39 2.65 2.49
N VAL C 264 -28.77 2.10 3.63
CA VAL C 264 -27.82 1.78 4.64
C VAL C 264 -26.79 0.78 4.12
N LEU C 265 -27.24 -0.26 3.44
CA LEU C 265 -26.30 -1.25 2.89
C LEU C 265 -25.37 -0.65 1.89
N ARG C 266 -25.87 0.25 1.07
CA ARG C 266 -25.04 0.85 0.07
C ARG C 266 -23.99 1.73 0.75
N HIS C 267 -24.40 2.45 1.77
CA HIS C 267 -23.47 3.27 2.58
C HIS C 267 -22.39 2.39 3.17
N THR C 268 -22.83 1.28 3.71
CA THR C 268 -21.91 0.32 4.24
C THR C 268 -20.85 -0.14 3.22
N PHE C 269 -21.34 -0.47 2.02
CA PHE C 269 -20.52 -0.94 0.92
C PHE C 269 -19.55 0.11 0.48
N ALA C 270 -20.04 1.31 0.19
CA ALA C 270 -19.18 2.38 -0.33
C ALA C 270 -18.14 2.80 0.67
N THR C 271 -18.48 2.92 1.94
CA THR C 271 -17.44 3.30 2.91
C THR C 271 -16.42 2.19 3.10
N SER C 272 -16.89 0.95 2.99
CA SER C 272 -16.01 -0.20 3.06
C SER C 272 -14.99 -0.20 1.91
N VAL C 273 -15.42 0.22 0.72
CA VAL C 273 -14.47 0.34 -0.36
C VAL C 273 -13.48 1.51 -0.14
N LEU C 274 -14.00 2.64 0.29
CA LEU C 274 -13.13 3.74 0.61
C LEU C 274 -12.05 3.34 1.62
N ARG C 275 -12.46 2.61 2.66
CA ARG C 275 -11.53 2.17 3.70
C ARG C 275 -10.53 1.12 3.24
N ASN C 276 -10.82 0.43 2.14
CA ASN C 276 -9.85 -0.46 1.48
C ASN C 276 -9.15 0.23 0.30
N GLY C 277 -8.95 1.53 0.35
CA GLY C 277 -8.11 2.23 -0.63
C GLY C 277 -8.76 2.58 -1.99
N GLY C 278 -10.06 2.33 -2.14
CA GLY C 278 -10.76 2.77 -3.34
C GLY C 278 -10.93 4.29 -3.46
N ASP C 279 -10.60 4.85 -4.62
CA ASP C 279 -10.69 6.30 -4.83
C ASP C 279 -12.13 6.65 -4.99
N ILE C 280 -12.51 7.81 -4.47
CA ILE C 280 -13.93 8.24 -4.51
C ILE C 280 -14.53 8.14 -5.92
N ARG C 281 -13.76 8.53 -6.92
CA ARG C 281 -14.25 8.60 -8.28
C ARG C 281 -14.52 7.17 -8.83
N PHE C 282 -13.66 6.23 -8.49
CA PHE C 282 -13.89 4.84 -8.84
C PHE C 282 -15.18 4.37 -8.16
N ILE C 283 -15.33 4.72 -6.88
CA ILE C 283 -16.57 4.41 -6.18
C ILE C 283 -17.73 5.03 -6.90
N GLN C 284 -17.53 6.26 -7.38
CA GLN C 284 -18.58 6.99 -8.10
C GLN C 284 -19.04 6.15 -9.29
N GLN C 285 -18.10 5.51 -9.97
CA GLN C 285 -18.40 4.73 -11.22
C GLN C 285 -19.19 3.50 -10.96
N ILE C 286 -18.72 2.76 -9.97
CA ILE C 286 -19.40 1.56 -9.49
C ILE C 286 -20.85 1.84 -9.10
N LEU C 287 -21.11 2.96 -8.46
CA LEU C 287 -22.48 3.17 -8.00
C LEU C 287 -23.32 3.79 -9.06
N GLY C 288 -22.70 4.29 -10.12
CA GLY C 288 -23.45 4.91 -11.20
C GLY C 288 -23.98 6.27 -10.84
N HIS C 289 -23.12 7.14 -10.31
CA HIS C 289 -23.49 8.51 -9.96
C HIS C 289 -22.91 9.51 -10.97
N ALA C 290 -23.77 10.31 -11.57
CA ALA C 290 -23.36 11.42 -12.47
C ALA C 290 -22.46 12.45 -11.80
N SER C 291 -22.68 12.68 -10.52
CA SER C 291 -21.99 13.70 -9.76
C SER C 291 -21.35 13.08 -8.50
N VAL C 292 -20.13 13.50 -8.16
CA VAL C 292 -19.47 12.98 -6.97
C VAL C 292 -20.13 13.45 -5.66
N ALA C 293 -20.92 14.51 -5.75
CA ALA C 293 -21.68 14.99 -4.60
C ALA C 293 -22.69 13.93 -4.13
N THR C 294 -23.24 13.19 -5.08
CA THR C 294 -24.15 12.19 -4.65
C THR C 294 -23.37 11.03 -3.99
N THR C 295 -22.18 10.74 -4.48
CA THR C 295 -21.32 9.73 -3.88
C THR C 295 -20.85 10.09 -2.46
N GLN C 296 -20.67 11.37 -2.20
CA GLN C 296 -20.25 11.81 -0.86
C GLN C 296 -21.23 11.27 0.14
N ILE C 297 -22.52 11.32 -0.16
CA ILE C 297 -23.53 10.89 0.81
C ILE C 297 -23.27 9.49 1.41
N TYR C 298 -22.85 8.57 0.54
CA TYR C 298 -22.61 7.16 0.84
C TYR C 298 -21.22 6.87 1.40
N THR C 299 -20.36 7.87 1.45
CA THR C 299 -18.98 7.62 1.85
C THR C 299 -18.60 8.43 3.08
N HIS C 300 -19.61 8.97 3.75
CA HIS C 300 -19.45 9.63 5.05
C HIS C 300 -19.06 8.58 6.08
N LEU C 301 -17.86 8.73 6.62
CA LEU C 301 -17.32 7.82 7.61
C LEU C 301 -17.81 8.10 9.03
N ASN C 302 -18.16 7.05 9.74
CA ASN C 302 -18.50 7.13 11.14
C ASN C 302 -17.25 7.48 11.96
N ASP C 303 -17.40 7.78 13.24
CA ASP C 303 -16.29 8.30 14.04
C ASP C 303 -15.14 7.34 14.16
N SER C 304 -15.46 6.09 14.29
CA SER C 304 -14.44 5.08 14.47
C SER C 304 -13.53 4.99 13.19
N ALA C 305 -14.17 4.94 12.02
CA ALA C 305 -13.45 4.73 10.77
C ALA C 305 -12.72 5.96 10.33
N LEU C 306 -13.31 7.13 10.59
CA LEU C 306 -12.57 8.38 10.49
C LEU C 306 -11.23 8.26 11.14
N ARG C 307 -11.27 7.94 12.45
CA ARG C 307 -10.07 7.90 13.25
C ARG C 307 -9.07 6.92 12.66
N GLU C 308 -9.55 5.77 12.19
CA GLU C 308 -8.64 4.76 11.64
C GLU C 308 -7.95 5.25 10.38
N TYR C 310 -7.52 8.36 9.58
CA TYR C 310 -6.58 9.41 9.88
C TYR C 310 -5.30 8.77 10.31
N THR C 311 -5.39 7.73 11.12
CA THR C 311 -4.17 7.10 11.57
C THR C 311 -3.40 6.64 10.35
N GLN C 312 -4.10 5.98 9.45
CA GLN C 312 -3.45 5.45 8.28
C GLN C 312 -2.83 6.47 7.33
N HIS C 313 -3.42 7.66 7.24
CA HIS C 313 -2.95 8.70 6.32
C HIS C 313 -2.55 10.02 7.00
N ARG C 314 -2.20 9.96 8.28
CA ARG C 314 -1.92 11.18 9.05
C ARG C 314 -0.88 12.09 8.44
N PRO C 315 -0.96 13.39 8.71
CA PRO C 315 0.15 14.23 8.25
C PRO C 315 1.48 13.74 8.83
N ARG C 316 2.55 13.85 8.11
CA ARG C 316 3.81 13.31 8.58
C ARG C 316 4.75 14.40 9.10
N TYR C 317 4.46 14.97 10.24
CA TYR C 317 5.38 15.91 10.85
C TYR C 317 5.17 15.89 12.35
N ASN D 40 -12.54 -42.44 -41.22
CA ASN D 40 -13.90 -42.91 -41.62
C ASN D 40 -14.16 -44.32 -41.07
N GLU D 41 -13.28 -45.23 -41.48
CA GLU D 41 -13.17 -46.58 -40.94
C GLU D 41 -12.63 -46.48 -39.53
N TYR D 42 -11.58 -45.68 -39.43
CA TYR D 42 -10.92 -45.40 -38.19
C TYR D 42 -11.94 -44.95 -37.14
N LEU D 43 -12.83 -44.06 -37.57
CA LEU D 43 -13.94 -43.55 -36.76
C LEU D 43 -14.91 -44.67 -36.34
N SER D 44 -15.34 -45.47 -37.32
CA SER D 44 -16.27 -46.56 -36.99
C SER D 44 -15.71 -47.53 -35.97
N ARG D 45 -14.42 -47.86 -36.09
CA ARG D 45 -13.74 -48.72 -35.13
C ARG D 45 -13.77 -48.15 -33.69
N PHE D 46 -13.59 -46.82 -33.59
CA PHE D 46 -13.75 -46.10 -32.34
C PHE D 46 -15.14 -46.34 -31.74
N VAL D 47 -16.17 -46.07 -32.53
CA VAL D 47 -17.53 -46.12 -32.01
C VAL D 47 -17.82 -47.56 -31.72
N GLU D 48 -17.23 -48.43 -32.54
CA GLU D 48 -17.28 -49.86 -32.26
C GLU D 48 -16.72 -50.14 -30.87
N TYR D 49 -15.51 -49.66 -30.61
CA TYR D 49 -14.85 -49.94 -29.33
C TYR D 49 -15.62 -49.34 -28.18
N THR D 51 -18.99 -48.43 -27.85
CA THR D 51 -20.23 -49.19 -27.60
C THR D 51 -19.89 -50.46 -26.82
N GLY D 52 -18.94 -51.21 -27.38
CA GLY D 52 -18.36 -52.36 -26.73
C GLY D 52 -18.16 -52.11 -25.25
N GLU D 53 -17.66 -50.94 -24.89
CA GLU D 53 -17.38 -50.67 -23.48
C GLU D 53 -18.54 -49.95 -22.77
N ARG D 54 -19.70 -49.88 -23.43
CA ARG D 54 -20.92 -49.36 -22.79
C ARG D 54 -20.85 -47.89 -22.42
N LYS D 55 -20.65 -47.01 -23.40
CA LYS D 55 -20.73 -45.55 -23.17
C LYS D 55 -22.08 -45.09 -23.69
N SER D 56 -22.69 -44.11 -23.03
CA SER D 56 -23.98 -43.55 -23.45
C SER D 56 -23.92 -43.04 -24.89
N ARG D 57 -25.03 -43.14 -25.61
CA ARG D 57 -25.10 -42.67 -27.00
C ARG D 57 -24.71 -41.16 -27.11
N TYR D 58 -24.81 -40.44 -26.01
CA TYR D 58 -24.44 -39.04 -25.99
C TYR D 58 -22.92 -38.94 -25.96
N THR D 59 -22.33 -39.56 -24.95
CA THR D 59 -20.89 -39.58 -24.78
C THR D 59 -20.19 -39.92 -26.06
N ILE D 60 -20.64 -40.97 -26.72
CA ILE D 60 -20.00 -41.47 -27.90
C ILE D 60 -20.11 -40.45 -29.02
N LYS D 61 -21.29 -39.91 -29.27
CA LYS D 61 -21.44 -38.89 -30.30
C LYS D 61 -20.41 -37.76 -30.13
N GLU D 62 -20.25 -37.30 -28.90
CA GLU D 62 -19.35 -36.19 -28.64
C GLU D 62 -17.91 -36.65 -28.80
N TYR D 63 -17.53 -37.77 -28.17
CA TYR D 63 -16.18 -38.31 -28.34
C TYR D 63 -15.85 -38.42 -29.78
N ARG D 64 -16.79 -38.94 -30.55
CA ARG D 64 -16.55 -39.13 -31.95
C ARG D 64 -16.32 -37.81 -32.68
N PHE D 65 -17.14 -36.84 -32.33
CA PHE D 65 -17.06 -35.57 -33.02
C PHE D 65 -15.71 -35.00 -32.75
N LEU D 66 -15.29 -35.11 -31.50
CA LEU D 66 -14.03 -34.54 -31.06
C LEU D 66 -12.86 -35.08 -31.85
N VAL D 67 -12.87 -36.40 -32.00
CA VAL D 67 -11.82 -37.10 -32.75
C VAL D 67 -11.84 -36.81 -34.22
N ASP D 68 -13.02 -36.81 -34.83
CA ASP D 68 -13.11 -36.40 -36.22
C ASP D 68 -12.32 -35.12 -36.46
N GLN D 69 -12.62 -34.08 -35.68
CA GLN D 69 -11.94 -32.77 -35.84
C GLN D 69 -10.45 -32.84 -35.63
N PHE D 70 -10.03 -33.82 -34.81
CA PHE D 70 -8.63 -34.21 -34.63
C PHE D 70 -7.95 -34.69 -35.93
N LEU D 71 -8.53 -35.71 -36.58
CA LEU D 71 -8.00 -36.24 -37.83
C LEU D 71 -7.97 -35.17 -38.87
N SER D 72 -9.13 -34.60 -39.10
CA SER D 72 -9.31 -33.41 -39.84
C SER D 72 -8.11 -32.47 -39.71
N PHE D 73 -7.76 -32.09 -38.47
CA PHE D 73 -6.63 -31.19 -38.24
C PHE D 73 -5.27 -31.86 -38.44
N ASN D 75 -4.77 -34.33 -40.54
CA ASN D 75 -4.68 -34.64 -41.97
C ASN D 75 -3.58 -35.64 -42.34
N LYS D 76 -3.47 -36.72 -41.56
CA LYS D 76 -2.47 -37.77 -41.79
C LYS D 76 -2.90 -38.97 -40.95
N LYS D 77 -2.12 -40.03 -40.90
CA LYS D 77 -2.56 -41.23 -40.18
C LYS D 77 -2.06 -41.30 -38.72
N PRO D 78 -2.85 -41.90 -37.82
CA PRO D 78 -2.63 -42.00 -36.37
C PRO D 78 -1.28 -42.49 -35.90
N ASP D 79 -0.86 -43.65 -36.39
CA ASP D 79 0.47 -44.18 -36.05
C ASP D 79 1.59 -43.23 -36.51
N GLU D 80 1.36 -42.44 -37.57
CA GLU D 80 2.35 -41.52 -38.13
C GLU D 80 2.50 -40.17 -37.35
N ILE D 81 1.69 -40.00 -36.31
CA ILE D 81 1.57 -38.69 -35.66
C ILE D 81 2.72 -38.39 -34.71
N THR D 82 3.46 -37.34 -35.06
CA THR D 82 4.68 -36.97 -34.34
C THR D 82 4.27 -36.27 -33.08
N PRO D 83 5.04 -36.46 -31.98
CA PRO D 83 4.83 -35.63 -30.78
C PRO D 83 4.74 -34.12 -31.10
N ASP D 85 3.38 -32.99 -33.69
CA ASP D 85 2.05 -32.77 -34.24
C ASP D 85 1.11 -32.51 -33.07
N ILE D 86 1.23 -33.30 -32.05
CA ILE D 86 0.38 -33.16 -30.89
C ILE D 86 0.40 -31.71 -30.39
N GLU D 87 1.59 -31.12 -30.33
CA GLU D 87 1.74 -29.77 -29.85
C GLU D 87 1.02 -28.81 -30.80
N ARG D 88 1.17 -29.02 -32.10
CA ARG D 88 0.44 -28.20 -33.07
C ARG D 88 -1.05 -28.30 -32.79
N TYR D 89 -1.50 -29.53 -32.58
CA TYR D 89 -2.89 -29.82 -32.26
C TYR D 89 -3.35 -29.06 -30.99
N LYS D 90 -2.66 -29.27 -29.86
CA LYS D 90 -3.07 -28.64 -28.59
C LYS D 90 -3.19 -27.11 -28.72
N ASN D 91 -2.23 -26.52 -29.45
CA ASN D 91 -2.24 -25.13 -29.77
C ASN D 91 -3.49 -24.81 -30.54
N PHE D 92 -3.80 -25.66 -31.50
CA PHE D 92 -5.06 -25.57 -32.20
C PHE D 92 -6.27 -25.54 -31.26
N LEU D 93 -6.31 -26.47 -30.32
CA LEU D 93 -7.42 -26.47 -29.40
C LEU D 93 -7.51 -25.19 -28.61
N ALA D 94 -6.40 -24.79 -27.99
CA ALA D 94 -6.39 -23.63 -27.10
C ALA D 94 -6.44 -22.25 -27.75
N VAL D 95 -5.87 -22.08 -28.94
CA VAL D 95 -5.74 -20.76 -29.54
C VAL D 95 -6.71 -20.57 -30.69
N LYS D 96 -6.84 -21.57 -31.56
CA LYS D 96 -7.66 -21.40 -32.71
C LYS D 96 -9.09 -21.59 -32.27
N LYS D 97 -9.38 -22.74 -31.66
CA LYS D 97 -10.74 -23.02 -31.19
C LYS D 97 -11.10 -22.20 -29.98
N ARG D 98 -10.10 -21.87 -29.16
CA ARG D 98 -10.31 -21.15 -27.88
C ARG D 98 -11.10 -21.91 -26.80
N TYR D 99 -10.81 -23.19 -26.70
CA TYR D 99 -11.37 -24.10 -25.71
C TYR D 99 -10.91 -23.78 -24.34
N SER D 100 -11.81 -23.89 -23.38
CA SER D 100 -11.43 -23.90 -21.97
C SER D 100 -10.57 -25.11 -21.59
N LYS D 101 -9.98 -25.11 -20.41
CA LYS D 101 -9.21 -26.28 -20.00
C LYS D 101 -10.07 -27.53 -20.09
N THR D 102 -11.32 -27.37 -19.65
CA THR D 102 -12.22 -28.49 -19.49
C THR D 102 -12.46 -29.14 -20.85
N SER D 103 -12.88 -28.33 -21.83
CA SER D 103 -13.04 -28.78 -23.22
C SER D 103 -11.73 -29.36 -23.73
N GLN D 104 -10.62 -28.68 -23.46
CA GLN D 104 -9.30 -29.19 -23.88
C GLN D 104 -9.02 -30.59 -23.36
N TYR D 105 -9.27 -30.79 -22.07
CA TYR D 105 -9.07 -32.08 -21.42
C TYR D 105 -10.06 -33.09 -21.95
N LEU D 106 -11.26 -32.65 -22.34
CA LEU D 106 -12.24 -33.58 -22.88
C LEU D 106 -11.79 -34.03 -24.25
N ALA D 107 -11.18 -33.15 -25.02
CA ALA D 107 -10.69 -33.55 -26.32
C ALA D 107 -9.61 -34.56 -26.09
N ILE D 108 -8.63 -34.19 -25.27
CA ILE D 108 -7.41 -34.99 -25.10
C ILE D 108 -7.83 -36.38 -24.66
N LYS D 109 -8.72 -36.42 -23.66
CA LYS D 109 -9.24 -37.68 -23.13
C LYS D 109 -9.77 -38.52 -24.27
N ALA D 110 -10.60 -37.93 -25.12
CA ALA D 110 -11.18 -38.69 -26.22
C ALA D 110 -10.10 -39.26 -27.13
N VAL D 111 -9.08 -38.46 -27.43
CA VAL D 111 -8.06 -38.89 -28.36
C VAL D 111 -7.23 -40.04 -27.77
N LYS D 112 -7.09 -40.08 -26.45
CA LYS D 112 -6.34 -41.15 -25.82
C LYS D 112 -7.12 -42.43 -25.86
N LEU D 113 -8.44 -42.31 -25.85
CA LEU D 113 -9.28 -43.47 -26.04
C LEU D 113 -9.28 -43.95 -27.51
N PHE D 114 -9.42 -43.03 -28.44
CA PHE D 114 -9.25 -43.34 -29.87
C PHE D 114 -7.99 -44.14 -30.10
N TYR D 115 -6.88 -43.72 -29.53
CA TYR D 115 -5.66 -44.50 -29.62
C TYR D 115 -5.79 -45.90 -29.03
N LYS D 116 -6.28 -46.01 -27.81
CA LYS D 116 -6.48 -47.34 -27.22
C LYS D 116 -7.43 -48.13 -28.13
N ALA D 117 -8.61 -47.58 -28.39
CA ALA D 117 -9.58 -48.21 -29.30
C ALA D 117 -8.89 -48.98 -30.40
N LEU D 118 -8.16 -48.31 -31.28
CA LEU D 118 -7.44 -49.03 -32.33
C LEU D 118 -6.05 -49.47 -31.89
N ASP D 119 -5.91 -49.87 -30.63
CA ASP D 119 -4.72 -50.58 -30.15
C ASP D 119 -3.38 -49.83 -30.26
N LEU D 120 -3.35 -48.64 -30.85
CA LEU D 120 -2.07 -47.95 -31.03
C LEU D 120 -1.58 -47.34 -29.74
N ARG D 121 -0.26 -47.25 -29.62
CA ARG D 121 0.35 -46.55 -28.51
C ARG D 121 0.18 -45.07 -28.75
N VAL D 122 -0.12 -44.41 -27.65
CA VAL D 122 -0.67 -43.09 -27.67
C VAL D 122 0.53 -42.23 -27.54
N PRO D 123 0.58 -41.13 -28.33
CA PRO D 123 1.75 -40.31 -28.21
C PRO D 123 1.93 -39.84 -26.78
N ILE D 124 3.16 -39.91 -26.35
CA ILE D 124 3.52 -39.56 -25.00
C ILE D 124 3.10 -38.09 -24.68
N ASN D 125 3.02 -37.21 -25.69
CA ASN D 125 2.71 -35.80 -25.47
C ASN D 125 1.29 -35.51 -25.08
N LEU D 126 0.37 -36.44 -25.35
CA LEU D 126 -1.00 -36.33 -24.84
C LEU D 126 -1.03 -36.56 -23.34
N THR D 127 -0.11 -37.40 -22.85
CA THR D 127 0.03 -37.69 -21.43
C THR D 127 1.17 -36.80 -20.85
N PRO D 128 0.91 -35.49 -20.69
CA PRO D 128 2.02 -34.66 -20.24
C PRO D 128 2.24 -34.82 -18.73
N PRO D 129 3.51 -34.90 -18.27
CA PRO D 129 3.82 -34.93 -16.81
C PRO D 129 3.46 -33.64 -16.02
N HIS D 134 3.66 -32.33 -5.63
CA HIS D 134 4.94 -32.15 -4.98
C HIS D 134 4.86 -32.13 -3.44
N PRO D 136 3.24 -30.14 0.66
CA PRO D 136 2.06 -30.09 1.54
C PRO D 136 0.99 -29.13 1.06
N VAL D 137 -0.24 -29.62 1.15
CA VAL D 137 -1.41 -28.97 0.61
C VAL D 137 -2.12 -28.30 1.78
N TYR D 138 -2.75 -27.16 1.53
CA TYR D 138 -3.49 -26.42 2.56
C TYR D 138 -4.86 -26.08 2.02
N LEU D 139 -5.60 -25.22 2.71
CA LEU D 139 -6.98 -24.89 2.32
C LEU D 139 -7.08 -23.62 1.48
N SER D 140 -8.12 -23.57 0.65
CA SER D 140 -8.48 -22.33 -0.03
C SER D 140 -9.21 -21.45 0.98
N GLU D 141 -9.23 -20.15 0.73
CA GLU D 141 -9.94 -19.24 1.63
C GLU D 141 -11.42 -19.61 1.73
N ASP D 142 -11.97 -20.12 0.63
CA ASP D 142 -13.33 -20.66 0.62
C ASP D 142 -13.45 -21.86 1.57
N GLU D 143 -12.59 -22.85 1.36
CA GLU D 143 -12.55 -24.06 2.19
C GLU D 143 -12.48 -23.74 3.70
N ALA D 144 -11.63 -22.79 4.07
CA ALA D 144 -11.43 -22.46 5.49
C ALA D 144 -12.72 -21.89 6.05
N LYS D 145 -13.22 -20.87 5.39
CA LYS D 145 -14.50 -20.25 5.69
C LYS D 145 -15.61 -21.32 5.79
N ARG D 146 -15.59 -22.30 4.89
CA ARG D 146 -16.54 -23.42 4.95
C ARG D 146 -16.26 -24.38 6.09
N LEU D 147 -15.01 -24.56 6.48
CA LEU D 147 -14.71 -25.36 7.68
C LEU D 147 -15.23 -24.69 8.95
N ILE D 148 -14.90 -23.42 9.08
CA ILE D 148 -15.33 -22.60 10.18
C ILE D 148 -16.84 -22.54 10.28
N GLU D 149 -17.53 -22.19 9.19
CA GLU D 149 -18.99 -22.11 9.24
C GLU D 149 -19.63 -23.45 9.46
N ALA D 150 -19.00 -24.52 9.00
CA ALA D 150 -19.46 -25.86 9.33
C ALA D 150 -19.52 -26.13 10.83
N ALA D 151 -18.80 -25.37 11.64
CA ALA D 151 -18.83 -25.56 13.12
C ALA D 151 -19.78 -24.60 13.85
N SER D 152 -20.48 -23.75 13.10
CA SER D 152 -21.22 -22.64 13.69
C SER D 152 -22.28 -23.10 14.69
N SER D 153 -22.67 -24.35 14.60
CA SER D 153 -23.73 -24.86 15.47
C SER D 153 -23.20 -25.40 16.81
N ASP D 154 -21.90 -25.67 16.90
CA ASP D 154 -21.26 -26.09 18.16
C ASP D 154 -20.36 -24.97 18.72
N THR D 155 -20.90 -24.22 19.69
CA THR D 155 -20.15 -23.11 20.29
C THR D 155 -18.70 -23.49 20.59
N ARG D 156 -18.49 -24.60 21.30
CA ARG D 156 -17.14 -25.03 21.59
C ARG D 156 -16.32 -25.28 20.33
N TYR D 158 -16.77 -24.32 17.28
CA TYR D 158 -16.61 -23.06 16.61
C TYR D 158 -15.44 -22.30 17.18
N ALA D 159 -15.36 -22.26 18.52
CA ALA D 159 -14.29 -21.51 19.12
C ALA D 159 -12.97 -22.18 18.88
N ILE D 160 -12.93 -23.51 18.96
CA ILE D 160 -11.68 -24.22 18.78
C ILE D 160 -11.12 -23.95 17.40
N VAL D 161 -11.98 -24.05 16.40
CA VAL D 161 -11.56 -23.80 15.02
C VAL D 161 -11.13 -22.36 14.84
N SER D 162 -11.92 -21.42 15.29
CA SER D 162 -11.53 -20.03 15.18
C SER D 162 -10.13 -19.74 15.75
N VAL D 163 -9.88 -20.21 16.98
CA VAL D 163 -8.55 -19.99 17.58
C VAL D 163 -7.44 -20.51 16.67
N LEU D 164 -7.55 -21.76 16.23
CA LEU D 164 -6.51 -22.36 15.40
C LEU D 164 -6.32 -21.58 14.13
N ALA D 165 -7.43 -21.34 13.45
CA ALA D 165 -7.42 -20.67 12.15
C ALA D 165 -6.99 -19.20 12.18
N TYR D 166 -7.29 -18.49 13.26
CA TYR D 166 -6.92 -17.08 13.32
C TYR D 166 -5.65 -16.77 14.08
N THR D 167 -5.01 -17.74 14.71
CA THR D 167 -3.85 -17.41 15.56
C THR D 167 -2.65 -18.32 15.35
N GLY D 168 -2.83 -19.39 14.58
CA GLY D 168 -1.71 -20.17 14.15
C GLY D 168 -1.02 -20.90 15.28
N VAL D 169 -1.78 -21.16 16.31
CA VAL D 169 -1.27 -21.83 17.47
C VAL D 169 -1.22 -23.34 17.22
N ARG D 170 -0.36 -23.97 17.99
CA ARG D 170 -0.25 -25.45 18.05
C ARG D 170 -1.39 -26.09 18.82
N VAL D 171 -1.70 -27.33 18.49
CA VAL D 171 -2.81 -28.03 19.13
C VAL D 171 -2.42 -28.28 20.58
N GLY D 172 -1.13 -28.47 20.80
CA GLY D 172 -0.65 -28.64 22.15
C GLY D 172 -0.87 -27.40 22.97
N GLU D 173 -0.60 -26.25 22.37
CA GLU D 173 -0.81 -24.98 23.04
C GLU D 173 -2.27 -24.76 23.33
N LEU D 174 -3.13 -25.09 22.39
CA LEU D 174 -4.57 -24.89 22.58
C LEU D 174 -5.16 -25.72 23.73
N CYS D 175 -4.55 -26.89 23.96
CA CYS D 175 -5.02 -27.84 24.94
C CYS D 175 -4.65 -27.37 26.29
N ASN D 176 -3.51 -26.71 26.40
CA ASN D 176 -3.02 -26.21 27.67
C ASN D 176 -3.43 -24.77 27.99
N LEU D 177 -4.25 -24.19 27.14
CA LEU D 177 -4.64 -22.81 27.32
C LEU D 177 -5.51 -22.75 28.59
N LYS D 178 -5.35 -21.65 29.33
CA LYS D 178 -6.19 -21.36 30.47
C LYS D 178 -7.09 -20.17 30.23
N ILE D 179 -8.17 -20.10 31.00
CA ILE D 179 -9.13 -19.03 30.90
C ILE D 179 -8.50 -17.65 31.14
N SER D 180 -7.51 -17.59 32.01
CA SER D 180 -6.82 -16.33 32.23
C SER D 180 -5.80 -16.05 31.15
N ASP D 181 -5.58 -16.96 30.22
CA ASP D 181 -4.65 -16.67 29.14
C ASP D 181 -5.32 -15.84 28.08
N VAL D 182 -6.61 -15.60 28.20
CA VAL D 182 -7.31 -14.95 27.12
C VAL D 182 -7.58 -13.54 27.56
N ASP D 183 -7.42 -12.60 26.66
CA ASP D 183 -7.78 -11.23 26.96
C ASP D 183 -8.63 -10.73 25.78
N LEU D 184 -9.93 -10.97 25.85
CA LEU D 184 -10.82 -10.66 24.75
C LEU D 184 -10.78 -9.20 24.38
N GLN D 185 -10.78 -8.34 25.37
CA GLN D 185 -10.80 -6.91 25.09
C GLN D 185 -9.51 -6.43 24.38
N GLU D 186 -8.39 -7.12 24.57
CA GLU D 186 -7.13 -6.75 23.96
C GLU D 186 -6.80 -7.63 22.76
N SER D 187 -7.72 -8.53 22.45
CA SER D 187 -7.60 -9.46 21.32
C SER D 187 -6.37 -10.30 21.37
N ILE D 188 -5.88 -10.54 22.58
CA ILE D 188 -4.68 -11.33 22.76
C ILE D 188 -4.90 -12.61 23.57
N ILE D 189 -4.18 -13.67 23.18
CA ILE D 189 -4.05 -14.86 24.00
C ILE D 189 -2.63 -15.03 24.42
N ASN D 190 -2.35 -15.17 25.71
CA ASN D 190 -0.98 -15.47 26.17
C ASN D 190 -0.69 -16.95 26.03
N VAL D 191 0.43 -17.31 25.40
CA VAL D 191 0.79 -18.72 25.15
C VAL D 191 2.02 -19.11 25.89
N ARG D 192 1.88 -20.02 26.85
CA ARG D 192 2.98 -20.44 27.76
C ARG D 192 3.22 -21.91 27.67
N SER D 193 4.48 -22.29 27.79
CA SER D 193 4.90 -23.70 27.67
C SER D 193 5.54 -24.07 29.01
N GLY D 194 5.24 -25.28 29.49
CA GLY D 194 5.80 -25.79 30.74
C GLY D 194 7.31 -25.59 30.77
N LYS D 195 7.97 -26.05 29.70
CA LYS D 195 9.42 -25.92 29.51
C LYS D 195 9.66 -24.73 28.58
N GLY D 196 10.19 -23.66 29.16
CA GLY D 196 10.02 -22.29 28.64
C GLY D 196 10.89 -21.89 27.46
N ASP D 197 10.42 -22.25 26.27
CA ASP D 197 11.08 -21.92 25.01
C ASP D 197 10.10 -21.18 24.13
N LYS D 198 10.43 -19.92 23.87
CA LYS D 198 9.44 -18.89 23.77
C LYS D 198 7.92 -19.04 24.05
N ASP D 199 7.53 -18.56 25.22
CA ASP D 199 6.19 -18.12 25.44
C ASP D 199 5.95 -16.82 24.63
N ARG D 200 4.75 -16.70 24.05
CA ARG D 200 4.47 -15.58 23.19
C ARG D 200 3.07 -15.20 23.34
N ILE D 201 2.70 -14.07 22.77
CA ILE D 201 1.31 -13.74 22.66
C ILE D 201 0.96 -14.02 21.25
N VAL D 202 -0.33 -14.27 21.03
CA VAL D 202 -0.86 -14.40 19.69
C VAL D 202 -2.03 -13.41 19.62
N ILE D 203 -2.41 -13.03 18.40
CA ILE D 203 -3.43 -12.03 18.20
C ILE D 203 -4.63 -12.68 17.58
N ALA D 205 -8.37 -12.12 15.48
CA ALA D 205 -9.21 -11.26 14.70
C ALA D 205 -10.54 -11.11 15.43
N GLU D 206 -11.33 -10.11 15.02
CA GLU D 206 -12.63 -9.87 15.65
C GLU D 206 -13.46 -11.14 15.65
N GLU D 207 -13.58 -11.81 14.53
CA GLU D 207 -14.49 -12.95 14.51
C GLU D 207 -14.03 -14.10 15.47
N CYS D 208 -12.72 -14.27 15.62
CA CYS D 208 -12.23 -15.14 16.70
C CYS D 208 -12.61 -14.62 18.10
N VAL D 209 -12.39 -13.33 18.34
CA VAL D 209 -12.77 -12.72 19.61
C VAL D 209 -14.23 -13.02 19.95
N LYS D 210 -15.10 -12.90 18.97
CA LYS D 210 -16.52 -13.08 19.25
C LYS D 210 -16.81 -14.55 19.55
N ALA D 211 -16.37 -15.41 18.63
CA ALA D 211 -16.50 -16.86 18.77
C ALA D 211 -16.07 -17.29 20.16
N LEU D 212 -14.86 -16.90 20.52
CA LEU D 212 -14.33 -17.35 21.78
C LEU D 212 -15.12 -16.73 22.93
N GLY D 213 -15.64 -15.53 22.72
CA GLY D 213 -16.45 -14.87 23.74
C GLY D 213 -17.74 -15.62 24.07
N SER D 214 -18.43 -16.08 23.02
CA SER D 214 -19.64 -16.85 23.19
C SER D 214 -19.35 -18.15 23.89
N TYR D 215 -18.20 -18.76 23.58
CA TYR D 215 -17.83 -19.98 24.30
C TYR D 215 -17.46 -19.68 25.75
N LEU D 216 -16.71 -18.61 26.00
CA LEU D 216 -16.44 -18.29 27.41
C LEU D 216 -17.70 -18.02 28.27
N ASP D 217 -18.75 -17.43 27.72
CA ASP D 217 -19.97 -17.20 28.51
C ASP D 217 -20.47 -18.49 28.96
N LEU D 218 -20.33 -19.52 28.11
CA LEU D 218 -20.74 -20.89 28.48
C LEU D 218 -19.76 -21.53 29.45
N ARG D 219 -18.49 -21.55 29.10
CA ARG D 219 -17.43 -22.15 29.92
C ARG D 219 -17.40 -21.61 31.35
N LEU D 220 -17.61 -20.31 31.51
CA LEU D 220 -17.59 -19.70 32.84
C LEU D 220 -18.69 -20.19 33.74
N SER D 221 -19.74 -20.78 33.20
CA SER D 221 -20.84 -21.24 34.04
C SER D 221 -20.60 -22.69 34.46
N ASP D 223 -18.89 -25.92 36.19
CA ASP D 223 -18.11 -26.17 37.41
C ASP D 223 -17.12 -27.26 37.11
N THR D 224 -15.86 -26.88 37.19
CA THR D 224 -14.76 -27.69 36.80
C THR D 224 -13.74 -27.66 37.89
N ASP D 225 -13.09 -28.80 38.08
CA ASP D 225 -11.91 -28.98 38.91
C ASP D 225 -10.72 -28.27 38.26
N ASN D 226 -10.92 -27.65 37.10
CA ASN D 226 -9.83 -26.99 36.39
C ASN D 226 -10.26 -25.65 35.78
N ASP D 227 -9.26 -24.87 35.37
CA ASP D 227 -9.48 -23.55 34.74
C ASP D 227 -8.96 -23.55 33.31
N TYR D 228 -8.96 -24.74 32.70
CA TYR D 228 -8.59 -24.85 31.31
C TYR D 228 -9.66 -24.15 30.49
N LEU D 229 -9.23 -23.30 29.56
CA LEU D 229 -10.14 -22.67 28.63
C LEU D 229 -11.07 -23.67 27.93
N PHE D 230 -10.52 -24.58 27.16
CA PHE D 230 -11.32 -25.62 26.52
C PHE D 230 -11.37 -26.91 27.32
N VAL D 231 -12.55 -27.47 27.53
CA VAL D 231 -12.67 -28.75 28.20
C VAL D 231 -13.51 -29.76 27.43
N SER D 232 -13.21 -31.06 27.62
CA SER D 232 -14.00 -32.17 27.06
C SER D 232 -15.47 -32.12 27.52
N ASN D 233 -16.29 -33.04 26.98
CA ASN D 233 -17.66 -33.21 27.45
C ASN D 233 -17.68 -33.78 28.86
N ARG D 234 -16.53 -34.29 29.31
CA ARG D 234 -16.37 -34.70 30.69
C ARG D 234 -15.70 -33.64 31.51
N ARG D 235 -15.70 -32.42 30.97
CA ARG D 235 -15.34 -31.21 31.70
C ARG D 235 -13.88 -31.20 32.08
N VAL D 236 -13.04 -31.79 31.24
CA VAL D 236 -11.63 -31.95 31.58
C VAL D 236 -10.73 -31.45 30.42
N ARG D 237 -9.43 -31.30 30.68
CA ARG D 237 -8.50 -30.88 29.63
C ARG D 237 -8.68 -31.74 28.40
N PHE D 238 -8.50 -31.17 27.20
CA PHE D 238 -8.59 -31.98 25.98
C PHE D 238 -7.26 -32.65 25.78
N ASP D 239 -7.30 -33.74 25.02
CA ASP D 239 -6.12 -34.43 24.59
C ASP D 239 -5.78 -34.00 23.19
N THR D 240 -4.48 -34.00 22.90
CA THR D 240 -3.99 -33.57 21.60
C THR D 240 -4.62 -34.39 20.45
N SER D 241 -4.65 -35.72 20.59
CA SER D 241 -5.29 -36.58 19.59
C SER D 241 -6.80 -36.32 19.48
N THR D 242 -7.43 -35.94 20.59
CA THR D 242 -8.88 -35.64 20.55
C THR D 242 -9.12 -34.41 19.62
N ILE D 243 -8.37 -33.34 19.81
CA ILE D 243 -8.57 -32.15 18.97
C ILE D 243 -8.38 -32.46 17.48
N GLU D 244 -7.37 -33.27 17.18
CA GLU D 244 -7.07 -33.75 15.84
C GLU D 244 -8.27 -34.46 15.22
N ARG D 245 -8.81 -35.42 15.96
CA ARG D 245 -10.02 -36.11 15.52
C ARG D 245 -11.17 -35.14 15.17
N ILE D 247 -11.19 -31.92 14.41
CA ILE D 247 -10.80 -31.16 13.24
C ILE D 247 -11.01 -32.02 11.97
N ARG D 248 -10.29 -33.14 11.90
CA ARG D 248 -10.52 -34.17 10.91
C ARG D 248 -12.00 -34.34 10.52
N ASP D 249 -12.88 -34.55 11.51
CA ASP D 249 -14.30 -34.82 11.23
C ASP D 249 -15.01 -33.62 10.67
N LEU D 250 -14.52 -32.43 11.06
CA LEU D 250 -15.15 -31.19 10.66
C LEU D 250 -14.84 -30.93 9.17
N GLY D 251 -13.67 -31.35 8.72
CA GLY D 251 -13.39 -31.46 7.28
C GLY D 251 -14.50 -32.16 6.53
N LYS D 252 -14.79 -33.40 6.95
CA LYS D 252 -15.82 -34.23 6.29
C LYS D 252 -17.17 -33.56 6.38
N LYS D 253 -17.40 -32.83 7.45
CA LYS D 253 -18.68 -32.23 7.68
C LYS D 253 -18.99 -31.11 6.65
N ALA D 254 -17.99 -30.26 6.40
CA ALA D 254 -18.08 -29.22 5.38
C ALA D 254 -17.95 -29.76 3.97
N GLY D 255 -17.68 -31.06 3.83
CA GLY D 255 -17.45 -31.72 2.55
C GLY D 255 -16.26 -31.10 1.86
N ILE D 256 -15.09 -31.24 2.47
CA ILE D 256 -13.87 -30.73 1.86
C ILE D 256 -13.20 -32.01 1.49
N GLN D 257 -12.71 -32.15 0.27
CA GLN D 257 -12.14 -33.42 -0.14
C GLN D 257 -10.86 -33.68 0.62
N LYS D 258 -10.07 -32.64 0.87
CA LYS D 258 -8.73 -32.88 1.43
C LYS D 258 -8.71 -33.08 2.93
N LYS D 259 -7.72 -33.85 3.37
CA LYS D 259 -7.59 -34.24 4.75
C LYS D 259 -7.23 -32.99 5.51
N VAL D 260 -8.05 -32.63 6.51
CA VAL D 260 -7.72 -31.47 7.36
C VAL D 260 -7.07 -31.81 8.73
N THR D 261 -5.78 -31.54 8.79
CA THR D 261 -4.96 -31.64 9.99
C THR D 261 -4.79 -30.26 10.60
N PRO D 262 -4.49 -30.19 11.91
CA PRO D 262 -4.15 -28.89 12.48
C PRO D 262 -2.96 -28.23 11.75
N HIS D 263 -2.00 -29.05 11.34
CA HIS D 263 -0.87 -28.56 10.55
C HIS D 263 -1.37 -27.80 9.36
N VAL D 264 -2.33 -28.40 8.67
CA VAL D 264 -2.91 -27.86 7.45
C VAL D 264 -3.51 -26.47 7.70
N LEU D 265 -4.32 -26.36 8.75
CA LEU D 265 -4.83 -25.08 9.26
C LEU D 265 -3.77 -24.00 9.48
N ARG D 266 -2.65 -24.39 10.07
CA ARG D 266 -1.61 -23.43 10.37
C ARG D 266 -0.96 -22.99 9.05
N HIS D 267 -0.82 -23.93 8.12
CA HIS D 267 -0.30 -23.57 6.77
C HIS D 267 -1.19 -22.55 6.06
N THR D 268 -2.49 -22.64 6.25
CA THR D 268 -3.45 -21.74 5.60
C THR D 268 -3.46 -20.42 6.30
N PHE D 269 -3.40 -20.44 7.62
CA PHE D 269 -3.25 -19.21 8.35
C PHE D 269 -2.06 -18.38 7.84
N ALA D 270 -0.86 -18.93 7.99
CA ALA D 270 0.38 -18.19 7.75
C ALA D 270 0.44 -17.68 6.32
N THR D 271 -0.08 -18.49 5.43
CA THR D 271 -0.16 -18.13 4.05
C THR D 271 -1.14 -16.97 3.73
N SER D 272 -2.28 -16.98 4.41
CA SER D 272 -3.22 -15.88 4.24
C SER D 272 -2.60 -14.57 4.71
N VAL D 273 -1.68 -14.67 5.68
CA VAL D 273 -1.11 -13.48 6.24
C VAL D 273 -0.05 -12.91 5.32
N LEU D 274 0.69 -13.84 4.74
CA LEU D 274 1.70 -13.49 3.76
C LEU D 274 0.91 -12.80 2.67
N ARG D 275 -0.15 -13.46 2.22
CA ARG D 275 -0.92 -12.96 1.09
C ARG D 275 -1.41 -11.57 1.38
N ASN D 276 -1.74 -11.31 2.64
CA ASN D 276 -2.26 -10.03 3.00
C ASN D 276 -1.18 -9.03 3.42
N GLY D 277 0.07 -9.29 3.03
CA GLY D 277 1.16 -8.32 3.23
C GLY D 277 1.99 -8.48 4.50
N GLY D 278 1.81 -9.56 5.23
CA GLY D 278 2.56 -9.74 6.47
C GLY D 278 3.97 -10.22 6.16
N ASP D 279 4.97 -9.65 6.83
CA ASP D 279 6.35 -10.00 6.51
C ASP D 279 6.67 -11.38 7.11
N ILE D 280 7.53 -12.13 6.44
CA ILE D 280 7.87 -13.48 6.90
C ILE D 280 8.49 -13.50 8.31
N ARG D 281 9.25 -12.47 8.68
CA ARG D 281 9.81 -12.40 10.01
C ARG D 281 8.71 -12.21 11.02
N PHE D 282 7.64 -11.48 10.66
CA PHE D 282 6.53 -11.16 11.58
C PHE D 282 5.69 -12.41 11.75
N ILE D 283 5.53 -13.13 10.66
CA ILE D 283 4.85 -14.37 10.68
C ILE D 283 5.60 -15.28 11.61
N GLN D 284 6.92 -15.20 11.56
CA GLN D 284 7.74 -16.06 12.36
C GLN D 284 7.47 -15.79 13.83
N GLN D 285 7.36 -14.51 14.20
CA GLN D 285 7.09 -14.22 15.60
C GLN D 285 5.76 -14.81 15.99
N ILE D 286 4.73 -14.60 15.17
CA ILE D 286 3.38 -15.03 15.50
C ILE D 286 3.32 -16.52 15.75
N LEU D 287 3.94 -17.29 14.88
CA LEU D 287 3.92 -18.74 15.03
C LEU D 287 4.80 -19.26 16.16
N GLY D 288 5.83 -18.50 16.50
CA GLY D 288 6.78 -18.88 17.57
C GLY D 288 7.86 -19.82 17.07
N HIS D 289 8.35 -19.57 15.86
CA HIS D 289 9.44 -20.35 15.32
C HIS D 289 10.77 -19.66 15.61
N ALA D 290 11.69 -20.39 16.22
CA ALA D 290 13.10 -19.92 16.39
C ALA D 290 13.87 -19.65 15.05
N SER D 291 13.59 -20.44 14.03
CA SER D 291 14.22 -20.29 12.69
C SER D 291 13.19 -20.00 11.55
N VAL D 292 13.55 -19.19 10.57
CA VAL D 292 12.60 -18.92 9.47
C VAL D 292 12.44 -20.15 8.63
N ALA D 293 13.44 -21.05 8.66
CA ALA D 293 13.35 -22.29 7.91
C ALA D 293 12.02 -22.98 8.15
N THR D 294 11.60 -22.99 9.39
CA THR D 294 10.43 -23.73 9.76
C THR D 294 9.23 -22.90 9.39
N THR D 295 9.37 -21.58 9.52
CA THR D 295 8.29 -20.72 9.03
C THR D 295 8.11 -20.89 7.51
N GLN D 296 9.19 -21.11 6.76
CA GLN D 296 9.10 -21.34 5.32
C GLN D 296 8.09 -22.45 4.97
N ILE D 297 8.21 -23.53 5.75
CA ILE D 297 7.34 -24.68 5.62
C ILE D 297 5.87 -24.29 5.57
N TYR D 298 5.47 -23.36 6.44
CA TYR D 298 4.05 -22.98 6.57
C TYR D 298 3.60 -21.83 5.65
N THR D 299 4.51 -21.39 4.79
CA THR D 299 4.27 -20.22 3.99
C THR D 299 4.53 -20.49 2.51
N HIS D 300 4.55 -21.77 2.17
CA HIS D 300 4.70 -22.21 0.82
C HIS D 300 3.36 -22.05 0.13
N LEU D 301 3.29 -21.10 -0.80
CA LEU D 301 2.07 -20.73 -1.47
C LEU D 301 1.68 -21.81 -2.47
N ASN D 302 0.38 -21.95 -2.72
CA ASN D 302 -0.15 -22.75 -3.83
C ASN D 302 -0.13 -21.90 -5.11
N ASP D 303 -0.41 -22.52 -6.27
CA ASP D 303 -0.14 -21.91 -7.60
C ASP D 303 -0.96 -20.67 -7.76
N SER D 304 -2.25 -20.78 -7.49
CA SER D 304 -3.14 -19.64 -7.59
C SER D 304 -2.59 -18.43 -6.83
N ALA D 305 -2.26 -18.63 -5.56
CA ALA D 305 -1.76 -17.59 -4.70
C ALA D 305 -0.45 -17.08 -5.24
N LEU D 306 0.42 -18.00 -5.66
CA LEU D 306 1.72 -17.58 -6.18
C LEU D 306 1.56 -16.64 -7.38
N ARG D 307 0.59 -16.93 -8.26
CA ARG D 307 0.36 -16.08 -9.42
C ARG D 307 -0.19 -14.73 -9.00
N GLU D 308 -1.09 -14.77 -8.03
CA GLU D 308 -1.69 -13.57 -7.48
C GLU D 308 -0.60 -12.69 -6.91
N TYR D 310 2.65 -12.73 -7.62
CA TYR D 310 3.61 -12.27 -8.65
C TYR D 310 2.97 -11.12 -9.37
N THR D 311 1.74 -11.33 -9.83
CA THR D 311 0.95 -10.25 -10.36
C THR D 311 1.05 -8.99 -9.51
N GLN D 312 1.08 -9.08 -8.19
CA GLN D 312 1.08 -7.86 -7.35
C GLN D 312 2.46 -7.28 -7.17
N HIS D 313 3.46 -8.12 -7.06
CA HIS D 313 4.78 -7.60 -6.84
C HIS D 313 5.73 -7.81 -8.05
N ARG D 314 5.16 -7.84 -9.25
CA ARG D 314 5.90 -8.13 -10.52
C ARG D 314 7.10 -7.25 -10.79
N PRO D 315 8.16 -7.83 -11.38
CA PRO D 315 9.27 -7.00 -11.80
C PRO D 315 8.73 -6.02 -12.79
N ARG D 316 9.18 -4.78 -12.71
CA ARG D 316 8.68 -3.76 -13.62
C ARG D 316 9.89 -3.13 -14.31
N TYR D 317 10.05 -3.41 -15.59
CA TYR D 317 10.96 -2.66 -16.44
C TYR D 317 10.44 -2.53 -17.87
N GLU E 38 -38.88 -35.82 -34.23
CA GLU E 38 -37.58 -36.58 -34.30
C GLU E 38 -36.41 -35.65 -34.65
N THR E 39 -35.43 -35.62 -33.74
CA THR E 39 -34.23 -34.80 -33.87
C THR E 39 -33.49 -35.09 -35.16
N ASN E 40 -33.30 -36.37 -35.43
CA ASN E 40 -32.73 -36.85 -36.67
C ASN E 40 -33.39 -36.18 -37.91
N GLU E 41 -34.74 -36.09 -37.95
CA GLU E 41 -35.43 -35.34 -39.01
C GLU E 41 -35.04 -33.86 -39.03
N TYR E 42 -35.04 -33.21 -37.86
CA TYR E 42 -34.69 -31.77 -37.76
C TYR E 42 -33.29 -31.49 -38.28
N LEU E 43 -32.41 -32.42 -37.93
CA LEU E 43 -31.02 -32.34 -38.27
C LEU E 43 -30.75 -32.52 -39.76
N SER E 44 -31.57 -33.31 -40.43
CA SER E 44 -31.54 -33.34 -41.88
C SER E 44 -31.95 -32.02 -42.43
N ARG E 45 -33.14 -31.56 -42.09
CA ARG E 45 -33.57 -30.22 -42.52
C ARG E 45 -32.41 -29.23 -42.34
N PHE E 46 -31.74 -29.29 -41.18
CA PHE E 46 -30.63 -28.40 -40.81
C PHE E 46 -29.44 -28.55 -41.72
N VAL E 47 -29.03 -29.79 -41.94
CA VAL E 47 -27.86 -30.06 -42.78
C VAL E 47 -28.16 -29.67 -44.21
N GLU E 48 -29.39 -29.95 -44.62
CA GLU E 48 -29.87 -29.67 -45.97
C GLU E 48 -29.68 -28.18 -46.19
N TYR E 49 -30.17 -27.36 -45.25
CA TYR E 49 -30.13 -25.88 -45.35
C TYR E 49 -28.70 -25.36 -45.46
N THR E 51 -25.99 -26.98 -46.37
CA THR E 51 -25.53 -27.37 -47.70
C THR E 51 -25.96 -26.38 -48.75
N GLY E 52 -27.24 -26.04 -48.75
CA GLY E 52 -27.73 -24.88 -49.50
C GLY E 52 -26.80 -23.68 -49.40
N GLU E 53 -26.58 -23.18 -48.19
CA GLU E 53 -25.66 -22.04 -47.94
C GLU E 53 -24.21 -22.25 -48.40
N ARG E 54 -23.85 -23.51 -48.63
CA ARG E 54 -22.56 -23.87 -49.17
C ARG E 54 -21.47 -23.71 -48.13
N LYS E 55 -21.84 -23.90 -46.87
CA LYS E 55 -20.82 -24.00 -45.82
C LYS E 55 -20.05 -25.32 -45.96
N SER E 56 -18.82 -25.36 -45.48
CA SER E 56 -17.98 -26.54 -45.58
C SER E 56 -18.53 -27.68 -44.73
N ARG E 57 -18.23 -28.90 -45.15
CA ARG E 57 -18.65 -30.09 -44.41
C ARG E 57 -18.01 -30.09 -43.00
N TYR E 58 -16.89 -29.38 -42.84
CA TYR E 58 -16.29 -29.21 -41.55
C TYR E 58 -17.25 -28.45 -40.65
N THR E 59 -17.70 -27.27 -41.06
CA THR E 59 -18.55 -26.45 -40.16
C THR E 59 -19.99 -27.06 -40.00
N ILE E 60 -20.50 -27.65 -41.07
CA ILE E 60 -21.76 -28.40 -41.02
C ILE E 60 -21.67 -29.49 -39.96
N LYS E 61 -20.58 -30.23 -39.92
CA LYS E 61 -20.41 -31.32 -38.92
C LYS E 61 -20.39 -30.75 -37.49
N GLU E 62 -19.73 -29.61 -37.33
CA GLU E 62 -19.62 -29.00 -36.02
C GLU E 62 -20.99 -28.44 -35.62
N TYR E 63 -21.67 -27.77 -36.53
CA TYR E 63 -22.90 -27.17 -36.17
C TYR E 63 -23.94 -28.26 -35.84
N ARG E 64 -23.94 -29.34 -36.60
CA ARG E 64 -24.83 -30.46 -36.32
C ARG E 64 -24.57 -31.02 -34.94
N PHE E 65 -23.30 -31.18 -34.61
CA PHE E 65 -22.99 -31.66 -33.31
C PHE E 65 -23.57 -30.76 -32.21
N LEU E 66 -23.29 -29.45 -32.30
CA LEU E 66 -23.73 -28.54 -31.26
C LEU E 66 -25.24 -28.52 -31.17
N VAL E 67 -25.92 -28.62 -32.31
CA VAL E 67 -27.36 -28.55 -32.28
C VAL E 67 -27.94 -29.90 -31.85
N ASP E 68 -27.21 -30.97 -32.14
CA ASP E 68 -27.61 -32.25 -31.61
C ASP E 68 -27.62 -32.16 -30.10
N GLN E 69 -26.57 -31.62 -29.52
CA GLN E 69 -26.56 -31.43 -28.06
C GLN E 69 -27.66 -30.50 -27.55
N PHE E 70 -27.98 -29.46 -28.30
CA PHE E 70 -29.08 -28.57 -27.87
C PHE E 70 -30.38 -29.37 -27.74
N LEU E 71 -30.66 -30.17 -28.77
CA LEU E 71 -31.87 -30.98 -28.81
C LEU E 71 -31.84 -32.01 -27.72
N SER E 72 -30.73 -32.75 -27.58
CA SER E 72 -30.62 -33.76 -26.54
C SER E 72 -30.96 -33.21 -25.16
N PHE E 73 -30.47 -32.01 -24.87
CA PHE E 73 -30.65 -31.42 -23.55
C PHE E 73 -32.05 -30.96 -23.44
N ASN E 75 -34.74 -31.62 -25.18
CA ASN E 75 -35.60 -32.78 -25.30
C ASN E 75 -37.07 -32.41 -25.41
N LYS E 76 -37.38 -31.54 -26.37
CA LYS E 76 -38.75 -31.12 -26.71
C LYS E 76 -38.65 -30.66 -28.13
N LYS E 77 -39.78 -30.25 -28.67
CA LYS E 77 -39.87 -29.69 -30.00
C LYS E 77 -39.27 -28.27 -29.99
N PRO E 78 -38.46 -27.94 -31.00
CA PRO E 78 -37.88 -26.62 -31.09
C PRO E 78 -38.89 -25.50 -30.91
N ASP E 79 -40.06 -25.62 -31.51
CA ASP E 79 -41.05 -24.56 -31.44
C ASP E 79 -41.70 -24.49 -30.07
N GLU E 80 -41.35 -25.38 -29.14
CA GLU E 80 -41.93 -25.38 -27.77
C GLU E 80 -40.98 -24.80 -26.70
N ILE E 81 -39.77 -24.49 -27.13
CA ILE E 81 -38.70 -24.06 -26.25
C ILE E 81 -39.04 -22.70 -25.69
N THR E 82 -38.91 -22.51 -24.38
CA THR E 82 -39.29 -21.25 -23.71
C THR E 82 -38.10 -20.35 -23.35
N PRO E 83 -38.38 -19.10 -22.98
CA PRO E 83 -37.24 -18.31 -22.57
C PRO E 83 -36.46 -18.96 -21.43
N ASP E 85 -36.26 -22.29 -20.78
CA ASP E 85 -35.48 -23.35 -21.39
C ASP E 85 -34.15 -22.80 -21.94
N ILE E 86 -34.19 -21.68 -22.60
CA ILE E 86 -32.94 -21.09 -23.07
C ILE E 86 -31.96 -20.79 -21.92
N GLU E 87 -32.48 -20.32 -20.79
CA GLU E 87 -31.60 -19.98 -19.66
C GLU E 87 -31.01 -21.23 -19.01
N ARG E 88 -31.84 -22.27 -18.89
CA ARG E 88 -31.28 -23.56 -18.50
C ARG E 88 -30.21 -24.03 -19.47
N TYR E 89 -30.43 -23.88 -20.78
CA TYR E 89 -29.45 -24.32 -21.80
C TYR E 89 -28.12 -23.56 -21.70
N LYS E 90 -28.18 -22.26 -21.40
CA LYS E 90 -26.91 -21.48 -21.34
C LYS E 90 -26.11 -21.85 -20.14
N ASN E 91 -26.80 -22.24 -19.11
CA ASN E 91 -26.13 -22.64 -17.87
C ASN E 91 -25.52 -24.00 -18.08
N PHE E 92 -26.27 -24.86 -18.73
CA PHE E 92 -25.70 -26.11 -19.19
C PHE E 92 -24.37 -25.94 -19.92
N LEU E 93 -24.30 -25.04 -20.89
CA LEU E 93 -23.02 -24.74 -21.55
C LEU E 93 -21.99 -24.06 -20.64
N ALA E 94 -22.42 -23.03 -19.90
CA ALA E 94 -21.43 -22.28 -19.07
C ALA E 94 -20.97 -22.98 -17.79
N VAL E 95 -21.78 -23.86 -17.24
CA VAL E 95 -21.47 -24.44 -15.96
C VAL E 95 -21.24 -25.90 -16.06
N LYS E 96 -22.17 -26.59 -16.70
CA LYS E 96 -22.06 -28.00 -16.81
C LYS E 96 -20.91 -28.41 -17.75
N LYS E 97 -20.89 -27.87 -18.96
CA LYS E 97 -19.82 -28.16 -19.91
C LYS E 97 -18.55 -27.34 -19.65
N ARG E 98 -18.69 -26.19 -19.00
CA ARG E 98 -17.57 -25.28 -18.72
C ARG E 98 -16.95 -24.81 -20.05
N TYR E 99 -17.83 -24.49 -20.99
CA TYR E 99 -17.40 -23.94 -22.27
C TYR E 99 -16.82 -22.55 -22.06
N SER E 100 -15.88 -22.20 -22.93
CA SER E 100 -15.34 -20.85 -23.00
C SER E 100 -16.39 -19.97 -23.61
N LYS E 101 -16.27 -18.66 -23.47
CA LYS E 101 -17.27 -17.79 -24.08
C LYS E 101 -17.32 -18.07 -25.58
N THR E 102 -16.14 -18.30 -26.14
CA THR E 102 -16.01 -18.49 -27.56
C THR E 102 -16.80 -19.72 -28.00
N SER E 103 -16.58 -20.83 -27.29
CA SER E 103 -17.40 -22.04 -27.45
C SER E 103 -18.92 -21.83 -27.31
N GLN E 104 -19.31 -20.97 -26.36
CA GLN E 104 -20.73 -20.66 -26.13
C GLN E 104 -21.32 -19.86 -27.26
N TYR E 105 -20.58 -18.87 -27.77
CA TYR E 105 -21.08 -18.07 -28.92
C TYR E 105 -21.33 -18.92 -30.13
N LEU E 106 -20.41 -19.86 -30.35
CA LEU E 106 -20.50 -20.80 -31.45
C LEU E 106 -21.76 -21.67 -31.35
N ALA E 107 -21.99 -22.25 -30.18
CA ALA E 107 -23.18 -23.03 -29.91
C ALA E 107 -24.42 -22.21 -30.16
N ILE E 108 -24.47 -21.03 -29.56
CA ILE E 108 -25.56 -20.14 -29.79
C ILE E 108 -25.72 -19.79 -31.27
N LYS E 109 -24.63 -19.44 -31.94
CA LYS E 109 -24.67 -19.13 -33.35
C LYS E 109 -25.28 -20.29 -34.12
N ALA E 110 -24.91 -21.51 -33.77
CA ALA E 110 -25.43 -22.70 -34.46
C ALA E 110 -26.92 -22.94 -34.21
N VAL E 111 -27.34 -22.83 -32.97
CA VAL E 111 -28.76 -23.01 -32.71
C VAL E 111 -29.62 -21.88 -33.31
N LYS E 112 -29.07 -20.67 -33.44
CA LYS E 112 -29.85 -19.61 -34.13
C LYS E 112 -30.04 -20.00 -35.60
N LEU E 113 -28.97 -20.39 -36.28
CA LEU E 113 -29.08 -20.81 -37.68
C LEU E 113 -30.14 -21.94 -37.87
N PHE E 114 -30.16 -22.86 -36.91
CA PHE E 114 -31.00 -24.00 -36.94
C PHE E 114 -32.44 -23.57 -36.82
N TYR E 115 -32.69 -22.55 -36.01
CA TYR E 115 -34.03 -21.97 -36.02
C TYR E 115 -34.39 -21.32 -37.36
N LYS E 116 -33.42 -20.69 -37.99
CA LYS E 116 -33.64 -20.12 -39.33
C LYS E 116 -33.87 -21.26 -40.35
N ALA E 117 -33.00 -22.26 -40.36
CA ALA E 117 -33.21 -23.45 -41.18
C ALA E 117 -34.66 -23.97 -41.10
N LEU E 118 -35.25 -23.96 -39.92
CA LEU E 118 -36.62 -24.47 -39.79
C LEU E 118 -37.67 -23.40 -39.95
N ASP E 119 -37.29 -22.20 -40.37
CA ASP E 119 -38.26 -21.12 -40.49
C ASP E 119 -39.03 -20.96 -39.18
N LEU E 120 -38.29 -20.93 -38.07
CA LEU E 120 -38.91 -20.77 -36.75
C LEU E 120 -38.39 -19.56 -36.03
N ARG E 121 -39.31 -18.85 -35.39
CA ARG E 121 -39.00 -17.63 -34.66
C ARG E 121 -37.87 -17.96 -33.71
N VAL E 122 -36.76 -17.25 -33.81
CA VAL E 122 -35.67 -17.56 -32.89
C VAL E 122 -36.10 -17.16 -31.49
N PRO E 123 -35.95 -18.08 -30.50
CA PRO E 123 -36.14 -17.72 -29.10
C PRO E 123 -35.38 -16.44 -28.70
N ILE E 124 -36.14 -15.53 -28.10
CA ILE E 124 -35.70 -14.18 -27.74
C ILE E 124 -34.47 -14.16 -26.82
N ASN E 125 -34.32 -15.16 -25.96
CA ASN E 125 -33.24 -15.16 -24.98
C ASN E 125 -31.90 -15.59 -25.59
N LEU E 126 -31.90 -16.03 -26.84
CA LEU E 126 -30.64 -16.32 -27.54
C LEU E 126 -29.92 -15.03 -27.96
N THR E 127 -30.66 -13.95 -28.17
CA THR E 127 -30.03 -12.65 -28.49
C THR E 127 -30.20 -11.70 -27.30
N PRO E 128 -29.49 -11.96 -26.18
CA PRO E 128 -29.65 -11.13 -24.99
C PRO E 128 -29.29 -9.66 -25.28
N PRO E 129 -29.81 -8.71 -24.48
CA PRO E 129 -29.32 -7.32 -24.62
C PRO E 129 -27.80 -7.19 -24.44
N LYS E 130 -27.18 -6.41 -25.33
CA LYS E 130 -25.75 -6.11 -25.26
C LYS E 130 -25.34 -5.63 -23.84
N ARG E 131 -24.13 -5.97 -23.43
CA ARG E 131 -23.54 -5.37 -22.23
C ARG E 131 -23.32 -3.88 -22.54
N PRO E 132 -23.65 -2.99 -21.58
CA PRO E 132 -23.36 -1.56 -21.76
C PRO E 132 -21.89 -1.22 -22.10
N SER E 133 -21.70 -0.55 -23.25
CA SER E 133 -20.40 0.00 -23.70
C SER E 133 -20.49 1.28 -24.57
N HIS E 134 -21.45 2.18 -24.27
CA HIS E 134 -21.61 3.43 -25.04
C HIS E 134 -20.56 4.48 -24.70
N PRO E 136 -16.99 6.30 -24.09
CA PRO E 136 -15.74 6.39 -24.83
C PRO E 136 -14.77 5.24 -24.59
N VAL E 137 -14.23 4.64 -25.63
CA VAL E 137 -13.20 3.62 -25.46
C VAL E 137 -11.84 4.27 -25.39
N TYR E 138 -10.88 3.58 -24.79
CA TYR E 138 -9.48 3.99 -24.78
C TYR E 138 -8.56 2.79 -24.98
N LEU E 139 -7.26 3.00 -24.96
CA LEU E 139 -6.31 1.95 -25.31
C LEU E 139 -6.00 1.10 -24.10
N SER E 140 -5.74 -0.18 -24.35
CA SER E 140 -5.21 -1.06 -23.31
C SER E 140 -3.75 -0.72 -23.09
N GLU E 141 -3.24 -1.12 -21.94
CA GLU E 141 -1.82 -0.99 -21.71
C GLU E 141 -1.02 -1.51 -22.88
N ASP E 142 -1.43 -2.63 -23.44
CA ASP E 142 -0.60 -3.20 -24.49
C ASP E 142 -0.76 -2.42 -25.79
N GLU E 143 -1.95 -1.88 -26.01
CA GLU E 143 -2.17 -1.04 -27.17
C GLU E 143 -1.32 0.20 -27.13
N ALA E 144 -1.31 0.85 -25.96
CA ALA E 144 -0.43 1.98 -25.71
C ALA E 144 1.01 1.57 -25.94
N LYS E 145 1.39 0.38 -25.48
CA LYS E 145 2.80 -0.02 -25.64
C LYS E 145 3.16 -0.08 -27.11
N ARG E 146 2.26 -0.70 -27.86
CA ARG E 146 2.34 -0.77 -29.31
C ARG E 146 2.26 0.60 -30.02
N LEU E 147 1.43 1.51 -29.56
CA LEU E 147 1.39 2.86 -30.17
C LEU E 147 2.78 3.48 -30.13
N ILE E 148 3.40 3.36 -28.97
CA ILE E 148 4.62 4.02 -28.70
C ILE E 148 5.79 3.32 -29.42
N GLU E 149 5.88 2.00 -29.27
CA GLU E 149 6.84 1.20 -30.02
C GLU E 149 6.75 1.42 -31.55
N ALA E 150 5.55 1.57 -32.06
CA ALA E 150 5.41 1.83 -33.49
C ALA E 150 5.92 3.19 -33.92
N ALA E 151 6.19 4.10 -32.99
CA ALA E 151 6.73 5.40 -33.38
C ALA E 151 8.24 5.56 -33.20
N SER E 152 8.89 4.52 -32.72
CA SER E 152 10.28 4.64 -32.26
C SER E 152 11.24 4.68 -33.41
N SER E 153 10.72 4.44 -34.61
CA SER E 153 11.55 4.52 -35.80
C SER E 153 11.63 5.97 -36.34
N ASP E 154 11.06 6.92 -35.60
CA ASP E 154 11.10 8.34 -35.94
C ASP E 154 11.21 9.15 -34.65
N THR E 155 12.32 9.87 -34.52
CA THR E 155 12.65 10.56 -33.29
C THR E 155 11.56 11.56 -32.88
N ARG E 156 11.12 12.40 -33.81
CA ARG E 156 10.05 13.30 -33.50
C ARG E 156 8.77 12.59 -33.01
N TYR E 158 8.24 9.78 -31.86
CA TYR E 158 8.47 9.07 -30.63
C TYR E 158 8.41 10.05 -29.43
N ALA E 159 8.95 11.25 -29.67
CA ALA E 159 8.95 12.28 -28.69
C ALA E 159 7.55 12.80 -28.50
N ILE E 160 6.81 12.96 -29.60
CA ILE E 160 5.45 13.47 -29.54
C ILE E 160 4.48 12.56 -28.78
N VAL E 161 4.33 11.34 -29.21
CA VAL E 161 3.45 10.38 -28.55
C VAL E 161 3.86 10.16 -27.11
N SER E 162 5.16 10.12 -26.85
CA SER E 162 5.56 9.91 -25.47
C SER E 162 5.08 11.05 -24.60
N VAL E 163 5.19 12.28 -25.07
CA VAL E 163 4.83 13.40 -24.24
C VAL E 163 3.34 13.37 -23.95
N LEU E 164 2.52 13.09 -24.93
CA LEU E 164 1.09 13.03 -24.70
C LEU E 164 0.68 11.84 -23.80
N ALA E 165 1.38 10.72 -23.91
CA ALA E 165 0.91 9.53 -23.21
C ALA E 165 1.39 9.52 -21.81
N TYR E 166 2.47 10.23 -21.52
CA TYR E 166 3.05 10.25 -20.18
C TYR E 166 2.78 11.53 -19.38
N THR E 167 2.19 12.54 -20.03
CA THR E 167 1.95 13.85 -19.37
C THR E 167 0.48 14.23 -19.32
N GLY E 168 -0.30 13.80 -20.29
CA GLY E 168 -1.71 14.09 -20.31
C GLY E 168 -2.00 15.46 -20.89
N VAL E 169 -1.00 16.07 -21.49
CA VAL E 169 -1.11 17.42 -21.94
C VAL E 169 -2.08 17.53 -23.12
N ARG E 170 -2.73 18.69 -23.29
CA ARG E 170 -3.59 18.90 -24.46
C ARG E 170 -2.78 19.15 -25.74
N VAL E 171 -3.41 18.91 -26.88
CA VAL E 171 -2.71 18.94 -28.12
C VAL E 171 -2.34 20.37 -28.46
N GLY E 172 -3.18 21.31 -28.13
CA GLY E 172 -2.85 22.71 -28.29
C GLY E 172 -1.71 23.14 -27.41
N GLU E 173 -1.67 22.58 -26.21
CA GLU E 173 -0.55 22.87 -25.31
C GLU E 173 0.71 22.26 -25.83
N LEU E 174 0.63 21.17 -26.57
CA LEU E 174 1.82 20.52 -27.07
C LEU E 174 2.44 21.34 -28.20
N CYS E 175 1.57 21.80 -29.09
CA CYS E 175 1.96 22.67 -30.17
C CYS E 175 2.63 23.97 -29.72
N ASN E 176 2.23 24.51 -28.58
CA ASN E 176 2.76 25.80 -28.12
C ASN E 176 3.99 25.74 -27.24
N LEU E 177 4.29 24.53 -26.79
CA LEU E 177 5.50 24.30 -26.01
C LEU E 177 6.75 24.85 -26.70
N LYS E 178 7.55 25.55 -25.89
CA LYS E 178 8.83 26.08 -26.31
C LYS E 178 9.90 25.12 -25.83
N ILE E 179 11.10 25.28 -26.31
CA ILE E 179 12.22 24.46 -25.84
C ILE E 179 12.49 24.71 -24.37
N SER E 180 12.49 25.97 -24.00
CA SER E 180 12.83 26.34 -22.64
C SER E 180 11.77 25.91 -21.61
N ASP E 181 10.59 25.51 -22.06
CA ASP E 181 9.60 24.96 -21.17
C ASP E 181 10.02 23.58 -20.68
N VAL E 182 10.96 22.94 -21.36
CA VAL E 182 11.31 21.62 -20.97
C VAL E 182 12.49 21.64 -20.03
N ASP E 183 12.38 20.96 -18.92
CA ASP E 183 13.51 20.75 -18.06
C ASP E 183 13.76 19.27 -17.93
N LEU E 184 14.70 18.77 -18.74
CA LEU E 184 14.94 17.32 -18.82
C LEU E 184 15.44 16.71 -17.56
N GLN E 185 16.30 17.41 -16.85
CA GLN E 185 16.89 16.90 -15.61
C GLN E 185 15.90 16.90 -14.46
N GLU E 186 14.88 17.74 -14.46
CA GLU E 186 13.94 17.75 -13.33
C GLU E 186 12.70 17.01 -13.73
N SER E 187 12.70 16.51 -14.95
CA SER E 187 11.60 15.75 -15.50
C SER E 187 10.30 16.53 -15.54
N ILE E 188 10.40 17.78 -15.96
CA ILE E 188 9.26 18.68 -15.87
C ILE E 188 9.06 19.38 -17.19
N ILE E 189 7.80 19.66 -17.50
CA ILE E 189 7.46 20.60 -18.57
C ILE E 189 6.52 21.67 -18.03
N ASN E 190 6.76 22.95 -18.30
CA ASN E 190 5.68 23.86 -17.98
C ASN E 190 4.84 24.21 -19.15
N VAL E 191 3.54 24.31 -18.88
CA VAL E 191 2.62 24.56 -19.92
C VAL E 191 2.06 25.92 -19.60
N ARG E 192 2.33 26.88 -20.46
CA ARG E 192 1.90 28.26 -20.22
C ARG E 192 0.72 28.60 -21.13
N SER E 193 -0.24 29.36 -20.62
CA SER E 193 -1.40 29.79 -21.41
C SER E 193 -1.46 31.31 -21.41
N GLY E 194 -2.04 31.90 -22.45
CA GLY E 194 -2.09 33.36 -22.61
C GLY E 194 -3.17 34.06 -21.78
N LYS E 195 -4.43 33.95 -22.25
CA LYS E 195 -5.58 34.78 -21.76
C LYS E 195 -5.88 34.68 -20.25
N GLY E 196 -5.77 33.49 -19.69
CA GLY E 196 -5.92 33.30 -18.24
C GLY E 196 -4.68 32.63 -17.72
N ASP E 197 -4.71 32.28 -16.43
CA ASP E 197 -3.65 31.46 -15.85
C ASP E 197 -4.17 30.19 -15.20
N LYS E 198 -4.43 29.21 -16.06
CA LYS E 198 -4.25 27.84 -15.62
C LYS E 198 -2.86 27.42 -16.20
N ASP E 199 -1.84 28.20 -15.84
CA ASP E 199 -0.46 27.77 -15.93
C ASP E 199 -0.13 26.65 -14.97
N ARG E 200 0.43 25.54 -15.47
CA ARG E 200 0.82 24.44 -14.58
C ARG E 200 2.08 23.76 -15.07
N ILE E 201 2.70 22.98 -14.19
CA ILE E 201 3.76 22.09 -14.65
C ILE E 201 3.13 20.75 -14.85
N VAL E 202 3.77 19.90 -15.63
CA VAL E 202 3.45 18.48 -15.68
C VAL E 202 4.72 17.68 -15.49
N ILE E 203 4.59 16.40 -15.20
CA ILE E 203 5.74 15.59 -14.91
C ILE E 203 5.86 14.55 -16.01
N ALA E 205 7.48 10.64 -17.01
CA ALA E 205 8.24 9.41 -16.78
C ALA E 205 9.62 9.43 -17.43
N GLU E 206 10.57 8.73 -16.83
CA GLU E 206 11.89 8.44 -17.41
C GLU E 206 11.87 8.15 -18.91
N GLU E 207 10.96 7.32 -19.36
CA GLU E 207 11.00 6.94 -20.75
C GLU E 207 10.57 8.10 -21.65
N CYS E 208 9.78 9.01 -21.08
CA CYS E 208 9.43 10.26 -21.77
C CYS E 208 10.64 11.20 -21.82
N VAL E 209 11.28 11.37 -20.69
CA VAL E 209 12.45 12.20 -20.63
C VAL E 209 13.51 11.78 -21.69
N LYS E 210 13.75 10.49 -21.83
CA LYS E 210 14.77 10.02 -22.71
C LYS E 210 14.38 10.26 -24.17
N ALA E 211 13.14 9.97 -24.48
CA ALA E 211 12.59 10.28 -25.79
C ALA E 211 12.65 11.74 -26.10
N LEU E 212 12.14 12.57 -25.22
CA LEU E 212 12.10 13.96 -25.58
C LEU E 212 13.54 14.48 -25.74
N GLY E 213 14.43 13.97 -24.90
CA GLY E 213 15.85 14.27 -24.97
C GLY E 213 16.43 14.03 -26.35
N SER E 214 16.15 12.87 -26.93
CA SER E 214 16.64 12.50 -28.24
C SER E 214 16.09 13.40 -29.32
N TYR E 215 14.83 13.78 -29.21
CA TYR E 215 14.33 14.76 -30.16
C TYR E 215 15.02 16.11 -29.99
N LEU E 216 15.24 16.54 -28.76
CA LEU E 216 16.03 17.73 -28.53
C LEU E 216 17.36 17.66 -29.25
N ASP E 217 18.03 16.53 -29.26
CA ASP E 217 19.40 16.53 -29.79
C ASP E 217 19.32 16.90 -31.26
N LEU E 218 18.23 16.46 -31.87
CA LEU E 218 17.96 16.74 -33.26
C LEU E 218 17.54 18.20 -33.44
N ARG E 219 16.47 18.59 -32.75
CA ARG E 219 15.86 19.90 -32.81
C ARG E 219 16.84 21.04 -32.52
N LEU E 220 17.71 20.86 -31.54
CA LEU E 220 18.65 21.91 -31.19
C LEU E 220 19.59 22.24 -32.34
N SER E 221 19.68 21.36 -33.34
CA SER E 221 20.62 21.58 -34.45
C SER E 221 19.95 22.23 -35.65
N ASP E 223 18.19 25.49 -37.50
CA ASP E 223 18.31 26.94 -37.41
C ASP E 223 16.95 27.54 -37.79
N THR E 224 16.00 27.33 -36.90
CA THR E 224 14.65 27.75 -37.08
C THR E 224 14.40 29.21 -36.71
N ASP E 225 13.42 29.82 -37.36
CA ASP E 225 13.04 31.20 -37.09
C ASP E 225 12.20 31.32 -35.80
N ASN E 226 12.18 30.25 -35.02
CA ASN E 226 11.38 30.15 -33.82
C ASN E 226 12.02 29.19 -32.82
N ASP E 227 11.49 29.13 -31.60
CA ASP E 227 11.97 28.21 -30.55
C ASP E 227 10.88 27.24 -30.02
N TYR E 228 9.88 26.97 -30.83
CA TYR E 228 8.92 25.96 -30.53
C TYR E 228 9.62 24.65 -30.37
N LEU E 229 9.14 23.86 -29.42
CA LEU E 229 9.75 22.59 -29.08
C LEU E 229 9.58 21.66 -30.27
N PHE E 230 8.34 21.39 -30.65
CA PHE E 230 8.08 20.53 -31.77
C PHE E 230 7.88 21.33 -33.05
N VAL E 231 8.64 21.01 -34.10
CA VAL E 231 8.44 21.67 -35.35
C VAL E 231 8.04 20.73 -36.50
N SER E 232 7.32 21.29 -37.44
CA SER E 232 6.89 20.57 -38.62
C SER E 232 8.00 20.38 -39.67
N ASN E 233 7.63 19.82 -40.80
CA ASN E 233 8.64 19.54 -41.84
C ASN E 233 9.11 20.84 -42.46
N ARG E 234 8.22 21.81 -42.48
CA ARG E 234 8.60 23.16 -42.80
C ARG E 234 9.21 23.92 -41.63
N ARG E 235 9.30 23.27 -40.48
CA ARG E 235 10.10 23.74 -39.34
C ARG E 235 9.47 24.91 -38.59
N VAL E 236 8.15 24.89 -38.55
CA VAL E 236 7.38 25.89 -37.86
C VAL E 236 6.37 25.17 -36.89
N ARG E 237 5.74 25.93 -36.01
CA ARG E 237 4.76 25.38 -35.07
C ARG E 237 3.77 24.46 -35.77
N PHE E 238 3.41 23.36 -35.11
CA PHE E 238 2.40 22.42 -35.62
C PHE E 238 0.98 22.99 -35.45
N ASP E 239 0.13 22.65 -36.40
CA ASP E 239 -1.29 22.88 -36.22
C ASP E 239 -1.83 21.67 -35.48
N THR E 240 -2.89 21.87 -34.74
CA THR E 240 -3.42 20.80 -33.94
C THR E 240 -3.89 19.66 -34.80
N SER E 241 -4.47 19.98 -35.95
CA SER E 241 -4.96 18.91 -36.87
C SER E 241 -3.85 18.06 -37.44
N THR E 242 -2.66 18.62 -37.55
CA THR E 242 -1.53 17.86 -38.04
C THR E 242 -1.09 16.85 -36.97
N ILE E 243 -1.19 17.25 -35.71
CA ILE E 243 -0.80 16.33 -34.67
C ILE E 243 -1.83 15.22 -34.60
N GLU E 244 -3.11 15.59 -34.79
CA GLU E 244 -4.18 14.58 -34.79
C GLU E 244 -3.98 13.58 -35.91
N ARG E 245 -3.67 14.04 -37.12
CA ARG E 245 -3.42 13.14 -38.24
C ARG E 245 -2.27 12.22 -37.96
N ILE E 247 -1.21 11.27 -35.05
CA ILE E 247 -1.62 10.31 -34.06
C ILE E 247 -2.51 9.25 -34.69
N ARG E 248 -3.44 9.67 -35.54
CA ARG E 248 -4.34 8.71 -36.13
C ARG E 248 -3.55 7.72 -37.01
N ASP E 249 -2.63 8.20 -37.85
CA ASP E 249 -1.94 7.28 -38.74
C ASP E 249 -0.96 6.39 -37.95
N LEU E 250 -0.44 6.87 -36.84
CA LEU E 250 0.35 6.00 -35.97
C LEU E 250 -0.53 4.87 -35.45
N GLY E 251 -1.81 5.14 -35.20
CA GLY E 251 -2.68 4.12 -34.64
C GLY E 251 -2.82 2.98 -35.62
N LYS E 252 -3.13 3.35 -36.86
CA LYS E 252 -3.15 2.41 -37.95
C LYS E 252 -1.79 1.72 -38.17
N LYS E 253 -0.67 2.44 -38.11
CA LYS E 253 0.62 1.77 -38.30
C LYS E 253 0.80 0.65 -37.27
N ALA E 254 0.25 0.83 -36.08
CA ALA E 254 0.39 -0.13 -35.00
C ALA E 254 -0.70 -1.20 -35.02
N GLY E 255 -1.54 -1.22 -36.03
CA GLY E 255 -2.57 -2.27 -36.10
C GLY E 255 -3.63 -2.17 -35.02
N ILE E 256 -3.87 -0.98 -34.48
CA ILE E 256 -4.92 -0.81 -33.48
C ILE E 256 -6.18 -0.52 -34.24
N GLN E 257 -7.28 -1.15 -33.86
CA GLN E 257 -8.50 -1.02 -34.65
C GLN E 257 -9.25 0.20 -34.26
N LYS E 258 -9.30 0.48 -32.97
CA LYS E 258 -9.96 1.73 -32.56
C LYS E 258 -9.17 2.95 -32.98
N LYS E 259 -9.92 4.01 -33.33
CA LYS E 259 -9.39 5.35 -33.69
C LYS E 259 -8.64 5.93 -32.50
N VAL E 260 -7.40 6.33 -32.74
CA VAL E 260 -6.52 6.85 -31.71
C VAL E 260 -6.45 8.36 -31.83
N THR E 261 -6.85 9.04 -30.77
CA THR E 261 -6.77 10.49 -30.70
C THR E 261 -6.04 10.95 -29.45
N PRO E 262 -5.66 12.24 -29.41
CA PRO E 262 -5.15 12.82 -28.20
C PRO E 262 -6.08 12.59 -27.01
N HIS E 263 -7.35 12.89 -27.22
CA HIS E 263 -8.39 12.63 -26.20
C HIS E 263 -8.25 11.21 -25.64
N VAL E 264 -8.18 10.24 -26.56
CA VAL E 264 -8.10 8.82 -26.25
C VAL E 264 -6.84 8.46 -25.51
N LEU E 265 -5.76 9.19 -25.82
CA LEU E 265 -4.50 9.00 -25.13
C LEU E 265 -4.57 9.54 -23.73
N ARG E 266 -5.10 10.75 -23.61
CA ARG E 266 -5.25 11.39 -22.32
C ARG E 266 -6.10 10.54 -21.41
N HIS E 267 -7.12 9.92 -22.01
CA HIS E 267 -7.99 9.00 -21.27
C HIS E 267 -7.21 7.80 -20.82
N THR E 268 -6.36 7.28 -21.70
CA THR E 268 -5.54 6.12 -21.37
C THR E 268 -4.61 6.45 -20.22
N PHE E 269 -3.98 7.63 -20.29
CA PHE E 269 -3.04 8.10 -19.26
C PHE E 269 -3.69 8.30 -17.92
N ALA E 270 -4.82 8.99 -17.93
CA ALA E 270 -5.53 9.28 -16.69
C ALA E 270 -5.95 8.01 -16.01
N THR E 271 -6.63 7.13 -16.75
CA THR E 271 -7.11 5.89 -16.13
C THR E 271 -5.94 5.08 -15.57
N SER E 272 -4.82 5.17 -16.25
CA SER E 272 -3.66 4.40 -15.89
C SER E 272 -3.11 4.87 -14.57
N VAL E 273 -3.06 6.19 -14.39
CA VAL E 273 -2.58 6.74 -13.15
C VAL E 273 -3.53 6.41 -12.03
N LEU E 274 -4.81 6.43 -12.31
CA LEU E 274 -5.81 6.07 -11.30
C LEU E 274 -5.61 4.62 -10.87
N ARG E 275 -5.45 3.72 -11.82
CA ARG E 275 -5.18 2.31 -11.53
C ARG E 275 -3.92 2.12 -10.70
N ASN E 276 -2.94 2.96 -10.94
CA ASN E 276 -1.73 2.87 -10.16
C ASN E 276 -1.85 3.68 -8.83
N GLY E 277 -3.09 3.98 -8.40
CA GLY E 277 -3.33 4.60 -7.08
C GLY E 277 -3.38 6.14 -7.00
N GLY E 278 -3.37 6.81 -8.14
CA GLY E 278 -3.37 8.27 -8.14
C GLY E 278 -4.73 8.63 -7.63
N ASP E 279 -4.77 9.58 -6.72
CA ASP E 279 -6.02 10.16 -6.27
C ASP E 279 -6.61 10.97 -7.41
N ILE E 280 -7.94 11.07 -7.46
CA ILE E 280 -8.67 11.73 -8.56
C ILE E 280 -8.33 13.21 -8.59
N ARG E 281 -8.16 13.80 -7.41
CA ARG E 281 -7.84 15.23 -7.32
C ARG E 281 -6.38 15.54 -7.78
N PHE E 282 -5.46 14.63 -7.52
CA PHE E 282 -4.10 14.74 -8.05
C PHE E 282 -4.13 14.70 -9.58
N ILE E 283 -4.92 13.80 -10.11
CA ILE E 283 -5.03 13.67 -11.54
C ILE E 283 -5.63 14.97 -12.10
N GLN E 284 -6.60 15.52 -11.37
CA GLN E 284 -7.20 16.78 -11.74
C GLN E 284 -6.14 17.89 -11.86
N GLN E 285 -5.18 17.91 -10.94
CA GLN E 285 -4.13 18.92 -10.96
C GLN E 285 -3.18 18.72 -12.11
N ILE E 286 -2.75 17.48 -12.32
CA ILE E 286 -1.85 17.12 -13.41
C ILE E 286 -2.42 17.56 -14.76
N LEU E 287 -3.67 17.24 -14.97
CA LEU E 287 -4.31 17.60 -16.23
C LEU E 287 -4.74 19.06 -16.33
N GLY E 288 -4.72 19.80 -15.26
CA GLY E 288 -5.19 21.18 -15.32
C GLY E 288 -6.67 21.37 -15.51
N HIS E 289 -7.49 20.63 -14.78
CA HIS E 289 -8.95 20.87 -14.86
C HIS E 289 -9.47 21.69 -13.68
N ALA E 290 -10.23 22.74 -13.96
CA ALA E 290 -10.92 23.54 -12.92
C ALA E 290 -11.89 22.70 -12.12
N SER E 291 -12.61 21.83 -12.81
CA SER E 291 -13.69 21.11 -12.20
C SER E 291 -13.46 19.59 -12.34
N VAL E 292 -13.75 18.85 -11.29
CA VAL E 292 -13.44 17.43 -11.28
C VAL E 292 -14.39 16.70 -12.26
N ALA E 293 -15.50 17.34 -12.60
CA ALA E 293 -16.41 16.75 -13.56
C ALA E 293 -15.72 16.51 -14.91
N THR E 294 -14.70 17.29 -15.17
CA THR E 294 -14.00 17.13 -16.43
C THR E 294 -13.03 15.94 -16.38
N THR E 295 -12.38 15.77 -15.24
CA THR E 295 -11.42 14.73 -15.11
C THR E 295 -12.11 13.37 -14.98
N GLN E 296 -13.38 13.39 -14.61
CA GLN E 296 -14.18 12.21 -14.55
C GLN E 296 -14.31 11.62 -15.92
N ILE E 297 -14.37 12.48 -16.93
CA ILE E 297 -14.51 11.98 -18.31
C ILE E 297 -13.35 11.09 -18.63
N TYR E 298 -12.17 11.48 -18.14
CA TYR E 298 -10.91 10.87 -18.50
C TYR E 298 -10.53 9.69 -17.63
N THR E 299 -11.39 9.41 -16.66
CA THR E 299 -11.04 8.41 -15.64
C THR E 299 -12.10 7.31 -15.57
N HIS E 300 -12.94 7.25 -16.59
CA HIS E 300 -13.91 6.21 -16.71
C HIS E 300 -13.19 4.93 -17.09
N LEU E 301 -13.35 3.88 -16.29
CA LEU E 301 -12.62 2.62 -16.52
C LEU E 301 -13.38 1.62 -17.35
N ASN E 302 -12.65 0.92 -18.19
CA ASN E 302 -13.18 -0.15 -19.00
C ASN E 302 -13.51 -1.28 -18.03
N ASP E 303 -14.24 -2.28 -18.50
CA ASP E 303 -14.73 -3.33 -17.61
C ASP E 303 -13.63 -4.13 -16.98
N SER E 304 -12.64 -4.51 -17.77
CA SER E 304 -11.52 -5.27 -17.21
C SER E 304 -10.88 -4.54 -15.97
N ALA E 305 -10.53 -3.28 -16.15
CA ALA E 305 -9.87 -2.53 -15.10
C ALA E 305 -10.81 -2.26 -13.96
N LEU E 306 -12.07 -2.08 -14.27
CA LEU E 306 -13.02 -1.86 -13.20
C LEU E 306 -12.95 -3.06 -12.29
N ARG E 307 -12.97 -4.26 -12.89
CA ARG E 307 -12.92 -5.51 -12.14
C ARG E 307 -11.64 -5.69 -11.34
N GLU E 308 -10.50 -5.32 -11.92
CA GLU E 308 -9.23 -5.35 -11.18
C GLU E 308 -9.30 -4.42 -10.01
N TYR E 310 -11.89 -3.31 -8.42
CA TYR E 310 -12.76 -3.82 -7.36
C TYR E 310 -12.09 -4.91 -6.56
N THR E 311 -11.35 -5.78 -7.21
CA THR E 311 -10.63 -6.80 -6.49
C THR E 311 -9.66 -6.14 -5.52
N GLN E 312 -8.92 -5.12 -5.92
CA GLN E 312 -7.93 -4.49 -5.04
C GLN E 312 -8.50 -3.73 -3.85
N HIS E 313 -9.71 -3.20 -3.99
CA HIS E 313 -10.30 -2.37 -2.94
C HIS E 313 -11.68 -2.84 -2.57
N ARG E 314 -11.85 -4.17 -2.53
CA ARG E 314 -13.17 -4.78 -2.37
C ARG E 314 -13.66 -4.67 -0.96
N PRO E 315 -14.98 -4.56 -0.79
CA PRO E 315 -15.47 -4.55 0.57
C PRO E 315 -14.90 -5.75 1.31
N ARG E 316 -14.56 -5.54 2.57
CA ARG E 316 -13.88 -6.55 3.41
C ARG E 316 -14.85 -7.10 4.44
N TYR E 317 -15.81 -7.89 3.94
CA TYR E 317 -16.73 -8.61 4.83
C TYR E 317 -17.26 -9.85 4.11
N ASN F 40 49.85 30.85 -8.94
CA ASN F 40 50.70 32.05 -8.89
C ASN F 40 51.92 31.78 -9.76
N GLU F 41 53.10 31.59 -9.16
CA GLU F 41 54.18 31.03 -9.94
C GLU F 41 53.83 29.54 -10.18
N TYR F 42 53.11 28.98 -9.20
CA TYR F 42 52.49 27.66 -9.33
C TYR F 42 51.65 27.49 -10.60
N LEU F 43 50.91 28.52 -10.95
CA LEU F 43 49.93 28.41 -12.02
C LEU F 43 50.66 28.28 -13.32
N SER F 44 51.68 29.11 -13.49
CA SER F 44 52.46 29.07 -14.71
C SER F 44 53.15 27.74 -14.98
N ARG F 45 53.77 27.12 -13.97
CA ARG F 45 54.29 25.75 -14.11
C ARG F 45 53.16 24.78 -14.43
N PHE F 46 52.05 24.94 -13.70
CA PHE F 46 50.89 24.08 -13.92
C PHE F 46 50.50 24.13 -15.38
N VAL F 47 50.44 25.34 -15.91
CA VAL F 47 50.09 25.50 -17.29
C VAL F 47 51.19 24.89 -18.15
N GLU F 48 52.42 25.19 -17.75
CA GLU F 48 53.59 24.73 -18.48
C GLU F 48 53.56 23.20 -18.55
N TYR F 49 53.12 22.58 -17.46
CA TYR F 49 52.98 21.11 -17.46
C TYR F 49 51.92 20.67 -18.44
N THR F 51 50.52 22.14 -21.07
CA THR F 51 50.95 22.37 -22.47
C THR F 51 51.75 21.13 -22.90
N GLY F 52 52.78 20.84 -22.11
CA GLY F 52 53.63 19.69 -22.27
C GLY F 52 52.92 18.38 -22.47
N GLU F 53 51.95 18.04 -21.63
CA GLU F 53 51.24 16.79 -21.93
C GLU F 53 50.18 16.96 -23.00
N ARG F 54 50.29 18.01 -23.82
CA ARG F 54 49.43 18.21 -24.99
C ARG F 54 47.92 18.41 -24.72
N LYS F 55 47.58 19.02 -23.58
CA LYS F 55 46.17 19.31 -23.30
C LYS F 55 45.58 20.27 -24.30
N SER F 56 44.28 20.15 -24.52
CA SER F 56 43.50 21.12 -25.26
C SER F 56 43.72 22.53 -24.70
N ARG F 57 43.58 23.52 -25.57
CA ARG F 57 43.61 24.91 -25.16
C ARG F 57 42.48 25.19 -24.16
N TYR F 58 41.27 24.90 -24.60
CA TYR F 58 40.07 25.04 -23.79
C TYR F 58 40.19 24.34 -22.43
N THR F 59 40.65 23.10 -22.43
CA THR F 59 40.93 22.36 -21.19
C THR F 59 41.93 23.08 -20.28
N ILE F 60 43.03 23.49 -20.86
CA ILE F 60 44.02 24.17 -20.06
C ILE F 60 43.38 25.35 -19.32
N LYS F 61 42.54 26.12 -20.02
CA LYS F 61 41.88 27.31 -19.42
C LYS F 61 41.02 26.93 -18.21
N GLU F 62 40.10 25.99 -18.40
CA GLU F 62 39.23 25.51 -17.32
C GLU F 62 40.00 25.04 -16.08
N TYR F 63 40.91 24.11 -16.29
CA TYR F 63 41.74 23.60 -15.23
C TYR F 63 42.44 24.76 -14.52
N ARG F 64 43.08 25.62 -15.30
CA ARG F 64 43.68 26.83 -14.72
C ARG F 64 42.67 27.52 -13.80
N PHE F 65 41.49 27.76 -14.33
CA PHE F 65 40.52 28.47 -13.55
C PHE F 65 40.24 27.72 -12.24
N LEU F 66 39.91 26.45 -12.36
CA LEU F 66 39.57 25.64 -11.18
C LEU F 66 40.63 25.65 -10.05
N VAL F 67 41.90 25.48 -10.43
CA VAL F 67 42.99 25.56 -9.46
C VAL F 67 43.08 26.96 -8.85
N ASP F 68 43.01 28.01 -9.70
CA ASP F 68 43.12 29.37 -9.20
C ASP F 68 42.17 29.59 -8.03
N GLN F 69 40.94 29.11 -8.13
CA GLN F 69 39.97 29.24 -7.02
C GLN F 69 40.29 28.33 -5.85
N PHE F 70 40.75 27.11 -6.18
CA PHE F 70 41.32 26.19 -5.17
C PHE F 70 42.40 26.89 -4.35
N LEU F 71 43.47 27.34 -5.01
CA LEU F 71 44.57 28.08 -4.34
C LEU F 71 44.10 29.30 -3.61
N SER F 72 43.19 30.03 -4.21
CA SER F 72 42.62 31.21 -3.58
C SER F 72 41.83 30.88 -2.31
N PHE F 73 41.16 29.74 -2.31
CA PHE F 73 40.30 29.40 -1.17
C PHE F 73 41.20 28.92 -0.06
N ASN F 75 44.37 29.67 0.15
CA ASN F 75 45.17 30.79 0.62
C ASN F 75 46.36 30.37 1.49
N LYS F 76 47.13 29.42 0.97
CA LYS F 76 48.36 28.94 1.59
C LYS F 76 49.10 28.07 0.59
N LYS F 77 50.28 27.62 0.90
CA LYS F 77 51.04 26.94 -0.14
C LYS F 77 50.48 25.54 -0.31
N PRO F 78 50.61 25.00 -1.50
CA PRO F 78 50.02 23.69 -1.79
C PRO F 78 50.62 22.51 -0.98
N ASP F 79 51.84 22.63 -0.48
CA ASP F 79 52.44 21.56 0.31
C ASP F 79 52.17 21.74 1.80
N GLU F 80 51.51 22.82 2.17
CA GLU F 80 51.12 23.04 3.56
C GLU F 80 49.68 22.60 3.80
N ILE F 81 49.02 22.14 2.74
CA ILE F 81 47.59 21.81 2.78
C ILE F 81 47.31 20.51 3.56
N THR F 82 46.44 20.62 4.57
CA THR F 82 46.12 19.50 5.41
C THR F 82 44.90 18.79 4.91
N PRO F 83 44.78 17.48 5.20
CA PRO F 83 43.52 16.80 4.95
C PRO F 83 42.25 17.57 5.37
N ASP F 85 42.07 20.81 5.38
CA ASP F 85 42.01 21.84 4.39
C ASP F 85 41.18 21.26 3.27
N ILE F 86 41.62 20.11 2.80
CA ILE F 86 40.96 19.44 1.71
C ILE F 86 39.47 19.25 1.99
N GLU F 87 39.13 18.85 3.21
CA GLU F 87 37.74 18.67 3.52
C GLU F 87 37.03 20.00 3.49
N ARG F 88 37.68 21.07 3.94
CA ARG F 88 37.06 22.38 3.83
C ARG F 88 36.81 22.73 2.37
N TYR F 89 37.79 22.48 1.53
CA TYR F 89 37.64 22.75 0.11
C TYR F 89 36.49 21.97 -0.58
N LYS F 90 36.34 20.68 -0.28
CA LYS F 90 35.21 19.86 -0.84
C LYS F 90 33.88 20.44 -0.40
N ASN F 91 33.82 20.93 0.83
CA ASN F 91 32.64 21.61 1.29
C ASN F 91 32.43 22.89 0.53
N PHE F 92 33.50 23.60 0.24
CA PHE F 92 33.39 24.81 -0.53
C PHE F 92 32.68 24.57 -1.87
N LEU F 93 33.19 23.57 -2.58
CA LEU F 93 32.65 23.20 -3.86
C LEU F 93 31.21 22.76 -3.74
N ALA F 94 30.89 21.89 -2.78
CA ALA F 94 29.50 21.33 -2.73
C ALA F 94 28.40 22.22 -2.07
N VAL F 95 28.76 23.01 -1.06
CA VAL F 95 27.79 23.84 -0.38
C VAL F 95 27.86 25.29 -0.85
N LYS F 96 29.06 25.86 -0.79
CA LYS F 96 29.26 27.24 -1.16
C LYS F 96 28.99 27.48 -2.64
N LYS F 97 29.76 26.82 -3.50
CA LYS F 97 29.54 26.95 -4.94
C LYS F 97 28.32 26.18 -5.41
N ARG F 98 27.89 25.16 -4.66
CA ARG F 98 26.79 24.27 -5.07
C ARG F 98 27.05 23.54 -6.39
N TYR F 99 28.31 23.21 -6.62
CA TYR F 99 28.71 22.44 -7.81
C TYR F 99 27.96 21.16 -7.91
N SER F 100 27.51 20.83 -9.11
CA SER F 100 27.07 19.48 -9.41
C SER F 100 28.19 18.46 -9.11
N LYS F 101 27.85 17.20 -8.88
CA LYS F 101 28.87 16.14 -8.74
C LYS F 101 29.90 16.13 -9.84
N THR F 102 29.44 16.25 -11.07
CA THR F 102 30.35 16.31 -12.17
C THR F 102 31.33 17.49 -12.04
N SER F 103 30.83 18.64 -11.60
CA SER F 103 31.69 19.78 -11.46
C SER F 103 32.67 19.58 -10.30
N GLN F 104 32.23 18.92 -9.24
CA GLN F 104 33.15 18.58 -8.17
C GLN F 104 34.24 17.66 -8.63
N TYR F 105 33.89 16.59 -9.33
CA TYR F 105 34.89 15.65 -9.76
C TYR F 105 35.87 16.26 -10.74
N LEU F 106 35.40 17.19 -11.57
CA LEU F 106 36.26 17.88 -12.50
C LEU F 106 37.28 18.75 -11.77
N ALA F 107 36.84 19.45 -10.74
CA ALA F 107 37.77 20.31 -10.01
C ALA F 107 38.84 19.46 -9.37
N ILE F 108 38.41 18.41 -8.69
CA ILE F 108 39.29 17.50 -7.98
C ILE F 108 40.34 16.96 -8.92
N LYS F 109 39.88 16.45 -10.05
CA LYS F 109 40.76 16.03 -11.12
C LYS F 109 41.80 17.06 -11.47
N ALA F 110 41.37 18.31 -11.60
CA ALA F 110 42.28 19.38 -11.98
C ALA F 110 43.25 19.67 -10.87
N VAL F 111 42.81 19.57 -9.62
CA VAL F 111 43.74 19.78 -8.51
C VAL F 111 44.78 18.65 -8.47
N LYS F 112 44.31 17.42 -8.64
CA LYS F 112 45.17 16.24 -8.66
C LYS F 112 46.26 16.33 -9.73
N LEU F 113 45.87 16.83 -10.90
CA LEU F 113 46.83 17.07 -11.93
C LEU F 113 47.81 18.15 -11.49
N PHE F 114 47.34 19.11 -10.72
CA PHE F 114 48.16 20.24 -10.27
C PHE F 114 49.27 19.74 -9.38
N TYR F 115 48.96 18.87 -8.44
CA TYR F 115 50.01 18.35 -7.59
C TYR F 115 50.99 17.50 -8.40
N LYS F 116 50.50 16.78 -9.40
CA LYS F 116 51.40 15.97 -10.22
C LYS F 116 52.31 16.88 -11.01
N ALA F 117 51.78 18.04 -11.37
CA ALA F 117 52.53 19.06 -12.10
C ALA F 117 53.61 19.65 -11.24
N LEU F 118 53.44 19.66 -9.92
CA LEU F 118 54.45 20.26 -9.07
C LEU F 118 55.39 19.21 -8.45
N ASP F 119 55.36 17.98 -8.99
CA ASP F 119 56.07 16.84 -8.43
C ASP F 119 55.74 16.64 -6.94
N LEU F 120 54.50 16.96 -6.54
CA LEU F 120 54.09 16.97 -5.13
C LEU F 120 53.14 15.85 -4.82
N ARG F 121 53.20 15.41 -3.59
CA ARG F 121 52.34 14.37 -3.16
C ARG F 121 50.93 14.92 -3.09
N VAL F 122 49.99 14.10 -3.54
CA VAL F 122 48.59 14.46 -3.50
C VAL F 122 48.04 14.25 -2.08
N PRO F 123 47.33 15.26 -1.56
CA PRO F 123 46.60 15.01 -0.32
C PRO F 123 45.72 13.77 -0.48
N ILE F 124 45.77 12.96 0.55
CA ILE F 124 45.17 11.66 0.51
C ILE F 124 43.65 11.85 0.24
N ASN F 125 42.97 12.65 1.07
CA ASN F 125 41.51 12.56 1.09
C ASN F 125 40.86 13.39 0.02
N LEU F 126 41.66 13.89 -0.91
CA LEU F 126 41.15 14.52 -2.14
C LEU F 126 40.31 13.49 -2.90
N THR F 127 40.85 12.27 -3.02
CA THR F 127 40.07 11.10 -3.47
C THR F 127 39.31 10.54 -2.26
N PRO F 136 28.87 -7.98 -5.98
CA PRO F 136 28.19 -8.32 -7.24
C PRO F 136 27.08 -7.31 -7.58
N VAL F 137 27.07 -6.83 -8.82
CA VAL F 137 26.12 -5.78 -9.25
C VAL F 137 25.35 -6.23 -10.49
N TYR F 138 24.29 -5.50 -10.79
CA TYR F 138 23.27 -5.92 -11.69
C TYR F 138 22.76 -4.71 -12.43
N LEU F 139 21.76 -4.92 -13.28
CA LEU F 139 21.18 -3.89 -14.15
C LEU F 139 20.10 -3.01 -13.56
N SER F 140 20.11 -1.74 -13.99
CA SER F 140 19.10 -0.78 -13.61
C SER F 140 17.84 -1.14 -14.35
N GLU F 141 16.69 -0.79 -13.78
CA GLU F 141 15.42 -1.03 -14.44
C GLU F 141 15.39 -0.43 -15.87
N ASP F 142 16.28 0.52 -16.14
CA ASP F 142 16.44 1.04 -17.50
C ASP F 142 17.38 0.16 -18.35
N GLU F 143 18.57 -0.17 -17.85
CA GLU F 143 19.50 -1.06 -18.58
C GLU F 143 18.85 -2.42 -18.95
N ALA F 144 17.93 -2.90 -18.14
CA ALA F 144 17.22 -4.15 -18.40
C ALA F 144 16.22 -3.95 -19.51
N LYS F 145 15.51 -2.82 -19.48
CA LYS F 145 14.61 -2.46 -20.57
C LYS F 145 15.41 -2.31 -21.90
N ARG F 146 16.53 -1.61 -21.85
CA ARG F 146 17.43 -1.57 -23.00
C ARG F 146 17.97 -2.95 -23.45
N LEU F 147 18.26 -3.83 -22.50
CA LEU F 147 18.66 -5.18 -22.89
C LEU F 147 17.52 -5.87 -23.65
N ILE F 148 16.33 -5.78 -23.09
CA ILE F 148 15.16 -6.37 -23.72
C ILE F 148 14.83 -5.80 -25.10
N GLU F 149 14.74 -4.47 -25.23
CA GLU F 149 14.55 -3.83 -26.55
C GLU F 149 15.60 -4.29 -27.58
N ALA F 150 16.85 -4.45 -27.19
CA ALA F 150 17.92 -4.86 -28.11
C ALA F 150 17.61 -6.17 -28.81
N ALA F 151 16.91 -7.07 -28.11
CA ALA F 151 16.49 -8.35 -28.65
C ALA F 151 15.15 -8.25 -29.39
N SER F 152 14.50 -7.10 -29.30
CA SER F 152 13.27 -6.85 -30.04
C SER F 152 13.34 -7.32 -31.50
N SER F 153 14.50 -7.20 -32.13
CA SER F 153 14.70 -7.64 -33.55
C SER F 153 14.48 -9.14 -33.78
N ASP F 154 15.08 -9.98 -32.93
CA ASP F 154 15.08 -11.45 -33.10
C ASP F 154 14.09 -12.17 -32.13
N THR F 155 12.97 -12.67 -32.68
CA THR F 155 11.82 -13.17 -31.87
C THR F 155 12.21 -14.23 -30.85
N ARG F 156 13.18 -15.07 -31.19
CA ARG F 156 13.62 -16.06 -30.26
C ARG F 156 14.37 -15.42 -29.11
N TYR F 158 14.36 -12.29 -28.05
CA TYR F 158 13.38 -11.58 -27.28
C TYR F 158 12.79 -12.51 -26.23
N ALA F 159 12.41 -13.71 -26.66
CA ALA F 159 11.72 -14.64 -25.77
C ALA F 159 12.64 -15.19 -24.71
N ILE F 160 13.83 -15.58 -25.11
CA ILE F 160 14.75 -16.16 -24.15
C ILE F 160 15.00 -15.17 -23.02
N VAL F 161 15.19 -13.92 -23.42
CA VAL F 161 15.54 -12.87 -22.49
C VAL F 161 14.32 -12.60 -21.62
N SER F 162 13.20 -12.40 -22.28
CA SER F 162 11.99 -12.10 -21.56
C SER F 162 11.77 -13.09 -20.42
N VAL F 163 12.06 -14.35 -20.68
CA VAL F 163 11.74 -15.41 -19.79
C VAL F 163 12.71 -15.36 -18.62
N LEU F 164 14.00 -15.26 -18.91
CA LEU F 164 14.99 -15.12 -17.84
C LEU F 164 14.67 -13.86 -16.96
N ALA F 165 14.35 -12.75 -17.62
CA ALA F 165 14.11 -11.52 -16.92
C ALA F 165 12.84 -11.53 -16.10
N TYR F 166 11.79 -12.11 -16.66
CA TYR F 166 10.49 -12.12 -15.98
C TYR F 166 10.23 -13.29 -15.03
N THR F 167 10.93 -14.39 -15.18
CA THR F 167 10.67 -15.57 -14.32
C THR F 167 11.74 -15.91 -13.34
N GLY F 168 12.98 -15.52 -13.59
CA GLY F 168 14.04 -15.84 -12.65
C GLY F 168 14.62 -17.26 -12.72
N VAL F 169 14.23 -18.02 -13.74
CA VAL F 169 14.74 -19.37 -13.86
C VAL F 169 16.26 -19.38 -14.13
N ARG F 170 16.85 -20.55 -13.88
CA ARG F 170 18.24 -20.79 -14.14
C ARG F 170 18.42 -21.26 -15.57
N VAL F 171 19.55 -20.90 -16.16
CA VAL F 171 19.84 -21.25 -17.57
C VAL F 171 19.70 -22.71 -17.87
N GLY F 172 20.21 -23.56 -16.99
CA GLY F 172 20.02 -25.00 -17.13
C GLY F 172 18.53 -25.26 -17.27
N GLU F 173 17.75 -24.69 -16.36
CA GLU F 173 16.30 -24.91 -16.43
C GLU F 173 15.69 -24.47 -17.75
N LEU F 174 16.12 -23.32 -18.25
CA LEU F 174 15.61 -22.78 -19.49
C LEU F 174 15.87 -23.67 -20.70
N CYS F 175 17.07 -24.23 -20.75
CA CYS F 175 17.48 -25.07 -21.87
C CYS F 175 16.71 -26.39 -21.87
N ASN F 176 16.12 -26.75 -20.73
CA ASN F 176 15.37 -27.99 -20.61
C ASN F 176 13.85 -27.87 -20.62
N LEU F 177 13.33 -26.66 -20.75
CA LEU F 177 11.90 -26.49 -20.94
C LEU F 177 11.37 -27.25 -22.14
N LYS F 178 10.24 -27.92 -21.95
CA LYS F 178 9.50 -28.48 -23.06
C LYS F 178 8.38 -27.52 -23.39
N ILE F 179 7.90 -27.60 -24.62
CA ILE F 179 6.77 -26.82 -25.07
C ILE F 179 5.54 -27.05 -24.18
N SER F 180 5.28 -28.30 -23.83
CA SER F 180 4.22 -28.63 -22.90
C SER F 180 4.46 -28.07 -21.50
N ASP F 181 5.63 -27.51 -21.22
CA ASP F 181 5.83 -26.87 -19.92
C ASP F 181 5.28 -25.48 -19.83
N VAL F 182 5.04 -24.88 -21.00
CA VAL F 182 4.44 -23.58 -21.05
C VAL F 182 2.93 -23.73 -21.02
N ASP F 183 2.30 -22.85 -20.25
CA ASP F 183 0.88 -22.62 -20.28
C ASP F 183 0.59 -21.10 -20.37
N LEU F 184 0.61 -20.58 -21.58
CA LEU F 184 0.38 -19.16 -21.85
C LEU F 184 -0.89 -18.61 -21.20
N GLN F 185 -2.00 -19.27 -21.43
CA GLN F 185 -3.25 -18.79 -20.85
C GLN F 185 -3.23 -18.71 -19.33
N GLU F 186 -2.35 -19.43 -18.66
CA GLU F 186 -2.27 -19.43 -17.20
C GLU F 186 -1.05 -18.73 -16.70
N SER F 187 -0.24 -18.18 -17.59
CA SER F 187 0.92 -17.38 -17.18
C SER F 187 1.94 -18.16 -16.36
N ILE F 188 2.06 -19.45 -16.61
CA ILE F 188 2.82 -20.37 -15.78
C ILE F 188 3.72 -21.23 -16.66
N ILE F 189 4.91 -21.56 -16.13
CA ILE F 189 5.80 -22.52 -16.76
C ILE F 189 6.17 -23.53 -15.71
N ASN F 190 6.14 -24.81 -16.08
CA ASN F 190 6.53 -25.88 -15.17
C ASN F 190 7.99 -26.11 -15.28
N VAL F 191 8.70 -25.91 -14.19
CA VAL F 191 10.11 -26.14 -14.15
C VAL F 191 10.39 -27.39 -13.32
N ARG F 192 10.89 -28.42 -14.00
CA ARG F 192 11.14 -29.71 -13.36
C ARG F 192 12.51 -30.27 -13.70
N SER F 193 13.22 -30.76 -12.67
CA SER F 193 14.44 -31.61 -12.80
C SER F 193 14.05 -33.10 -12.73
N GLY F 194 13.06 -33.42 -11.88
CA GLY F 194 12.66 -34.79 -11.57
C GLY F 194 12.56 -35.00 -10.06
N LYS F 198 13.49 -31.20 -7.18
CA LYS F 198 12.28 -30.59 -6.64
C LYS F 198 11.74 -29.46 -7.54
N ASP F 199 10.62 -29.75 -8.16
CA ASP F 199 10.11 -28.93 -9.25
C ASP F 199 9.22 -27.81 -8.70
N ARG F 200 9.00 -26.78 -9.51
CA ARG F 200 8.20 -25.63 -9.13
C ARG F 200 7.63 -24.96 -10.37
N ILE F 201 6.59 -24.17 -10.16
CA ILE F 201 6.11 -23.34 -11.25
C ILE F 201 6.80 -22.00 -11.11
N VAL F 202 6.87 -21.29 -12.22
CA VAL F 202 7.22 -19.88 -12.19
C VAL F 202 6.13 -19.15 -12.99
N ILE F 203 5.97 -17.88 -12.67
CA ILE F 203 4.93 -17.06 -13.22
C ILE F 203 5.51 -16.07 -14.22
N ALA F 205 4.93 -12.42 -16.35
CA ALA F 205 4.24 -11.17 -16.66
C ALA F 205 3.72 -11.15 -18.09
N GLU F 206 2.75 -10.31 -18.35
CA GLU F 206 2.03 -10.24 -19.64
C GLU F 206 3.01 -10.04 -20.82
N GLU F 207 3.93 -9.10 -20.71
CA GLU F 207 4.99 -8.93 -21.71
C GLU F 207 5.71 -10.26 -22.00
N CYS F 208 5.94 -11.09 -20.98
CA CYS F 208 6.63 -12.37 -21.19
C CYS F 208 5.73 -13.34 -21.95
N VAL F 209 4.50 -13.49 -21.50
CA VAL F 209 3.55 -14.31 -22.23
C VAL F 209 3.54 -13.97 -23.74
N LYS F 210 3.49 -12.66 -24.03
CA LYS F 210 3.36 -12.17 -25.40
C LYS F 210 4.61 -12.58 -26.19
N ALA F 211 5.78 -12.26 -25.63
CA ALA F 211 7.04 -12.62 -26.26
C ALA F 211 7.04 -14.09 -26.62
N LEU F 212 6.93 -14.94 -25.61
CA LEU F 212 7.04 -16.37 -25.81
C LEU F 212 6.00 -16.86 -26.79
N GLY F 213 4.84 -16.22 -26.77
CA GLY F 213 3.75 -16.60 -27.66
C GLY F 213 4.18 -16.46 -29.11
N SER F 214 4.64 -15.24 -29.44
CA SER F 214 5.21 -14.93 -30.73
C SER F 214 6.20 -16.02 -31.09
N TYR F 215 7.13 -16.33 -30.20
CA TYR F 215 8.10 -17.36 -30.54
C TYR F 215 7.45 -18.72 -30.73
N LEU F 216 6.42 -19.02 -29.93
CA LEU F 216 5.77 -20.32 -30.05
C LEU F 216 5.11 -20.44 -31.44
N ASP F 217 4.26 -19.50 -31.81
CA ASP F 217 3.69 -19.53 -33.15
C ASP F 217 4.71 -20.09 -34.15
N LEU F 218 5.91 -19.52 -34.12
CA LEU F 218 7.01 -19.95 -34.99
C LEU F 218 7.65 -21.30 -34.61
N ARG F 219 7.78 -21.59 -33.32
CA ARG F 219 8.48 -22.78 -32.88
C ARG F 219 7.70 -24.02 -33.22
N LEU F 220 6.39 -23.87 -33.40
CA LEU F 220 5.46 -25.00 -33.58
C LEU F 220 5.38 -25.46 -35.03
N SER F 221 5.83 -24.63 -35.95
CA SER F 221 5.88 -25.06 -37.34
C SER F 221 7.18 -25.73 -37.73
N ASP F 223 9.00 -28.65 -36.84
CA ASP F 223 9.19 -30.06 -37.22
C ASP F 223 10.61 -30.55 -36.93
N THR F 224 10.92 -30.48 -35.66
CA THR F 224 12.14 -30.94 -35.14
C THR F 224 11.97 -32.40 -34.68
N ASP F 225 13.05 -32.96 -34.16
CA ASP F 225 13.08 -34.29 -33.54
C ASP F 225 12.90 -34.23 -32.01
N ASN F 226 12.58 -33.05 -31.49
CA ASN F 226 12.51 -32.84 -30.05
C ASN F 226 11.35 -31.90 -29.75
N ASP F 227 10.93 -31.88 -28.48
CA ASP F 227 9.88 -30.96 -28.03
C ASP F 227 10.42 -29.89 -27.08
N TYR F 228 11.70 -29.51 -27.27
CA TYR F 228 12.31 -28.43 -26.47
C TYR F 228 11.68 -27.10 -26.85
N LEU F 229 11.30 -26.33 -25.82
CA LEU F 229 10.75 -25.01 -26.06
C LEU F 229 11.65 -24.19 -26.91
N PHE F 230 12.90 -24.05 -26.49
CA PHE F 230 13.86 -23.16 -27.13
C PHE F 230 14.89 -24.01 -27.86
N VAL F 231 15.09 -23.70 -29.12
CA VAL F 231 15.85 -24.55 -29.97
C VAL F 231 16.83 -23.73 -30.76
N SER F 232 18.01 -24.31 -30.96
CA SER F 232 19.13 -23.63 -31.64
C SER F 232 18.91 -23.40 -33.14
N ASN F 233 19.91 -22.79 -33.77
CA ASN F 233 19.90 -22.62 -35.23
C ASN F 233 19.99 -23.96 -35.94
N ARG F 234 20.52 -24.98 -35.27
CA ARG F 234 20.44 -26.35 -35.77
C ARG F 234 19.27 -27.09 -35.13
N ARG F 235 18.16 -26.40 -34.89
CA ARG F 235 16.90 -27.01 -34.45
C ARG F 235 17.02 -28.02 -33.32
N VAL F 236 17.99 -27.90 -32.42
CA VAL F 236 18.08 -28.88 -31.36
C VAL F 236 18.22 -28.15 -30.03
N ARG F 237 18.33 -28.90 -28.94
CA ARG F 237 18.51 -28.34 -27.60
C ARG F 237 19.67 -27.35 -27.51
N PHE F 238 19.57 -26.43 -26.55
CA PHE F 238 20.61 -25.46 -26.22
C PHE F 238 21.51 -25.90 -25.08
N ASP F 239 22.80 -25.60 -25.24
CA ASP F 239 23.75 -25.60 -24.14
C ASP F 239 23.65 -24.32 -23.38
N THR F 240 23.98 -24.41 -22.09
CA THR F 240 24.07 -23.26 -21.20
C THR F 240 25.09 -22.28 -21.72
N SER F 241 26.25 -22.79 -22.13
CA SER F 241 27.30 -21.92 -22.68
C SER F 241 26.75 -20.97 -23.75
N THR F 242 26.01 -21.55 -24.68
CA THR F 242 25.53 -20.82 -25.84
C THR F 242 24.61 -19.67 -25.47
N ILE F 243 23.74 -19.92 -24.50
CA ILE F 243 22.84 -18.88 -23.97
C ILE F 243 23.67 -17.78 -23.28
N GLU F 244 24.62 -18.18 -22.45
CA GLU F 244 25.52 -17.24 -21.81
C GLU F 244 26.12 -16.36 -22.92
N ARG F 245 26.59 -16.95 -24.01
CA ARG F 245 27.14 -16.17 -25.12
C ARG F 245 26.15 -15.14 -25.70
N ILE F 247 23.52 -13.80 -24.38
CA ILE F 247 23.15 -12.80 -23.40
C ILE F 247 24.25 -11.75 -23.39
N ARG F 248 25.46 -12.19 -23.08
CA ARG F 248 26.66 -11.36 -23.22
C ARG F 248 26.64 -10.39 -24.42
N ASP F 249 26.46 -10.91 -25.64
CA ASP F 249 26.50 -10.11 -26.88
C ASP F 249 25.33 -9.14 -27.03
N LEU F 250 24.19 -9.53 -26.45
CA LEU F 250 23.02 -8.67 -26.39
C LEU F 250 23.33 -7.49 -25.46
N GLY F 251 24.13 -7.75 -24.44
CA GLY F 251 24.58 -6.71 -23.51
C GLY F 251 25.34 -5.68 -24.29
N LYS F 252 26.43 -6.14 -24.91
CA LYS F 252 27.20 -5.35 -25.87
C LYS F 252 26.23 -4.61 -26.78
N LYS F 253 25.35 -5.38 -27.43
CA LYS F 253 24.51 -4.82 -28.45
C LYS F 253 23.68 -3.67 -27.94
N ALA F 254 23.35 -3.64 -26.65
CA ALA F 254 22.49 -2.59 -26.10
C ALA F 254 23.27 -1.48 -25.40
N GLY F 255 24.59 -1.57 -25.41
CA GLY F 255 25.45 -0.56 -24.81
C GLY F 255 25.91 -0.92 -23.42
N ILE F 256 25.12 -1.74 -22.74
CA ILE F 256 25.41 -2.10 -21.37
C ILE F 256 26.86 -2.52 -21.22
N GLN F 257 27.61 -1.57 -20.67
CA GLN F 257 29.05 -1.68 -20.43
C GLN F 257 29.43 -2.58 -19.22
N LYS F 258 28.45 -3.24 -18.62
CA LYS F 258 28.71 -4.17 -17.50
C LYS F 258 28.53 -5.57 -18.01
N LYS F 259 29.28 -6.49 -17.42
CA LYS F 259 29.35 -7.85 -17.94
C LYS F 259 28.03 -8.57 -17.64
N VAL F 260 27.08 -8.46 -18.57
CA VAL F 260 25.77 -9.12 -18.44
C VAL F 260 25.82 -10.64 -18.58
N THR F 261 25.29 -11.34 -17.58
CA THR F 261 25.26 -12.79 -17.52
C THR F 261 23.92 -13.18 -16.96
N PRO F 262 23.63 -14.49 -16.85
CA PRO F 262 22.34 -14.93 -16.30
C PRO F 262 22.18 -14.58 -14.84
N HIS F 263 23.12 -15.02 -14.01
CA HIS F 263 23.13 -14.62 -12.61
C HIS F 263 22.82 -13.13 -12.52
N VAL F 264 23.49 -12.28 -13.32
CA VAL F 264 23.23 -10.83 -13.28
C VAL F 264 21.76 -10.59 -13.51
N LEU F 265 21.23 -11.38 -14.42
CA LEU F 265 19.89 -11.18 -14.89
C LEU F 265 18.87 -11.55 -13.83
N ARG F 266 19.15 -12.63 -13.10
CA ARG F 266 18.30 -13.03 -11.97
C ARG F 266 18.35 -12.05 -10.81
N HIS F 267 19.54 -11.54 -10.57
CA HIS F 267 19.73 -10.56 -9.55
C HIS F 267 18.84 -9.38 -9.85
N THR F 268 18.73 -8.99 -11.12
CA THR F 268 17.98 -7.78 -11.47
C THR F 268 16.52 -8.03 -11.30
N PHE F 269 16.06 -9.21 -11.70
CA PHE F 269 14.66 -9.63 -11.46
C PHE F 269 14.30 -9.75 -9.95
N ALA F 270 15.11 -10.43 -9.19
CA ALA F 270 14.81 -10.64 -7.78
C ALA F 270 14.66 -9.31 -7.05
N THR F 271 15.58 -8.43 -7.37
CA THR F 271 15.72 -7.15 -6.75
C THR F 271 14.51 -6.30 -7.13
N SER F 272 14.04 -6.50 -8.35
CA SER F 272 12.95 -5.71 -8.84
C SER F 272 11.70 -6.12 -8.10
N VAL F 273 11.53 -7.42 -7.92
CA VAL F 273 10.33 -7.92 -7.25
C VAL F 273 10.28 -7.43 -5.80
N LEU F 274 11.43 -7.52 -5.13
CA LEU F 274 11.59 -6.97 -3.79
C LEU F 274 11.29 -5.48 -3.76
N ARG F 275 11.73 -4.74 -4.77
CA ARG F 275 11.42 -3.30 -4.81
C ARG F 275 9.92 -3.09 -4.91
N ASN F 276 9.24 -3.95 -5.65
CA ASN F 276 7.80 -3.86 -5.84
C ASN F 276 7.00 -4.55 -4.73
N GLY F 277 7.64 -4.85 -3.62
CA GLY F 277 6.91 -5.34 -2.44
C GLY F 277 6.87 -6.85 -2.25
N GLY F 278 7.54 -7.59 -3.12
CA GLY F 278 7.62 -9.01 -2.91
C GLY F 278 8.33 -9.30 -1.61
N ASP F 279 7.68 -10.00 -0.68
CA ASP F 279 8.36 -10.46 0.54
C ASP F 279 9.47 -11.41 0.17
N ILE F 280 10.53 -11.41 0.96
CA ILE F 280 11.71 -12.25 0.68
C ILE F 280 11.40 -13.75 0.55
N ARG F 281 10.56 -14.28 1.43
CA ARG F 281 10.24 -15.71 1.43
C ARG F 281 9.51 -16.07 0.13
N PHE F 282 8.74 -15.12 -0.38
CA PHE F 282 8.01 -15.32 -1.65
C PHE F 282 9.01 -15.41 -2.79
N ILE F 283 9.95 -14.47 -2.77
CA ILE F 283 11.02 -14.42 -3.76
C ILE F 283 11.77 -15.75 -3.66
N GLN F 284 11.88 -16.28 -2.44
CA GLN F 284 12.52 -17.56 -2.27
C GLN F 284 11.76 -18.70 -2.97
N GLN F 285 10.43 -18.61 -3.02
CA GLN F 285 9.67 -19.71 -3.57
C GLN F 285 9.83 -19.67 -5.09
N ILE F 286 9.77 -18.47 -5.65
CA ILE F 286 9.79 -18.28 -7.10
C ILE F 286 11.06 -18.81 -7.69
N LEU F 287 12.20 -18.44 -7.09
CA LEU F 287 13.49 -18.87 -7.61
C LEU F 287 13.79 -20.35 -7.22
N GLY F 288 12.95 -20.93 -6.36
CA GLY F 288 13.15 -22.27 -5.80
C GLY F 288 14.42 -22.50 -5.00
N HIS F 289 14.73 -21.63 -4.02
CA HIS F 289 15.91 -21.82 -3.16
C HIS F 289 15.55 -22.60 -1.91
N ALA F 290 16.46 -23.47 -1.49
CA ALA F 290 16.20 -24.30 -0.34
C ALA F 290 16.29 -23.44 0.93
N SER F 291 17.14 -22.44 0.92
CA SER F 291 17.19 -21.48 2.04
C SER F 291 17.31 -20.06 1.56
N VAL F 292 16.87 -19.12 2.42
CA VAL F 292 16.96 -17.68 2.16
C VAL F 292 18.36 -17.24 1.92
N ALA F 293 19.31 -17.89 2.59
CA ALA F 293 20.70 -17.45 2.55
C ALA F 293 21.05 -17.25 1.11
N THR F 294 20.60 -18.16 0.26
CA THR F 294 20.89 -17.97 -1.15
C THR F 294 20.03 -16.84 -1.76
N THR F 295 18.77 -16.73 -1.37
CA THR F 295 17.92 -15.64 -1.88
C THR F 295 18.53 -14.25 -1.52
N GLN F 296 19.24 -14.14 -0.41
CA GLN F 296 19.91 -12.88 -0.07
C GLN F 296 20.83 -12.40 -1.20
N ILE F 297 21.63 -13.32 -1.72
CA ILE F 297 22.62 -12.96 -2.69
C ILE F 297 21.99 -12.17 -3.82
N TYR F 298 20.78 -12.57 -4.22
CA TYR F 298 20.11 -12.00 -5.38
C TYR F 298 19.22 -10.78 -5.09
N THR F 299 19.17 -10.41 -3.82
CA THR F 299 18.28 -9.34 -3.36
C THR F 299 19.10 -8.26 -2.68
N HIS F 300 20.38 -8.20 -3.01
CA HIS F 300 21.28 -7.15 -2.58
C HIS F 300 21.01 -5.95 -3.45
N LEU F 301 20.55 -4.87 -2.83
CA LEU F 301 20.18 -3.67 -3.57
C LEU F 301 21.35 -2.76 -3.73
N ASN F 302 21.29 -1.95 -4.77
CA ASN F 302 22.32 -1.01 -5.09
C ASN F 302 21.99 0.27 -4.40
N ASP F 303 22.85 1.26 -4.58
CA ASP F 303 22.81 2.46 -3.76
C ASP F 303 21.48 3.11 -3.93
N SER F 304 20.99 3.12 -5.16
CA SER F 304 19.84 3.93 -5.52
C SER F 304 18.59 3.33 -4.94
N ALA F 305 18.44 2.03 -5.16
CA ALA F 305 17.31 1.27 -4.62
C ALA F 305 17.24 1.33 -3.08
N LEU F 306 18.40 1.23 -2.44
CA LEU F 306 18.45 1.24 -1.00
C LEU F 306 17.84 2.52 -0.57
N ARG F 307 18.27 3.63 -1.17
CA ARG F 307 17.71 4.95 -0.83
C ARG F 307 16.17 5.01 -1.02
N GLU F 308 15.63 4.55 -2.16
CA GLU F 308 14.17 4.58 -2.38
C GLU F 308 13.46 3.74 -1.33
N TYR F 310 14.45 3.00 1.54
CA TYR F 310 14.52 3.69 2.84
C TYR F 310 13.49 4.83 2.91
N THR F 311 13.32 5.57 1.83
CA THR F 311 12.35 6.64 1.79
C THR F 311 10.97 6.05 1.92
N GLN F 312 10.68 4.99 1.16
CA GLN F 312 9.36 4.36 1.27
C GLN F 312 9.07 3.94 2.69
N HIS F 313 10.04 3.34 3.39
CA HIS F 313 9.75 2.69 4.67
C HIS F 313 10.54 3.25 5.82
N ARG F 314 10.79 4.55 5.74
CA ARG F 314 11.61 5.27 6.72
C ARG F 314 11.08 5.08 8.13
N PRO F 315 11.95 5.08 9.13
CA PRO F 315 11.37 5.08 10.47
C PRO F 315 10.56 6.32 10.60
N ARG F 316 9.45 6.23 11.31
CA ARG F 316 8.58 7.39 11.57
C ARG F 316 8.80 7.99 12.97
N TYR F 317 9.76 8.88 13.08
CA TYR F 317 9.89 9.69 14.27
C TYR F 317 10.81 10.87 14.02
#